data_8HQ4
#
_entry.id   8HQ4
#
_cell.length_a   106.080
_cell.length_b   106.080
_cell.length_c   304.000
_cell.angle_alpha   90.000
_cell.angle_beta   90.000
_cell.angle_gamma   90.000
#
_symmetry.space_group_name_H-M   'P 43 21 2'
#
loop_
_entity.id
_entity.type
_entity.pdbx_description
1 polymer 'GTP-binding nuclear protein Ran'
2 polymer 'YRB1 isoform 1'
3 polymer 'CRM1 isoform 1'
4 non-polymer 'MAGNESIUM ION'
5 non-polymer GLYCEROL
6 non-polymer "GUANOSINE-5'-TRIPHOSPHATE"
7 non-polymer 'DIMETHYL SULFOXIDE'
8 non-polymer 'CHLORIDE ION'
9 non-polymer '3-[(4-fluorophenyl)carbonylamino]-4-[4-[3-(trifluoromethyl)phenyl]piperazin-1-yl]benzoic acid'
10 water water
#
loop_
_entity_poly.entity_id
_entity_poly.type
_entity_poly.pdbx_seq_one_letter_code
_entity_poly.pdbx_strand_id
1 'polypeptide(L)'
;MAAQGEPQVQFKLVLVGDGGTGKTTFVKRHLTGEFEKKYVATLGVEVHPLVFHTNRGPIKFNVWDTAGLEKFGGLRDGYY
IQAQCAIIMFDVTSRVTYKNVPNWHRDLVRVCENIPIVLCGNKVDIKDRKVKAKSIVFHRKKNLQYYDISAKSNYNFEKP
FLWLARKLIGDPNLEFVAMPAAAPPEVVMDPALAAQYEHDLEVAQTTALPDEDDDL
;
A
2 'polypeptide(L)'
;DIHFEPVVHLEKVDVKTMEEDEEVLYKVRAKLFRFDADAKEWKERGTGDCKFLKNKKTNKVRILMRRDKTLKICANHIIA
PEYTLKPNVGSDRSWVYACTADIAEGEAEAFTFAIRFGSKENADKFKEEFEKAQEINKKA
;
B
3 'polypeptide(L)'
;GGSMEGILDFSNDLDIALLDQVVSTFYQGEGVQQKQAQEILTKFQDNPDAWEKVDQILQFSTNPQSKFIALSILDKLITR
KWKLLPNDHRIGIRNFVVGMIISMCQDDEVFKTQKNLINKSDLTLVQILKQEWPQNWPEFIPELIGSSSSSVNVCENNMI
VLKLLSEEVFDFSAEQMTQAKALHLKNSMSKEFEQIFKLCFQVLEQGSSSSLIVATLESLLRYLHWIPYRYIYETNILEL
LSTKFMTSPDTRAITLKCLTEVSNLKIPQDNDLIKRQTVLFFQNTLQQIATSVMPVTADLKATYANANGNDQSFLQDLAM
FLTTYLARNRALLESDESLRELLLNAHQYLIQLSKIEERELFKTTLDYWHNLVADLFYEPLKKHIYEEICSQLRLVIIEN
MVRPEEIQLYKSEREVLVYLTHLNVIDTEEIMISKLARQIDGSEWSWHNINTLSWAIGSISGTMSEDTEKRFVVTVIKDL
LGLCEQKRGKDNKAVVARDIMYVVGEYPRFLKAHWNFLRTVILKLFEFMHETHEGVQDMACDTFIKIVQKCKYHFVIQQP
RESEPFIQTIIRDIQKTTADLQPQQVHTFYKACGIIISEERSVAERNRLLSDLMQLPNMAWDTIVEQSTANPTLLLDSET
VKIIANIIKTNVAVCTSMGADFYPQLGHIYYNMLQLYRAVSSMISTQVAAEGLIATKTPKVRGLRTIKKEILKLVETYIS
KARNLDDVVKVLVEPLLNAVLEDYMNNVPDARDAEVLNCMTTVVEKVGHMIPQGVILILQSVFECTLDMINKDFTEYPEH
RVEFYKLLKVINEKSFAAFLELPPAAFKLFVDAICWAFKHNNRDVEVNGLQIALDLVKNIERMGNVPFANEFHKNYFFIF
VSETFFVLTDSDHKSGFSKQALLLMKLISLVYDNKISVPLYQEAEVPQGTSNQVYLSQYLANMLSNAFPHLTSEQIASFL
SALTKQCKDLVVFKGTLRDFLVQIKEVGGDPTDYLFAEDKENA
;
C
#
loop_
_chem_comp.id
_chem_comp.type
_chem_comp.name
_chem_comp.formula
CL non-polymer 'CHLORIDE ION' 'Cl -1'
DMS non-polymer 'DIMETHYL SULFOXIDE' 'C2 H6 O S'
GOL non-polymer GLYCEROL 'C3 H8 O3'
GTP non-polymer GUANOSINE-5'-TRIPHOSPHATE 'C10 H16 N5 O14 P3'
M9R non-polymer '3-[(4-fluorophenyl)carbonylamino]-4-[4-[3-(trifluoromethyl)phenyl]piperazin-1-yl]benzoic acid' 'C25 H21 F4 N3 O3'
MG non-polymer 'MAGNESIUM ION' 'Mg 2'
#
# COMPACT_ATOMS: atom_id res chain seq x y z
N GLN A 8 -20.01 -9.08 27.52
CA GLN A 8 -19.15 -9.11 26.32
C GLN A 8 -20.02 -9.12 25.06
N VAL A 9 -19.71 -8.24 24.11
CA VAL A 9 -20.48 -8.14 22.84
C VAL A 9 -19.58 -8.65 21.72
N GLN A 10 -20.08 -9.55 20.87
CA GLN A 10 -19.27 -10.11 19.75
C GLN A 10 -19.87 -9.68 18.41
N PHE A 11 -19.02 -9.21 17.49
CA PHE A 11 -19.49 -8.76 16.17
C PHE A 11 -18.74 -9.51 15.07
N LYS A 12 -19.48 -9.94 14.05
CA LYS A 12 -18.89 -10.61 12.86
C LYS A 12 -18.21 -9.55 12.00
N LEU A 13 -16.91 -9.71 11.76
CA LEU A 13 -16.10 -8.82 10.90
C LEU A 13 -15.62 -9.64 9.72
N VAL A 14 -15.92 -9.19 8.52
CA VAL A 14 -15.44 -9.86 7.29
C VAL A 14 -14.28 -9.02 6.74
N LEU A 15 -13.19 -9.71 6.41
CA LEU A 15 -11.95 -9.14 5.86
C LEU A 15 -11.87 -9.62 4.41
N VAL A 16 -11.84 -8.68 3.47
CA VAL A 16 -11.81 -9.01 2.01
C VAL A 16 -10.73 -8.20 1.33
N GLY A 17 -10.31 -8.66 0.15
CA GLY A 17 -9.29 -7.98 -0.69
C GLY A 17 -8.45 -8.97 -1.46
N ASP A 18 -7.63 -8.48 -2.40
CA ASP A 18 -6.88 -9.37 -3.33
C ASP A 18 -5.95 -10.27 -2.52
N GLY A 19 -5.56 -11.39 -3.13
CA GLY A 19 -4.55 -12.31 -2.59
C GLY A 19 -3.25 -11.56 -2.35
N GLY A 20 -2.64 -11.81 -1.20
CA GLY A 20 -1.30 -11.34 -0.84
C GLY A 20 -1.28 -9.91 -0.38
N THR A 21 -2.43 -9.30 -0.11
CA THR A 21 -2.54 -7.88 0.37
C THR A 21 -2.19 -7.78 1.86
N GLY A 22 -2.28 -8.88 2.60
CA GLY A 22 -1.86 -8.92 4.01
C GLY A 22 -2.98 -9.15 4.99
N LYS A 23 -4.13 -9.65 4.56
CA LYS A 23 -5.29 -9.88 5.43
C LYS A 23 -4.92 -10.84 6.59
N THR A 24 -4.44 -12.03 6.27
CA THR A 24 -4.15 -13.08 7.27
C THR A 24 -3.01 -12.57 8.17
N THR A 25 -2.00 -11.97 7.58
CA THR A 25 -0.83 -11.44 8.30
C THR A 25 -1.31 -10.46 9.35
N PHE A 26 -2.22 -9.56 8.95
CA PHE A 26 -2.73 -8.46 9.81
C PHE A 26 -3.50 -9.08 10.99
N VAL A 27 -4.37 -10.03 10.70
CA VAL A 27 -5.19 -10.71 11.75
C VAL A 27 -4.23 -11.44 12.71
N LYS A 28 -3.30 -12.23 12.18
CA LYS A 28 -2.37 -13.07 13.00
C LYS A 28 -1.59 -12.15 13.94
N ARG A 29 -1.09 -11.03 13.43
CA ARG A 29 -0.36 -10.04 14.23
C ARG A 29 -1.25 -9.64 15.41
N HIS A 30 -2.54 -9.42 15.17
CA HIS A 30 -3.52 -9.03 16.22
C HIS A 30 -3.81 -10.19 17.17
N LEU A 31 -3.84 -11.44 16.72
CA LEU A 31 -4.17 -12.62 17.56
C LEU A 31 -3.00 -13.01 18.48
N THR A 32 -1.78 -13.10 17.95
CA THR A 32 -0.59 -13.71 18.62
C THR A 32 0.52 -12.68 18.84
N GLY A 33 0.55 -11.61 18.06
CA GLY A 33 1.64 -10.61 18.07
C GLY A 33 2.71 -10.90 17.03
N GLU A 34 2.64 -12.06 16.36
CA GLU A 34 3.70 -12.51 15.41
C GLU A 34 3.54 -11.82 14.05
N PHE A 35 4.66 -11.71 13.32
CA PHE A 35 4.67 -11.31 11.90
C PHE A 35 5.03 -12.52 11.05
N GLU A 36 4.06 -13.06 10.31
CA GLU A 36 4.28 -14.20 9.37
C GLU A 36 4.83 -13.63 8.06
N LYS A 37 6.09 -13.93 7.74
CA LYS A 37 6.78 -13.48 6.51
C LYS A 37 6.29 -14.31 5.31
N LYS A 38 5.84 -15.55 5.51
CA LYS A 38 5.53 -16.46 4.39
C LYS A 38 4.12 -16.17 3.88
N TYR A 39 3.93 -16.27 2.57
CA TYR A 39 2.60 -16.20 1.93
C TYR A 39 2.01 -17.60 1.84
N VAL A 40 1.07 -17.95 2.73
CA VAL A 40 0.27 -19.20 2.59
C VAL A 40 -1.17 -18.76 2.31
N ALA A 41 -1.61 -18.89 1.06
CA ALA A 41 -2.91 -18.36 0.59
C ALA A 41 -4.03 -18.96 1.45
N THR A 42 -4.97 -18.14 1.93
CA THR A 42 -6.13 -18.64 2.69
C THR A 42 -6.98 -19.50 1.74
N LEU A 43 -7.51 -20.62 2.26
CA LEU A 43 -8.47 -21.50 1.54
C LEU A 43 -9.90 -21.20 2.05
N GLY A 44 -10.67 -20.45 1.28
CA GLY A 44 -12.06 -20.10 1.64
C GLY A 44 -12.07 -19.02 2.71
N VAL A 45 -12.08 -19.43 3.98
CA VAL A 45 -12.12 -18.50 5.13
C VAL A 45 -11.41 -19.16 6.32
N GLU A 46 -10.78 -18.33 7.16
CA GLU A 46 -10.30 -18.68 8.51
C GLU A 46 -11.10 -17.80 9.48
N VAL A 47 -11.70 -18.41 10.49
CA VAL A 47 -12.48 -17.68 11.53
C VAL A 47 -11.68 -17.68 12.82
N HIS A 48 -11.47 -16.51 13.41
CA HIS A 48 -10.76 -16.39 14.72
C HIS A 48 -11.49 -15.37 15.60
N PRO A 49 -11.73 -15.68 16.87
CA PRO A 49 -12.19 -14.67 17.82
C PRO A 49 -11.03 -13.71 18.14
N LEU A 50 -11.33 -12.41 18.19
CA LEU A 50 -10.34 -11.36 18.54
C LEU A 50 -11.01 -10.40 19.54
N VAL A 51 -10.41 -10.26 20.72
CA VAL A 51 -10.97 -9.46 21.84
C VAL A 51 -10.08 -8.25 22.04
N PHE A 52 -10.69 -7.08 22.20
CA PHE A 52 -10.03 -5.86 22.68
C PHE A 52 -10.72 -5.47 23.98
N HIS A 53 -9.94 -4.90 24.89
CA HIS A 53 -10.42 -4.35 26.17
C HIS A 53 -10.53 -2.83 26.01
N THR A 54 -11.73 -2.30 26.25
CA THR A 54 -12.06 -0.87 26.10
C THR A 54 -12.52 -0.30 27.43
N ASN A 55 -12.56 1.04 27.53
CA ASN A 55 -13.10 1.77 28.72
C ASN A 55 -14.58 1.46 28.88
N ARG A 56 -15.19 0.83 27.87
CA ARG A 56 -16.61 0.39 27.91
C ARG A 56 -16.69 -1.14 28.09
N GLY A 57 -15.61 -1.80 28.49
CA GLY A 57 -15.56 -3.27 28.68
C GLY A 57 -15.03 -3.97 27.43
N PRO A 58 -15.01 -5.32 27.42
CA PRO A 58 -14.40 -6.05 26.32
C PRO A 58 -15.31 -6.05 25.09
N ILE A 59 -14.71 -5.99 23.90
CA ILE A 59 -15.45 -6.18 22.63
C ILE A 59 -14.78 -7.35 21.90
N LYS A 60 -15.60 -8.26 21.38
CA LYS A 60 -15.13 -9.46 20.65
C LYS A 60 -15.50 -9.29 19.19
N PHE A 61 -14.53 -9.43 18.29
CA PHE A 61 -14.75 -9.54 16.83
C PHE A 61 -14.62 -11.02 16.43
N ASN A 62 -15.64 -11.57 15.79
CA ASN A 62 -15.52 -12.90 15.14
C ASN A 62 -15.02 -12.61 13.74
N VAL A 63 -13.71 -12.80 13.51
CA VAL A 63 -13.03 -12.33 12.28
C VAL A 63 -13.08 -13.44 11.24
N TRP A 64 -13.80 -13.20 10.15
CA TRP A 64 -13.90 -14.03 8.94
C TRP A 64 -12.87 -13.48 7.95
N ASP A 65 -11.67 -14.06 7.98
CA ASP A 65 -10.52 -13.73 7.11
C ASP A 65 -10.67 -14.54 5.80
N THR A 66 -11.21 -13.92 4.74
CA THR A 66 -11.57 -14.61 3.47
C THR A 66 -10.38 -14.67 2.52
N ALA A 67 -10.45 -15.63 1.60
CA ALA A 67 -9.51 -15.85 0.51
C ALA A 67 -9.72 -14.77 -0.55
N GLY A 68 -8.61 -14.15 -0.98
CA GLY A 68 -8.58 -13.16 -2.06
C GLY A 68 -8.34 -13.77 -3.42
N LEU A 69 -7.72 -14.95 -3.50
CA LEU A 69 -7.42 -15.62 -4.79
C LEU A 69 -8.69 -16.33 -5.27
N GLU A 70 -9.07 -16.06 -6.53
CA GLU A 70 -10.30 -16.61 -7.15
C GLU A 70 -10.32 -18.14 -6.99
N LYS A 71 -9.20 -18.83 -7.23
CA LYS A 71 -9.19 -20.32 -7.22
C LYS A 71 -9.38 -20.84 -5.79
N PHE A 72 -9.15 -20.04 -4.75
CA PHE A 72 -9.32 -20.46 -3.33
C PHE A 72 -10.51 -19.72 -2.70
N GLY A 73 -11.38 -19.11 -3.51
CA GLY A 73 -12.47 -18.21 -3.07
C GLY A 73 -13.54 -18.88 -2.19
N GLY A 74 -13.71 -20.20 -2.32
CA GLY A 74 -14.73 -20.97 -1.57
C GLY A 74 -16.13 -20.41 -1.75
N LEU A 75 -16.80 -20.05 -0.66
CA LEU A 75 -18.23 -19.64 -0.70
C LEU A 75 -18.35 -18.18 -1.12
N ARG A 76 -17.23 -17.46 -1.25
CA ARG A 76 -17.21 -16.07 -1.77
C ARG A 76 -18.15 -15.21 -0.90
N ASP A 77 -19.22 -14.65 -1.46
CA ASP A 77 -20.14 -13.70 -0.78
C ASP A 77 -20.99 -14.45 0.26
N GLY A 78 -21.10 -15.77 0.16
CA GLY A 78 -21.60 -16.61 1.26
C GLY A 78 -20.96 -16.27 2.59
N TYR A 79 -19.70 -15.83 2.63
CA TYR A 79 -19.00 -15.52 3.91
C TYR A 79 -19.52 -14.21 4.50
N TYR A 80 -20.19 -13.39 3.69
CA TYR A 80 -20.50 -11.99 4.11
C TYR A 80 -21.81 -11.99 4.89
N ILE A 81 -22.61 -13.06 4.81
CA ILE A 81 -23.97 -13.14 5.41
C ILE A 81 -23.88 -12.78 6.91
N GLN A 82 -24.65 -11.79 7.34
CA GLN A 82 -24.79 -11.33 8.74
C GLN A 82 -23.47 -10.71 9.25
N ALA A 83 -22.56 -10.27 8.39
CA ALA A 83 -21.43 -9.42 8.83
C ALA A 83 -22.00 -8.14 9.43
N GLN A 84 -21.43 -7.67 10.53
CA GLN A 84 -21.80 -6.40 11.19
C GLN A 84 -20.76 -5.33 10.87
N CYS A 85 -19.63 -5.70 10.29
CA CYS A 85 -18.57 -4.74 9.94
C CYS A 85 -17.58 -5.41 8.99
N ALA A 86 -16.74 -4.63 8.32
CA ALA A 86 -15.81 -5.20 7.32
C ALA A 86 -14.56 -4.34 7.22
N ILE A 87 -13.46 -4.99 6.86
CA ILE A 87 -12.22 -4.33 6.34
C ILE A 87 -12.04 -4.77 4.88
N ILE A 88 -11.81 -3.80 3.99
CA ILE A 88 -11.36 -4.07 2.59
C ILE A 88 -9.88 -3.72 2.58
N MET A 89 -9.05 -4.68 2.20
CA MET A 89 -7.59 -4.55 2.18
C MET A 89 -7.08 -4.44 0.74
N PHE A 90 -6.14 -3.55 0.51
CA PHE A 90 -5.28 -3.59 -0.70
C PHE A 90 -3.83 -3.42 -0.25
N ASP A 91 -2.93 -3.51 -1.21
CA ASP A 91 -1.47 -3.40 -1.03
C ASP A 91 -1.04 -2.13 -1.76
N VAL A 92 -0.47 -1.15 -1.06
CA VAL A 92 -0.06 0.14 -1.70
C VAL A 92 1.14 -0.09 -2.62
N THR A 93 1.75 -1.27 -2.58
CA THR A 93 2.83 -1.64 -3.54
C THR A 93 2.24 -2.34 -4.77
N SER A 94 0.93 -2.54 -4.90
CA SER A 94 0.34 -3.25 -6.07
C SER A 94 -0.93 -2.56 -6.56
N ARG A 95 -0.80 -1.81 -7.65
CA ARG A 95 -1.90 -0.97 -8.22
C ARG A 95 -3.14 -1.84 -8.47
N VAL A 96 -2.97 -3.07 -8.95
CA VAL A 96 -4.12 -3.92 -9.34
C VAL A 96 -4.99 -4.13 -8.08
N THR A 97 -4.40 -4.17 -6.90
CA THR A 97 -5.13 -4.52 -5.65
C THR A 97 -6.02 -3.34 -5.28
N TYR A 98 -5.62 -2.11 -5.65
CA TYR A 98 -6.47 -0.92 -5.45
C TYR A 98 -7.56 -0.89 -6.55
N LYS A 99 -7.21 -1.23 -7.80
CA LYS A 99 -8.17 -1.30 -8.92
C LYS A 99 -9.31 -2.25 -8.56
N ASN A 100 -9.02 -3.29 -7.77
CA ASN A 100 -10.00 -4.34 -7.42
C ASN A 100 -10.84 -3.92 -6.21
N VAL A 101 -10.45 -2.85 -5.47
CA VAL A 101 -11.23 -2.38 -4.28
C VAL A 101 -12.70 -2.17 -4.64
N PRO A 102 -13.07 -1.50 -5.76
CA PRO A 102 -14.49 -1.36 -6.09
C PRO A 102 -15.24 -2.68 -6.30
N ASN A 103 -14.54 -3.74 -6.73
CA ASN A 103 -15.12 -5.09 -6.96
C ASN A 103 -15.40 -5.77 -5.61
N TRP A 104 -14.42 -5.75 -4.70
CA TRP A 104 -14.64 -6.25 -3.31
C TRP A 104 -15.79 -5.47 -2.65
N HIS A 105 -15.83 -4.15 -2.79
CA HIS A 105 -16.86 -3.30 -2.15
C HIS A 105 -18.23 -3.68 -2.72
N ARG A 106 -18.32 -3.76 -4.05
CA ARG A 106 -19.59 -4.17 -4.73
C ARG A 106 -20.09 -5.48 -4.11
N ASP A 107 -19.26 -6.52 -4.07
CA ASP A 107 -19.71 -7.89 -3.66
C ASP A 107 -20.12 -7.86 -2.18
N LEU A 108 -19.39 -7.10 -1.37
CA LEU A 108 -19.64 -6.99 0.08
C LEU A 108 -20.97 -6.28 0.35
N VAL A 109 -21.22 -5.11 -0.22
CA VAL A 109 -22.38 -4.26 0.18
C VAL A 109 -23.65 -4.81 -0.43
N ARG A 110 -23.57 -5.66 -1.46
CA ARG A 110 -24.78 -6.31 -2.01
C ARG A 110 -25.36 -7.25 -0.95
N VAL A 111 -24.50 -7.83 -0.11
CA VAL A 111 -24.94 -8.77 0.97
C VAL A 111 -25.14 -7.98 2.28
N CYS A 112 -24.29 -6.98 2.58
CA CYS A 112 -24.26 -6.21 3.86
C CYS A 112 -24.46 -4.72 3.57
N GLU A 113 -25.70 -4.26 3.59
CA GLU A 113 -26.08 -2.97 2.95
C GLU A 113 -25.74 -1.78 3.86
N ASN A 114 -25.70 -1.98 5.18
CA ASN A 114 -25.62 -0.83 6.12
C ASN A 114 -24.65 -1.16 7.25
N ILE A 115 -23.37 -1.40 6.93
CA ILE A 115 -22.35 -1.77 7.96
C ILE A 115 -21.18 -0.82 7.86
N PRO A 116 -20.50 -0.51 9.00
CA PRO A 116 -19.26 0.25 8.97
C PRO A 116 -18.15 -0.59 8.31
N ILE A 117 -17.42 0.08 7.41
CA ILE A 117 -16.38 -0.55 6.56
C ILE A 117 -15.17 0.36 6.58
N VAL A 118 -14.01 -0.24 6.85
CA VAL A 118 -12.68 0.41 6.81
C VAL A 118 -11.98 -0.09 5.55
N LEU A 119 -11.46 0.83 4.76
CA LEU A 119 -10.53 0.57 3.65
C LEU A 119 -9.10 0.74 4.19
N CYS A 120 -8.28 -0.28 4.03
CA CYS A 120 -6.88 -0.31 4.54
C CYS A 120 -5.91 -0.52 3.39
N GLY A 121 -5.05 0.47 3.16
CA GLY A 121 -3.87 0.32 2.30
C GLY A 121 -2.70 -0.18 3.11
N ASN A 122 -2.34 -1.44 2.92
CA ASN A 122 -1.32 -2.16 3.71
C ASN A 122 0.04 -2.01 3.01
N LYS A 123 1.10 -2.25 3.78
CA LYS A 123 2.51 -2.40 3.34
C LYS A 123 3.11 -1.00 3.07
N VAL A 124 2.70 0.02 3.82
CA VAL A 124 3.25 1.40 3.67
C VAL A 124 4.67 1.47 4.24
N ASP A 125 5.19 0.39 4.84
CA ASP A 125 6.61 0.24 5.28
C ASP A 125 7.54 0.13 4.08
N ILE A 126 7.04 -0.28 2.91
CA ILE A 126 7.88 -0.51 1.71
C ILE A 126 8.13 0.84 1.04
N LYS A 127 9.37 1.16 0.75
CA LYS A 127 9.82 2.50 0.26
C LYS A 127 9.18 2.81 -1.09
N ASP A 128 9.18 1.84 -2.02
CA ASP A 128 8.66 2.04 -3.40
C ASP A 128 7.13 1.81 -3.42
N ARG A 129 6.38 2.82 -3.00
CA ARG A 129 4.90 2.80 -2.96
C ARG A 129 4.35 3.04 -4.37
N LYS A 130 3.37 2.25 -4.81
CA LYS A 130 2.82 2.31 -6.19
C LYS A 130 1.45 2.99 -6.21
N VAL A 131 0.66 2.85 -5.14
CA VAL A 131 -0.67 3.53 -5.03
C VAL A 131 -0.49 4.76 -4.15
N LYS A 132 -0.36 5.92 -4.80
CA LYS A 132 -0.07 7.23 -4.17
C LYS A 132 -1.31 7.69 -3.39
N ALA A 133 -1.10 8.40 -2.29
CA ALA A 133 -2.14 9.08 -1.47
C ALA A 133 -3.17 9.75 -2.40
N LYS A 134 -2.71 10.57 -3.36
CA LYS A 134 -3.58 11.32 -4.30
C LYS A 134 -4.56 10.37 -5.00
N SER A 135 -4.20 9.13 -5.29
CA SER A 135 -5.03 8.18 -6.07
C SER A 135 -6.12 7.55 -5.19
N ILE A 136 -5.96 7.55 -3.86
CA ILE A 136 -6.88 6.80 -2.96
C ILE A 136 -8.06 7.70 -2.56
N VAL A 137 -9.15 7.63 -3.33
CA VAL A 137 -10.37 8.49 -3.18
C VAL A 137 -11.64 7.62 -3.15
N PHE A 138 -11.56 6.30 -3.37
CA PHE A 138 -12.76 5.45 -3.54
C PHE A 138 -13.64 5.48 -2.28
N HIS A 139 -13.02 5.54 -1.11
CA HIS A 139 -13.69 5.57 0.21
C HIS A 139 -14.65 6.77 0.35
N ARG A 140 -14.42 7.88 -0.34
CA ARG A 140 -15.13 9.16 -0.06
C ARG A 140 -16.64 9.00 -0.34
N LYS A 141 -17.02 8.70 -1.58
CA LYS A 141 -18.45 8.57 -1.94
C LYS A 141 -19.06 7.33 -1.30
N LYS A 142 -18.26 6.35 -0.90
CA LYS A 142 -18.82 5.12 -0.27
C LYS A 142 -18.83 5.19 1.26
N ASN A 143 -18.42 6.32 1.85
CA ASN A 143 -18.42 6.57 3.31
C ASN A 143 -17.62 5.46 4.01
N LEU A 144 -16.52 5.01 3.43
CA LEU A 144 -15.58 4.10 4.14
C LEU A 144 -14.61 4.96 4.95
N GLN A 145 -14.22 4.48 6.13
CA GLN A 145 -13.01 5.00 6.80
C GLN A 145 -11.80 4.49 5.99
N TYR A 146 -10.73 5.27 5.91
CA TYR A 146 -9.49 4.85 5.23
C TYR A 146 -8.33 4.96 6.22
N TYR A 147 -7.47 3.96 6.26
CA TYR A 147 -6.14 4.05 6.93
C TYR A 147 -5.04 3.47 6.06
N ASP A 148 -3.95 4.22 5.93
CA ASP A 148 -2.60 3.65 5.65
C ASP A 148 -2.28 2.70 6.81
N ILE A 149 -1.95 1.45 6.55
CA ILE A 149 -1.43 0.53 7.61
C ILE A 149 -0.18 -0.21 7.13
N SER A 150 0.56 -0.75 8.09
CA SER A 150 1.59 -1.79 7.90
C SER A 150 1.44 -2.86 9.00
N ALA A 151 1.03 -4.06 8.63
CA ALA A 151 1.14 -5.24 9.50
C ALA A 151 2.60 -5.44 9.94
N LYS A 152 3.59 -5.00 9.16
CA LYS A 152 5.01 -5.31 9.44
C LYS A 152 5.60 -4.30 10.42
N SER A 153 5.37 -3.01 10.23
CA SER A 153 5.86 -1.94 11.14
C SER A 153 4.83 -1.64 12.26
N ASN A 154 3.61 -2.15 12.16
CA ASN A 154 2.47 -1.83 13.10
C ASN A 154 1.96 -0.40 12.91
N TYR A 155 2.37 0.30 11.86
CA TYR A 155 1.81 1.64 11.51
C TYR A 155 0.27 1.56 11.48
N ASN A 156 -0.43 2.33 12.32
CA ASN A 156 -1.92 2.42 12.39
C ASN A 156 -2.57 1.02 12.55
N PHE A 157 -1.85 0.04 13.12
N PHE A 157 -1.82 0.08 13.12
CA PHE A 157 -2.29 -1.38 13.14
CA PHE A 157 -2.17 -1.36 13.28
C PHE A 157 -3.58 -1.51 13.97
C PHE A 157 -3.53 -1.51 13.98
N GLU A 158 -3.77 -0.68 14.99
CA GLU A 158 -4.95 -0.74 15.90
C GLU A 158 -6.13 0.05 15.33
N LYS A 159 -5.90 0.99 14.42
CA LYS A 159 -6.92 1.99 13.97
C LYS A 159 -8.16 1.33 13.36
N PRO A 160 -8.07 0.35 12.44
CA PRO A 160 -9.28 -0.23 11.89
C PRO A 160 -10.21 -0.78 12.99
N PHE A 161 -9.66 -1.49 13.98
CA PHE A 161 -10.49 -2.10 15.05
C PHE A 161 -11.05 -1.01 15.97
N LEU A 162 -10.24 0.00 16.32
CA LEU A 162 -10.68 1.09 17.21
C LEU A 162 -11.86 1.82 16.54
N TRP A 163 -11.75 2.09 15.24
CA TRP A 163 -12.80 2.82 14.50
C TRP A 163 -14.06 1.94 14.46
N LEU A 164 -13.94 0.65 14.13
CA LEU A 164 -15.13 -0.21 14.03
C LEU A 164 -15.77 -0.35 15.42
N ALA A 165 -14.98 -0.43 16.49
CA ALA A 165 -15.49 -0.56 17.87
C ALA A 165 -16.32 0.68 18.23
N ARG A 166 -15.83 1.86 17.87
CA ARG A 166 -16.56 3.13 18.11
C ARG A 166 -17.91 3.10 17.38
N LYS A 167 -17.90 2.67 16.12
CA LYS A 167 -19.12 2.59 15.28
C LYS A 167 -20.09 1.53 15.84
N LEU A 168 -19.63 0.35 16.23
CA LEU A 168 -20.54 -0.76 16.65
C LEU A 168 -21.10 -0.52 18.03
N ILE A 169 -20.31 0.02 18.95
CA ILE A 169 -20.75 0.34 20.33
C ILE A 169 -21.55 1.64 20.30
N GLY A 170 -21.34 2.49 19.29
CA GLY A 170 -22.00 3.83 19.21
C GLY A 170 -21.42 4.78 20.24
N ASP A 171 -20.13 4.72 20.51
CA ASP A 171 -19.44 5.62 21.47
C ASP A 171 -18.20 6.18 20.79
N PRO A 172 -18.21 7.45 20.35
CA PRO A 172 -17.07 8.03 19.65
C PRO A 172 -15.81 8.18 20.52
N ASN A 173 -15.94 8.15 21.85
CA ASN A 173 -14.81 8.36 22.80
C ASN A 173 -14.27 7.04 23.37
N LEU A 174 -14.68 5.90 22.81
CA LEU A 174 -14.22 4.57 23.24
C LEU A 174 -12.71 4.52 23.04
N GLU A 175 -11.98 3.97 24.00
CA GLU A 175 -10.51 3.82 23.90
C GLU A 175 -10.16 2.37 24.22
N PHE A 176 -9.06 1.87 23.67
CA PHE A 176 -8.45 0.59 24.12
C PHE A 176 -7.79 0.88 25.47
N VAL A 177 -7.97 0.00 26.45
CA VAL A 177 -7.34 0.19 27.78
C VAL A 177 -6.48 -1.04 28.09
N ALA A 178 -5.59 -0.90 29.07
CA ALA A 178 -4.80 -2.00 29.66
C ALA A 178 -5.67 -2.70 30.71
N MET A 179 -5.88 -4.02 30.63
CA MET A 179 -6.53 -4.80 31.71
C MET A 179 -5.52 -5.04 32.82
N PRO A 180 -5.89 -4.90 34.12
CA PRO A 180 -4.98 -5.22 35.21
C PRO A 180 -4.39 -6.63 35.01
N ALA A 181 -3.11 -6.77 35.32
CA ALA A 181 -2.29 -7.97 35.09
C ALA A 181 -2.16 -8.71 36.42
N ALA A 182 -2.70 -9.92 36.53
CA ALA A 182 -2.69 -10.74 37.76
C ALA A 182 -1.24 -10.97 38.22
N ALA A 183 -1.02 -11.02 39.52
CA ALA A 183 0.27 -11.46 40.13
C ALA A 183 0.57 -12.84 39.55
N PRO A 184 1.73 -13.04 38.90
CA PRO A 184 2.03 -14.31 38.22
C PRO A 184 2.55 -15.37 39.21
N PRO A 185 2.30 -16.69 39.00
CA PRO A 185 2.70 -17.70 39.97
C PRO A 185 4.22 -17.81 40.16
N GLU A 186 4.62 -18.12 41.39
CA GLU A 186 5.98 -18.57 41.74
C GLU A 186 5.97 -20.10 41.63
N VAL A 187 6.80 -20.71 40.76
CA VAL A 187 6.80 -22.19 40.58
C VAL A 187 8.21 -22.70 40.83
N VAL A 188 8.33 -24.02 41.01
CA VAL A 188 9.60 -24.76 41.27
C VAL A 188 9.94 -25.53 39.99
N MET A 189 11.14 -25.34 39.44
CA MET A 189 11.61 -26.05 38.22
C MET A 189 11.65 -27.55 38.57
N ASP A 190 10.91 -28.36 37.81
CA ASP A 190 10.78 -29.83 37.95
C ASP A 190 12.15 -30.46 37.72
N PRO A 191 12.71 -31.25 38.69
CA PRO A 191 14.03 -31.85 38.50
C PRO A 191 14.07 -32.92 37.39
N ALA A 192 12.92 -33.53 37.06
CA ALA A 192 12.76 -34.57 36.02
C ALA A 192 12.83 -33.98 34.61
N LEU A 193 12.43 -32.71 34.39
CA LEU A 193 12.40 -32.05 33.04
C LEU A 193 13.51 -30.98 32.90
N ALA A 194 14.52 -30.99 33.78
CA ALA A 194 15.70 -30.08 33.75
C ALA A 194 16.59 -30.39 32.55
N ALA A 195 16.78 -31.68 32.25
CA ALA A 195 17.47 -32.20 31.05
C ALA A 195 16.68 -31.83 29.80
N GLN A 196 15.35 -32.00 29.82
CA GLN A 196 14.41 -31.60 28.75
C GLN A 196 14.72 -30.14 28.36
N TYR A 197 14.83 -29.24 29.35
CA TYR A 197 14.87 -27.77 29.10
C TYR A 197 16.24 -27.34 28.56
N GLU A 198 17.36 -27.94 28.97
CA GLU A 198 18.69 -27.54 28.42
C GLU A 198 18.71 -27.80 26.90
N HIS A 199 18.08 -28.88 26.43
CA HIS A 199 17.99 -29.27 24.99
C HIS A 199 17.30 -28.17 24.20
N ASP A 200 16.07 -27.89 24.64
CA ASP A 200 15.10 -26.96 24.02
C ASP A 200 15.72 -25.57 23.94
N LEU A 201 16.52 -25.20 24.95
CA LEU A 201 17.24 -23.91 25.06
C LEU A 201 18.43 -23.89 24.09
N GLU A 202 19.10 -25.05 23.90
CA GLU A 202 20.23 -25.23 22.95
C GLU A 202 19.72 -24.92 21.53
N VAL A 203 18.64 -25.58 21.10
CA VAL A 203 18.00 -25.38 19.77
C VAL A 203 17.69 -23.89 19.56
N ALA A 204 17.20 -23.23 20.61
CA ALA A 204 16.65 -21.85 20.54
C ALA A 204 17.79 -20.82 20.53
N GLN A 205 18.89 -21.06 21.23
CA GLN A 205 20.05 -20.14 21.26
C GLN A 205 20.76 -20.11 19.90
N THR A 206 20.68 -21.22 19.14
CA THR A 206 21.45 -21.48 17.89
C THR A 206 20.56 -21.32 16.66
N THR A 207 19.32 -20.87 16.86
CA THR A 207 18.42 -20.38 15.80
C THR A 207 18.38 -18.84 15.90
N ALA A 208 18.73 -18.15 14.82
CA ALA A 208 18.86 -16.67 14.81
C ALA A 208 17.49 -16.03 14.99
N LEU A 209 17.43 -14.92 15.72
CA LEU A 209 16.22 -14.04 15.79
C LEU A 209 16.05 -13.40 14.42
N PRO A 210 14.81 -13.30 13.88
CA PRO A 210 14.60 -12.62 12.60
C PRO A 210 14.79 -11.09 12.71
N ASP A 211 15.12 -10.44 11.58
CA ASP A 211 15.08 -8.96 11.38
C ASP A 211 16.04 -8.26 12.33
N GLU A 212 17.28 -8.72 12.37
CA GLU A 212 18.32 -8.21 13.31
C GLU A 212 18.73 -6.78 12.91
N ASP A 213 18.24 -6.24 11.79
CA ASP A 213 18.55 -4.86 11.34
C ASP A 213 17.48 -3.86 11.84
N ASP A 214 16.36 -4.32 12.39
CA ASP A 214 15.26 -3.42 12.84
C ASP A 214 15.63 -2.70 14.15
N ASP A 215 14.95 -1.59 14.44
CA ASP A 215 15.17 -0.70 15.63
C ASP A 215 14.91 -1.48 16.92
N LEU A 216 14.06 -2.51 16.84
CA LEU A 216 13.87 -3.55 17.88
C LEU A 216 13.64 -4.90 17.19
N GLU B 20 -1.50 1.73 41.27
CA GLU B 20 -0.80 0.41 41.15
C GLU B 20 -0.26 -0.01 42.52
N ASP B 21 -0.22 -1.32 42.80
CA ASP B 21 0.33 -1.89 44.07
C ASP B 21 1.80 -2.26 43.90
N GLU B 22 2.46 -1.72 42.86
CA GLU B 22 3.83 -2.12 42.44
C GLU B 22 4.65 -0.89 42.11
N GLU B 23 5.95 -0.95 42.42
CA GLU B 23 6.97 0.09 42.11
C GLU B 23 7.67 -0.33 40.80
N VAL B 24 7.90 0.60 39.87
CA VAL B 24 8.68 0.37 38.61
C VAL B 24 10.18 0.52 38.93
N LEU B 25 10.93 -0.59 38.94
CA LEU B 25 12.40 -0.63 39.18
C LEU B 25 13.17 -0.28 37.91
N TYR B 26 12.67 -0.70 36.75
CA TYR B 26 13.33 -0.55 35.45
C TYR B 26 12.25 -0.61 34.36
N LYS B 27 12.42 0.22 33.34
CA LYS B 27 11.53 0.25 32.15
C LYS B 27 12.44 0.35 30.92
N VAL B 28 12.21 -0.50 29.93
CA VAL B 28 13.01 -0.40 28.69
C VAL B 28 12.13 -0.87 27.53
N ARG B 29 12.29 -0.23 26.37
CA ARG B 29 11.66 -0.66 25.09
C ARG B 29 12.35 -1.94 24.66
N ALA B 30 11.55 -2.90 24.20
CA ALA B 30 12.01 -4.25 23.82
C ALA B 30 11.02 -4.88 22.85
N LYS B 31 11.52 -5.84 22.08
CA LYS B 31 10.72 -6.80 21.30
C LYS B 31 10.92 -8.16 21.95
N LEU B 32 9.83 -8.87 22.20
CA LEU B 32 9.83 -10.22 22.80
C LEU B 32 9.41 -11.26 21.75
N PHE B 33 10.15 -12.37 21.73
CA PHE B 33 9.90 -13.56 20.90
C PHE B 33 9.70 -14.77 21.82
N ARG B 34 8.96 -15.75 21.31
CA ARG B 34 8.84 -17.08 21.91
C ARG B 34 9.29 -18.08 20.85
N PHE B 35 10.00 -19.13 21.25
CA PHE B 35 10.46 -20.17 20.31
C PHE B 35 9.32 -21.17 20.13
N ASP B 36 8.95 -21.39 18.87
CA ASP B 36 8.02 -22.45 18.41
C ASP B 36 8.88 -23.63 17.96
N ALA B 37 8.88 -24.68 18.76
CA ALA B 37 9.74 -25.89 18.57
C ALA B 37 9.27 -26.62 17.30
N ASP B 38 7.95 -26.68 17.07
CA ASP B 38 7.33 -27.35 15.90
C ASP B 38 7.88 -26.75 14.60
N ALA B 39 7.75 -25.43 14.42
CA ALA B 39 8.19 -24.67 13.21
C ALA B 39 9.67 -24.32 13.33
N LYS B 40 10.31 -24.73 14.42
CA LYS B 40 11.76 -24.48 14.72
C LYS B 40 12.07 -23.03 14.33
N GLU B 41 11.23 -22.08 14.74
CA GLU B 41 11.46 -20.63 14.46
C GLU B 41 11.00 -19.77 15.64
N TRP B 42 11.60 -18.60 15.74
CA TRP B 42 11.24 -17.52 16.68
C TRP B 42 10.02 -16.77 16.15
N LYS B 43 9.00 -16.62 16.98
CA LYS B 43 7.75 -15.89 16.65
C LYS B 43 7.65 -14.70 17.60
N GLU B 44 7.53 -13.52 17.03
CA GLU B 44 7.40 -12.27 17.81
C GLU B 44 6.13 -12.36 18.63
N ARG B 45 6.17 -11.91 19.89
CA ARG B 45 5.00 -11.97 20.79
C ARG B 45 4.50 -10.55 21.10
N GLY B 46 5.37 -9.55 21.08
CA GLY B 46 4.97 -8.16 21.25
C GLY B 46 6.15 -7.23 21.26
N THR B 47 5.87 -5.94 21.08
CA THR B 47 6.81 -4.81 21.17
C THR B 47 6.18 -3.75 22.07
N GLY B 48 6.96 -3.22 22.99
CA GLY B 48 6.52 -2.16 23.91
C GLY B 48 7.44 -2.02 25.08
N ASP B 49 6.94 -1.44 26.17
CA ASP B 49 7.75 -1.19 27.39
C ASP B 49 7.81 -2.51 28.18
N CYS B 50 9.01 -3.05 28.36
CA CYS B 50 9.26 -4.12 29.35
C CYS B 50 9.48 -3.44 30.70
N LYS B 51 8.68 -3.80 31.71
CA LYS B 51 8.75 -3.19 33.07
C LYS B 51 9.09 -4.26 34.10
N PHE B 52 9.97 -3.90 35.04
CA PHE B 52 10.29 -4.70 36.25
C PHE B 52 9.47 -4.08 37.38
N LEU B 53 8.47 -4.81 37.88
CA LEU B 53 7.50 -4.30 38.87
C LEU B 53 7.69 -5.02 40.20
N LYS B 54 7.93 -4.25 41.27
CA LYS B 54 8.12 -4.77 42.66
C LYS B 54 6.80 -4.61 43.41
N ASN B 55 6.20 -5.74 43.75
CA ASN B 55 4.94 -5.83 44.54
C ASN B 55 5.21 -5.26 45.93
N LYS B 56 4.46 -4.22 46.33
CA LYS B 56 4.75 -3.47 47.57
C LYS B 56 4.35 -4.30 48.80
N LYS B 57 3.61 -5.40 48.64
CA LYS B 57 3.16 -6.28 49.75
C LYS B 57 4.16 -7.43 49.96
N THR B 58 4.55 -8.13 48.88
CA THR B 58 5.42 -9.35 48.88
C THR B 58 6.88 -8.99 48.53
N ASN B 59 7.16 -7.81 47.97
CA ASN B 59 8.50 -7.36 47.49
C ASN B 59 9.00 -8.23 46.33
N LYS B 60 8.14 -9.09 45.76
CA LYS B 60 8.45 -9.94 44.57
C LYS B 60 8.46 -9.07 43.31
N VAL B 61 9.50 -9.22 42.47
CA VAL B 61 9.70 -8.45 41.20
C VAL B 61 9.30 -9.34 40.02
N ARG B 62 8.41 -8.84 39.17
CA ARG B 62 7.96 -9.54 37.93
C ARG B 62 8.38 -8.72 36.72
N ILE B 63 8.44 -9.40 35.56
CA ILE B 63 8.44 -8.74 34.23
C ILE B 63 6.98 -8.59 33.80
N LEU B 64 6.58 -7.37 33.50
CA LEU B 64 5.28 -7.09 32.86
C LEU B 64 5.57 -6.29 31.61
N MET B 65 5.17 -6.84 30.47
CA MET B 65 5.38 -6.22 29.15
C MET B 65 4.03 -6.10 28.46
N ARG B 66 3.73 -4.91 27.93
CA ARG B 66 2.48 -4.60 27.18
C ARG B 66 2.85 -4.20 25.75
N ARG B 67 2.01 -4.57 24.79
CA ARG B 67 2.17 -4.20 23.35
C ARG B 67 1.83 -2.71 23.16
N ASP B 68 2.61 -2.00 22.34
CA ASP B 68 2.26 -0.65 21.81
C ASP B 68 0.80 -0.67 21.33
N LYS B 69 0.03 0.36 21.69
CA LYS B 69 -1.29 0.72 21.10
C LYS B 69 -2.43 -0.19 21.57
N THR B 70 -2.29 -1.51 21.55
CA THR B 70 -3.38 -2.40 22.05
C THR B 70 -3.26 -2.46 23.58
N LEU B 71 -2.03 -2.30 24.09
CA LEU B 71 -1.63 -2.40 25.52
C LEU B 71 -1.90 -3.81 26.06
N LYS B 72 -2.00 -4.82 25.16
CA LYS B 72 -2.24 -6.23 25.54
C LYS B 72 -0.96 -6.82 26.15
N ILE B 73 -1.13 -7.66 27.17
CA ILE B 73 0.00 -8.24 27.96
C ILE B 73 0.65 -9.29 27.08
N CYS B 74 1.96 -9.19 26.82
CA CYS B 74 2.74 -10.20 26.06
C CYS B 74 3.76 -10.87 26.99
N ALA B 75 4.01 -10.35 28.20
CA ALA B 75 4.83 -11.03 29.23
C ALA B 75 4.34 -10.66 30.62
N ASN B 76 4.18 -11.67 31.47
CA ASN B 76 3.78 -11.53 32.89
C ASN B 76 4.31 -12.77 33.63
N HIS B 77 5.49 -12.66 34.24
CA HIS B 77 6.12 -13.77 35.00
C HIS B 77 7.03 -13.20 36.08
N ILE B 78 7.21 -13.97 37.17
CA ILE B 78 8.23 -13.66 38.22
C ILE B 78 9.60 -13.80 37.56
N ILE B 79 10.52 -12.90 37.89
CA ILE B 79 11.96 -13.06 37.55
C ILE B 79 12.56 -14.09 38.54
N ALA B 80 12.29 -15.38 38.29
CA ALA B 80 12.72 -16.53 39.12
C ALA B 80 14.24 -16.50 39.30
N PRO B 81 14.75 -16.73 40.53
CA PRO B 81 16.20 -16.83 40.74
C PRO B 81 16.89 -17.90 39.86
N GLU B 82 16.16 -18.94 39.44
CA GLU B 82 16.71 -20.11 38.69
C GLU B 82 16.87 -19.80 37.20
N TYR B 83 16.38 -18.65 36.71
CA TYR B 83 16.49 -18.25 35.28
C TYR B 83 17.90 -17.70 35.00
N THR B 84 18.40 -17.99 33.80
CA THR B 84 19.72 -17.54 33.29
C THR B 84 19.52 -16.98 31.90
N LEU B 85 19.99 -15.75 31.70
CA LEU B 85 20.01 -15.01 30.42
C LEU B 85 21.18 -15.53 29.59
N LYS B 86 20.92 -16.05 28.39
CA LYS B 86 21.95 -16.59 27.47
C LYS B 86 21.97 -15.75 26.20
N PRO B 87 23.12 -15.62 25.50
CA PRO B 87 23.12 -14.95 24.20
C PRO B 87 22.36 -15.79 23.15
N ASN B 88 21.78 -15.10 22.18
CA ASN B 88 21.35 -15.68 20.88
C ASN B 88 22.52 -15.58 19.88
N VAL B 89 22.75 -16.61 19.08
CA VAL B 89 23.82 -16.65 18.04
C VAL B 89 23.70 -15.46 17.09
N GLY B 90 22.50 -14.89 16.90
CA GLY B 90 22.25 -13.86 15.88
C GLY B 90 22.50 -12.44 16.37
N SER B 91 22.60 -12.22 17.67
CA SER B 91 22.37 -10.88 18.25
C SER B 91 23.39 -10.58 19.33
N ASP B 92 23.74 -9.30 19.50
CA ASP B 92 24.61 -8.79 20.58
C ASP B 92 23.79 -7.85 21.46
N ARG B 93 22.47 -7.84 21.27
CA ARG B 93 21.52 -6.97 21.99
C ARG B 93 20.27 -7.77 22.35
N SER B 94 20.38 -9.08 22.59
CA SER B 94 19.28 -9.99 22.99
C SER B 94 19.69 -10.96 24.10
N TRP B 95 18.71 -11.50 24.82
CA TRP B 95 18.90 -12.59 25.80
C TRP B 95 17.82 -13.63 25.53
N VAL B 96 18.17 -14.91 25.65
CA VAL B 96 17.15 -15.98 25.64
C VAL B 96 17.18 -16.63 27.03
N TYR B 97 16.01 -16.97 27.54
CA TYR B 97 15.85 -17.68 28.82
C TYR B 97 14.55 -18.48 28.76
N ALA B 98 14.56 -19.62 29.45
CA ALA B 98 13.38 -20.48 29.71
C ALA B 98 12.60 -19.80 30.83
N CYS B 99 11.29 -19.73 30.66
CA CYS B 99 10.34 -19.26 31.67
C CYS B 99 9.35 -20.39 31.90
N THR B 100 9.12 -20.79 33.16
CA THR B 100 8.34 -22.00 33.52
C THR B 100 6.85 -21.65 33.66
N ALA B 101 6.51 -20.39 34.00
CA ALA B 101 5.11 -19.95 34.28
C ALA B 101 4.89 -18.49 33.87
N ASP B 102 4.46 -18.28 32.62
CA ASP B 102 3.99 -16.97 32.11
C ASP B 102 2.47 -17.00 31.95
N ILE B 103 1.78 -15.97 32.48
CA ILE B 103 0.29 -15.90 32.50
C ILE B 103 -0.20 -14.76 31.59
N ALA B 104 0.62 -14.27 30.67
CA ALA B 104 0.21 -13.24 29.67
C ALA B 104 -1.05 -13.72 28.94
N GLU B 105 -1.06 -14.95 28.41
CA GLU B 105 -2.17 -15.49 27.59
C GLU B 105 -3.22 -16.19 28.47
N GLY B 106 -2.99 -16.29 29.78
CA GLY B 106 -3.98 -16.82 30.73
C GLY B 106 -3.36 -17.90 31.60
N GLU B 107 -3.73 -19.16 31.36
CA GLU B 107 -3.19 -20.37 32.03
C GLU B 107 -1.65 -20.32 32.00
N ALA B 108 -0.99 -20.48 33.16
CA ALA B 108 0.49 -20.45 33.29
C ALA B 108 1.08 -21.45 32.28
N GLU B 109 2.02 -21.01 31.45
CA GLU B 109 2.68 -21.88 30.44
C GLU B 109 4.18 -21.66 30.51
N ALA B 110 4.93 -22.68 30.11
CA ALA B 110 6.40 -22.63 29.94
C ALA B 110 6.69 -22.12 28.52
N PHE B 111 7.61 -21.16 28.41
CA PHE B 111 8.09 -20.65 27.10
C PHE B 111 9.61 -20.60 27.15
N THR B 112 10.25 -20.80 26.00
CA THR B 112 11.60 -20.26 25.70
C THR B 112 11.40 -18.89 25.07
N PHE B 113 11.84 -17.86 25.79
CA PHE B 113 11.69 -16.44 25.41
C PHE B 113 13.02 -15.92 24.86
N ALA B 114 12.92 -14.90 24.00
CA ALA B 114 14.05 -14.05 23.57
C ALA B 114 13.54 -12.61 23.61
N ILE B 115 14.33 -11.73 24.16
CA ILE B 115 13.96 -10.31 24.30
C ILE B 115 15.11 -9.53 23.68
N ARG B 116 14.78 -8.61 22.77
CA ARG B 116 15.79 -7.83 22.02
C ARG B 116 15.52 -6.35 22.30
N PHE B 117 16.59 -5.56 22.41
CA PHE B 117 16.58 -4.14 22.81
C PHE B 117 17.16 -3.31 21.66
N GLY B 118 17.22 -1.99 21.85
CA GLY B 118 17.65 -1.05 20.80
C GLY B 118 19.17 -1.04 20.64
N SER B 119 19.91 -1.55 21.62
CA SER B 119 21.39 -1.46 21.68
C SER B 119 21.93 -2.48 22.66
N LYS B 120 23.21 -2.84 22.48
CA LYS B 120 23.97 -3.74 23.39
C LYS B 120 23.91 -3.15 24.80
N GLU B 121 24.00 -1.83 24.91
CA GLU B 121 23.98 -1.10 26.21
C GLU B 121 22.64 -1.34 26.92
N ASN B 122 21.51 -1.23 26.22
CA ASN B 122 20.16 -1.53 26.78
C ASN B 122 20.13 -2.99 27.24
N ALA B 123 20.66 -3.91 26.43
CA ALA B 123 20.63 -5.37 26.72
C ALA B 123 21.46 -5.68 27.97
N ASP B 124 22.65 -5.08 28.09
CA ASP B 124 23.57 -5.29 29.25
C ASP B 124 22.93 -4.68 30.50
N LYS B 125 22.35 -3.47 30.39
CA LYS B 125 21.64 -2.79 31.51
C LYS B 125 20.49 -3.68 31.98
N PHE B 126 19.69 -4.20 31.05
CA PHE B 126 18.61 -5.18 31.31
C PHE B 126 19.13 -6.35 32.15
N LYS B 127 20.29 -6.92 31.76
CA LYS B 127 20.91 -8.11 32.42
C LYS B 127 21.26 -7.73 33.85
N GLU B 128 21.86 -6.55 34.03
CA GLU B 128 22.23 -6.00 35.36
C GLU B 128 20.95 -5.93 36.23
N GLU B 129 19.91 -5.28 35.72
CA GLU B 129 18.62 -5.10 36.43
C GLU B 129 17.97 -6.46 36.74
N PHE B 130 18.01 -7.40 35.80
CA PHE B 130 17.38 -8.75 35.89
C PHE B 130 18.06 -9.54 37.01
N GLU B 131 19.38 -9.36 37.17
CA GLU B 131 20.15 -10.03 38.25
C GLU B 131 19.75 -9.40 39.59
N LYS B 132 19.74 -8.06 39.68
CA LYS B 132 19.31 -7.31 40.90
C LYS B 132 17.92 -7.80 41.35
N ALA B 133 17.01 -8.02 40.40
CA ALA B 133 15.62 -8.50 40.65
C ALA B 133 15.66 -9.95 41.15
N GLN B 134 16.54 -10.78 40.58
CA GLN B 134 16.72 -12.20 41.01
C GLN B 134 17.13 -12.22 42.49
N GLU B 135 18.01 -11.29 42.90
CA GLU B 135 18.52 -11.20 44.29
C GLU B 135 17.41 -10.70 45.21
N ILE B 136 16.65 -9.70 44.77
CA ILE B 136 15.46 -9.21 45.54
C ILE B 136 14.50 -10.39 45.73
N ASN B 137 14.30 -11.23 44.70
CA ASN B 137 13.33 -12.36 44.73
C ASN B 137 13.86 -13.51 45.58
N LYS B 138 15.17 -13.56 45.87
CA LYS B 138 15.78 -14.62 46.72
C LYS B 138 15.37 -14.45 48.19
N LYS B 139 15.38 -13.23 48.74
CA LYS B 139 14.90 -12.90 50.13
C LYS B 139 13.93 -13.97 50.65
N SER C 3 -20.79 -37.40 9.92
CA SER C 3 -22.15 -37.51 9.28
C SER C 3 -22.42 -36.33 8.35
N MET C 4 -21.92 -35.13 8.69
CA MET C 4 -22.03 -33.91 7.86
C MET C 4 -21.57 -34.21 6.42
N GLU C 5 -20.49 -34.99 6.25
CA GLU C 5 -19.94 -35.38 4.92
C GLU C 5 -20.98 -36.11 4.05
N GLY C 6 -22.16 -36.42 4.60
CA GLY C 6 -23.25 -37.11 3.89
C GLY C 6 -23.65 -36.40 2.61
N ILE C 7 -23.74 -35.07 2.64
CA ILE C 7 -24.17 -34.22 1.47
C ILE C 7 -23.18 -34.34 0.30
N LEU C 8 -21.91 -34.67 0.54
CA LEU C 8 -20.88 -34.83 -0.53
C LEU C 8 -21.07 -36.14 -1.30
N ASP C 9 -21.89 -37.08 -0.82
CA ASP C 9 -22.21 -38.34 -1.54
C ASP C 9 -23.38 -38.12 -2.51
N PHE C 10 -23.08 -37.96 -3.80
CA PHE C 10 -24.06 -37.58 -4.85
C PHE C 10 -24.80 -38.81 -5.39
N SER C 11 -24.31 -40.03 -5.13
CA SER C 11 -24.95 -41.31 -5.57
C SER C 11 -26.30 -41.48 -4.85
N ASN C 12 -26.42 -40.92 -3.65
CA ASN C 12 -27.67 -40.89 -2.84
C ASN C 12 -28.31 -39.50 -2.90
N ASP C 13 -29.63 -39.45 -3.03
CA ASP C 13 -30.43 -38.20 -3.06
C ASP C 13 -30.07 -37.32 -1.85
N LEU C 14 -30.16 -35.99 -2.00
CA LEU C 14 -29.64 -35.05 -0.99
C LEU C 14 -30.63 -34.94 0.17
N ASP C 15 -30.13 -35.04 1.40
CA ASP C 15 -30.95 -34.84 2.64
C ASP C 15 -30.88 -33.35 3.00
N ILE C 16 -31.96 -32.62 2.74
CA ILE C 16 -32.05 -31.14 2.91
C ILE C 16 -31.84 -30.79 4.39
N ALA C 17 -32.33 -31.63 5.31
CA ALA C 17 -32.22 -31.42 6.78
C ALA C 17 -30.76 -31.54 7.20
N LEU C 18 -29.96 -32.35 6.52
CA LEU C 18 -28.52 -32.50 6.82
C LEU C 18 -27.77 -31.26 6.30
N LEU C 19 -28.02 -30.86 5.06
CA LEU C 19 -27.44 -29.61 4.48
C LEU C 19 -27.73 -28.45 5.43
N ASP C 20 -29.00 -28.29 5.86
CA ASP C 20 -29.46 -27.22 6.78
C ASP C 20 -28.66 -27.27 8.09
N GLN C 21 -28.21 -28.46 8.51
CA GLN C 21 -27.44 -28.61 9.76
C GLN C 21 -25.99 -28.16 9.54
N VAL C 22 -25.36 -28.60 8.46
CA VAL C 22 -23.99 -28.20 8.04
C VAL C 22 -23.93 -26.67 7.97
N VAL C 23 -24.88 -26.08 7.26
CA VAL C 23 -24.95 -24.63 7.02
C VAL C 23 -25.06 -23.93 8.39
N SER C 24 -25.98 -24.40 9.24
CA SER C 24 -26.16 -23.87 10.63
C SER C 24 -24.85 -23.98 11.41
N THR C 25 -24.18 -25.12 11.32
CA THR C 25 -22.89 -25.37 12.00
C THR C 25 -21.86 -24.35 11.50
N PHE C 26 -21.82 -24.08 10.19
CA PHE C 26 -20.87 -23.10 9.60
C PHE C 26 -21.18 -21.69 10.10
N TYR C 27 -22.42 -21.24 10.00
CA TYR C 27 -22.80 -19.82 10.28
C TYR C 27 -22.88 -19.56 11.79
N GLN C 28 -23.35 -20.54 12.59
CA GLN C 28 -23.64 -20.36 14.03
C GLN C 28 -22.72 -21.23 14.92
N GLY C 29 -22.03 -22.23 14.37
CA GLY C 29 -21.15 -23.12 15.17
C GLY C 29 -19.85 -22.44 15.53
N GLU C 30 -18.86 -23.21 16.01
CA GLU C 30 -17.59 -22.68 16.55
C GLU C 30 -16.46 -23.68 16.35
N GLY C 31 -15.22 -23.17 16.42
CA GLY C 31 -13.95 -23.92 16.40
C GLY C 31 -13.91 -24.98 15.34
N VAL C 32 -13.60 -26.23 15.73
CA VAL C 32 -13.32 -27.38 14.80
C VAL C 32 -14.59 -27.68 13.98
N GLN C 33 -15.76 -27.61 14.61
CA GLN C 33 -17.08 -27.93 13.99
C GLN C 33 -17.37 -26.94 12.84
N GLN C 34 -17.26 -25.64 13.08
CA GLN C 34 -17.43 -24.57 12.06
C GLN C 34 -16.51 -24.89 10.88
N LYS C 35 -15.23 -25.08 11.17
CA LYS C 35 -14.13 -25.31 10.17
C LYS C 35 -14.49 -26.50 9.27
N GLN C 36 -14.93 -27.62 9.83
CA GLN C 36 -15.28 -28.86 9.07
C GLN C 36 -16.52 -28.60 8.20
N ALA C 37 -17.56 -27.97 8.77
CA ALA C 37 -18.76 -27.58 8.00
C ALA C 37 -18.33 -26.72 6.79
N GLN C 38 -17.42 -25.77 7.01
CA GLN C 38 -16.86 -24.86 5.97
C GLN C 38 -16.31 -25.65 4.78
N GLU C 39 -15.49 -26.67 5.05
CA GLU C 39 -14.78 -27.47 4.02
C GLU C 39 -15.81 -28.26 3.23
N ILE C 40 -16.77 -28.86 3.92
CA ILE C 40 -17.84 -29.71 3.33
C ILE C 40 -18.69 -28.85 2.41
N LEU C 41 -19.15 -27.68 2.87
CA LEU C 41 -19.98 -26.74 2.07
C LEU C 41 -19.24 -26.32 0.80
N THR C 42 -17.93 -26.05 0.87
CA THR C 42 -17.09 -25.64 -0.29
C THR C 42 -17.05 -26.76 -1.30
N LYS C 43 -16.85 -28.01 -0.86
CA LYS C 43 -16.76 -29.19 -1.76
C LYS C 43 -18.13 -29.43 -2.40
N PHE C 44 -19.20 -29.23 -1.62
CA PHE C 44 -20.59 -29.36 -2.09
C PHE C 44 -20.78 -28.38 -3.26
N GLN C 45 -20.57 -27.09 -2.99
CA GLN C 45 -20.77 -25.98 -3.96
C GLN C 45 -19.94 -26.20 -5.23
N ASP C 46 -18.72 -26.73 -5.09
CA ASP C 46 -17.72 -26.85 -6.18
C ASP C 46 -17.92 -28.16 -6.95
N ASN C 47 -18.80 -29.05 -6.49
CA ASN C 47 -19.17 -30.26 -7.26
C ASN C 47 -19.84 -29.80 -8.55
N PRO C 48 -19.33 -30.17 -9.74
CA PRO C 48 -19.85 -29.63 -11.00
C PRO C 48 -21.29 -30.05 -11.34
N ASP C 49 -21.86 -31.00 -10.58
CA ASP C 49 -23.27 -31.45 -10.74
C ASP C 49 -24.14 -30.87 -9.61
N ALA C 50 -23.55 -30.15 -8.65
CA ALA C 50 -24.29 -29.53 -7.53
C ALA C 50 -25.46 -28.68 -8.03
N TRP C 51 -25.37 -28.09 -9.24
CA TRP C 51 -26.43 -27.21 -9.79
C TRP C 51 -27.74 -27.99 -9.91
N GLU C 52 -27.67 -29.29 -10.18
CA GLU C 52 -28.87 -30.16 -10.31
C GLU C 52 -29.62 -30.23 -8.97
N LYS C 53 -28.95 -29.95 -7.84
CA LYS C 53 -29.56 -30.00 -6.47
C LYS C 53 -30.26 -28.68 -6.12
N VAL C 54 -30.04 -27.62 -6.90
CA VAL C 54 -30.47 -26.25 -6.52
C VAL C 54 -31.99 -26.19 -6.37
N ASP C 55 -32.76 -26.70 -7.33
CA ASP C 55 -34.23 -26.44 -7.35
C ASP C 55 -34.87 -27.24 -6.20
N GLN C 56 -34.23 -28.36 -5.83
CA GLN C 56 -34.58 -29.21 -4.66
C GLN C 56 -34.36 -28.39 -3.37
N ILE C 57 -33.17 -27.80 -3.20
CA ILE C 57 -32.83 -26.98 -2.00
C ILE C 57 -33.75 -25.75 -1.94
N LEU C 58 -33.98 -25.04 -3.05
CA LEU C 58 -34.81 -23.81 -3.07
C LEU C 58 -36.24 -24.17 -2.66
N GLN C 59 -36.72 -25.37 -2.97
CA GLN C 59 -38.15 -25.73 -2.74
C GLN C 59 -38.34 -26.23 -1.30
N PHE C 60 -37.43 -27.05 -0.79
CA PHE C 60 -37.66 -27.90 0.41
C PHE C 60 -36.81 -27.47 1.60
N SER C 61 -35.86 -26.53 1.46
CA SER C 61 -35.03 -26.04 2.61
C SER C 61 -35.82 -25.01 3.43
N THR C 62 -35.62 -25.03 4.74
CA THR C 62 -36.15 -24.01 5.69
C THR C 62 -35.07 -22.95 5.97
N ASN C 63 -33.79 -23.26 5.76
CA ASN C 63 -32.63 -22.38 6.09
C ASN C 63 -32.37 -21.41 4.94
N PRO C 64 -32.52 -20.08 5.16
CA PRO C 64 -32.30 -19.10 4.10
C PRO C 64 -30.83 -19.04 3.68
N GLN C 65 -29.90 -19.42 4.56
CA GLN C 65 -28.47 -19.51 4.24
C GLN C 65 -28.20 -20.65 3.25
N SER C 66 -28.91 -21.77 3.36
CA SER C 66 -28.83 -22.91 2.39
C SER C 66 -29.28 -22.43 1.01
N LYS C 67 -30.34 -21.63 0.96
CA LYS C 67 -30.91 -21.12 -0.31
C LYS C 67 -29.92 -20.16 -0.93
N PHE C 68 -29.27 -19.32 -0.10
CA PHE C 68 -28.25 -18.34 -0.55
C PHE C 68 -27.15 -19.12 -1.27
N ILE C 69 -26.62 -20.14 -0.61
CA ILE C 69 -25.53 -21.01 -1.15
C ILE C 69 -26.03 -21.75 -2.40
N ALA C 70 -27.29 -22.17 -2.44
CA ALA C 70 -27.90 -22.77 -3.66
C ALA C 70 -27.85 -21.77 -4.82
N LEU C 71 -28.15 -20.49 -4.58
CA LEU C 71 -28.13 -19.44 -5.63
C LEU C 71 -26.70 -19.17 -6.11
N SER C 72 -25.69 -19.18 -5.23
CA SER C 72 -24.25 -19.13 -5.59
C SER C 72 -23.93 -20.25 -6.59
N ILE C 73 -24.37 -21.46 -6.31
CA ILE C 73 -24.16 -22.63 -7.21
C ILE C 73 -24.82 -22.34 -8.56
N LEU C 74 -26.06 -21.87 -8.55
CA LEU C 74 -26.82 -21.52 -9.78
C LEU C 74 -26.03 -20.45 -10.57
N ASP C 75 -25.49 -19.45 -9.88
CA ASP C 75 -24.75 -18.30 -10.49
C ASP C 75 -23.53 -18.82 -11.25
N LYS C 76 -22.78 -19.78 -10.71
CA LYS C 76 -21.62 -20.41 -11.42
C LYS C 76 -22.10 -21.05 -12.73
N LEU C 77 -23.19 -21.82 -12.72
CA LEU C 77 -23.82 -22.39 -13.94
C LEU C 77 -24.21 -21.28 -14.92
N ILE C 78 -24.96 -20.25 -14.48
CA ILE C 78 -25.48 -19.17 -15.38
C ILE C 78 -24.31 -18.41 -16.04
N THR C 79 -23.25 -18.13 -15.28
CA THR C 79 -22.17 -17.23 -15.75
C THR C 79 -21.15 -18.03 -16.59
N ARG C 80 -21.00 -19.36 -16.37
CA ARG C 80 -19.93 -20.20 -17.02
C ARG C 80 -20.48 -21.16 -18.08
N LYS C 81 -21.68 -21.74 -17.90
CA LYS C 81 -22.07 -22.96 -18.65
C LYS C 81 -23.50 -22.86 -19.18
N TRP C 82 -24.13 -21.71 -19.02
CA TRP C 82 -25.54 -21.46 -19.39
C TRP C 82 -25.85 -21.96 -20.80
N LYS C 83 -24.95 -21.69 -21.75
CA LYS C 83 -25.26 -21.84 -23.21
C LYS C 83 -25.28 -23.32 -23.58
N LEU C 84 -24.72 -24.20 -22.72
CA LEU C 84 -24.79 -25.68 -22.86
C LEU C 84 -26.22 -26.19 -22.61
N LEU C 85 -27.07 -25.42 -21.93
CA LEU C 85 -28.43 -25.91 -21.55
C LEU C 85 -29.36 -25.79 -22.76
N PRO C 86 -30.23 -26.80 -22.98
CA PRO C 86 -31.33 -26.68 -23.94
C PRO C 86 -32.20 -25.45 -23.61
N ASN C 87 -32.82 -24.86 -24.64
CA ASN C 87 -33.67 -23.66 -24.50
C ASN C 87 -34.74 -23.91 -23.43
N ASP C 88 -35.38 -25.07 -23.47
CA ASP C 88 -36.49 -25.43 -22.53
C ASP C 88 -36.00 -25.31 -21.09
N HIS C 89 -34.79 -25.79 -20.81
CA HIS C 89 -34.19 -25.85 -19.46
C HIS C 89 -33.87 -24.41 -19.00
N ARG C 90 -33.32 -23.57 -19.89
CA ARG C 90 -32.99 -22.16 -19.60
C ARG C 90 -34.27 -21.38 -19.27
N ILE C 91 -35.34 -21.58 -20.05
CA ILE C 91 -36.66 -20.92 -19.82
C ILE C 91 -37.20 -21.40 -18.48
N GLY C 92 -36.99 -22.68 -18.13
CA GLY C 92 -37.47 -23.29 -16.87
C GLY C 92 -36.83 -22.59 -15.67
N ILE C 93 -35.50 -22.55 -15.63
CA ILE C 93 -34.72 -21.87 -14.56
C ILE C 93 -35.19 -20.40 -14.47
N ARG C 94 -35.20 -19.67 -15.58
CA ARG C 94 -35.67 -18.26 -15.66
C ARG C 94 -37.01 -18.10 -14.93
N ASN C 95 -38.00 -18.91 -15.27
CA ASN C 95 -39.40 -18.80 -14.76
C ASN C 95 -39.43 -19.16 -13.27
N PHE C 96 -38.71 -20.20 -12.84
CA PHE C 96 -38.56 -20.57 -11.41
C PHE C 96 -38.04 -19.35 -10.63
N VAL C 97 -36.96 -18.73 -11.11
CA VAL C 97 -36.30 -17.61 -10.40
C VAL C 97 -37.26 -16.44 -10.29
N VAL C 98 -37.89 -16.01 -11.40
CA VAL C 98 -38.90 -14.91 -11.38
C VAL C 98 -39.99 -15.26 -10.38
N GLY C 99 -40.54 -16.47 -10.46
CA GLY C 99 -41.59 -17.00 -9.57
C GLY C 99 -41.18 -16.98 -8.10
N MET C 100 -39.96 -17.42 -7.78
CA MET C 100 -39.47 -17.45 -6.39
C MET C 100 -39.36 -16.01 -5.88
N ILE C 101 -38.90 -15.05 -6.70
CA ILE C 101 -38.76 -13.62 -6.31
C ILE C 101 -40.16 -13.05 -6.02
N ILE C 102 -41.10 -13.19 -6.94
CA ILE C 102 -42.46 -12.60 -6.82
C ILE C 102 -43.12 -13.16 -5.55
N SER C 103 -42.99 -14.48 -5.34
CA SER C 103 -43.57 -15.19 -4.18
C SER C 103 -43.00 -14.63 -2.86
N MET C 104 -41.68 -14.48 -2.74
CA MET C 104 -41.04 -13.90 -1.53
C MET C 104 -41.53 -12.46 -1.28
N CYS C 105 -41.78 -11.70 -2.33
CA CYS C 105 -42.16 -10.26 -2.26
C CYS C 105 -43.64 -10.12 -1.84
N GLN C 106 -44.49 -11.06 -2.24
CA GLN C 106 -45.95 -11.00 -2.00
C GLN C 106 -46.25 -11.39 -0.55
N ASP C 107 -45.35 -12.12 0.10
CA ASP C 107 -45.40 -12.46 1.55
C ASP C 107 -44.71 -11.35 2.35
N ASP C 108 -45.46 -10.46 2.99
CA ASP C 108 -44.96 -9.29 3.76
C ASP C 108 -43.88 -9.71 4.76
N GLU C 109 -44.07 -10.85 5.44
CA GLU C 109 -43.16 -11.37 6.52
C GLU C 109 -41.79 -11.69 5.91
N VAL C 110 -41.78 -12.40 4.78
CA VAL C 110 -40.54 -12.83 4.04
C VAL C 110 -39.85 -11.58 3.47
N PHE C 111 -40.60 -10.69 2.81
CA PHE C 111 -40.06 -9.41 2.26
C PHE C 111 -39.30 -8.64 3.34
N LYS C 112 -39.86 -8.56 4.56
CA LYS C 112 -39.27 -7.78 5.68
C LYS C 112 -37.96 -8.42 6.14
N THR C 113 -37.94 -9.74 6.31
CA THR C 113 -36.94 -10.49 7.14
C THR C 113 -35.90 -11.23 6.29
N GLN C 114 -36.12 -11.42 4.97
CA GLN C 114 -35.24 -12.25 4.11
C GLN C 114 -34.59 -11.39 3.02
N LYS C 115 -34.21 -10.16 3.33
CA LYS C 115 -33.61 -9.22 2.36
C LYS C 115 -32.38 -9.86 1.72
N ASN C 116 -31.56 -10.58 2.50
CA ASN C 116 -30.36 -11.29 2.00
C ASN C 116 -30.74 -12.19 0.83
N LEU C 117 -31.71 -13.08 1.03
CA LEU C 117 -32.09 -14.10 0.04
C LEU C 117 -32.78 -13.44 -1.18
N ILE C 118 -33.59 -12.40 -0.97
CA ILE C 118 -34.27 -11.69 -2.10
C ILE C 118 -33.21 -10.97 -2.94
N ASN C 119 -32.26 -10.27 -2.32
CA ASN C 119 -31.21 -9.49 -3.01
C ASN C 119 -30.35 -10.46 -3.82
N LYS C 120 -30.03 -11.62 -3.26
CA LYS C 120 -29.22 -12.67 -3.92
C LYS C 120 -30.02 -13.20 -5.12
N SER C 121 -31.33 -13.39 -4.94
CA SER C 121 -32.25 -13.86 -6.01
C SER C 121 -32.27 -12.84 -7.15
N ASP C 122 -32.35 -11.56 -6.80
CA ASP C 122 -32.37 -10.44 -7.78
C ASP C 122 -31.08 -10.46 -8.59
N LEU C 123 -29.94 -10.66 -7.94
CA LEU C 123 -28.64 -10.67 -8.66
C LEU C 123 -28.63 -11.88 -9.57
N THR C 124 -29.18 -13.03 -9.15
CA THR C 124 -29.22 -14.26 -9.98
C THR C 124 -30.05 -14.01 -11.25
N LEU C 125 -31.23 -13.42 -11.11
CA LEU C 125 -32.06 -12.94 -12.23
C LEU C 125 -31.22 -12.04 -13.16
N VAL C 126 -30.44 -11.12 -12.61
CA VAL C 126 -29.66 -10.16 -13.46
C VAL C 126 -28.62 -10.96 -14.24
N GLN C 127 -28.05 -12.01 -13.64
CA GLN C 127 -27.08 -12.87 -14.35
C GLN C 127 -27.81 -13.55 -15.52
N ILE C 128 -29.08 -13.91 -15.34
CA ILE C 128 -29.88 -14.56 -16.41
C ILE C 128 -30.14 -13.52 -17.51
N LEU C 129 -30.49 -12.29 -17.14
CA LEU C 129 -30.73 -11.19 -18.12
C LEU C 129 -29.48 -10.96 -18.98
N LYS C 130 -28.30 -11.03 -18.38
CA LYS C 130 -27.03 -10.79 -19.11
C LYS C 130 -26.92 -11.84 -20.21
N GLN C 131 -27.45 -13.04 -19.96
CA GLN C 131 -27.34 -14.18 -20.90
C GLN C 131 -28.46 -14.12 -21.94
N GLU C 132 -29.67 -13.78 -21.52
CA GLU C 132 -30.93 -14.05 -22.27
C GLU C 132 -31.50 -12.78 -22.88
N TRP C 133 -31.16 -11.58 -22.39
CA TRP C 133 -31.97 -10.34 -22.61
C TRP C 133 -31.19 -9.32 -23.43
N PRO C 134 -31.84 -8.61 -24.38
CA PRO C 134 -33.25 -8.81 -24.71
C PRO C 134 -33.55 -9.88 -25.79
N GLN C 135 -32.55 -10.31 -26.56
CA GLN C 135 -32.72 -11.15 -27.78
C GLN C 135 -33.63 -12.35 -27.50
N ASN C 136 -33.51 -13.03 -26.35
CA ASN C 136 -34.32 -14.25 -26.03
C ASN C 136 -35.36 -13.93 -24.93
N TRP C 137 -35.71 -12.67 -24.73
CA TRP C 137 -36.64 -12.26 -23.63
C TRP C 137 -37.13 -10.83 -23.84
N PRO C 138 -37.72 -10.51 -25.01
CA PRO C 138 -38.02 -9.11 -25.36
C PRO C 138 -39.01 -8.41 -24.41
N GLU C 139 -39.78 -9.22 -23.66
CA GLU C 139 -40.95 -8.74 -22.87
C GLU C 139 -40.52 -8.45 -21.41
N PHE C 140 -39.26 -8.72 -21.04
CA PHE C 140 -38.82 -8.64 -19.62
C PHE C 140 -39.20 -7.28 -19.04
N ILE C 141 -38.81 -6.19 -19.71
CA ILE C 141 -39.01 -4.83 -19.15
C ILE C 141 -40.50 -4.50 -19.10
N PRO C 142 -41.27 -4.65 -20.20
CA PRO C 142 -42.73 -4.50 -20.15
C PRO C 142 -43.36 -5.28 -18.98
N GLU C 143 -43.03 -6.55 -18.79
CA GLU C 143 -43.61 -7.39 -17.71
C GLU C 143 -43.22 -6.89 -16.31
N LEU C 144 -41.98 -6.41 -16.15
CA LEU C 144 -41.48 -5.83 -14.88
C LEU C 144 -42.26 -4.54 -14.58
N ILE C 145 -42.40 -3.66 -15.56
CA ILE C 145 -43.21 -2.42 -15.44
C ILE C 145 -44.64 -2.81 -15.04
N GLY C 146 -45.24 -3.78 -15.74
CA GLY C 146 -46.60 -4.28 -15.48
C GLY C 146 -46.74 -4.80 -14.06
N SER C 147 -45.89 -5.76 -13.66
CA SER C 147 -45.93 -6.41 -12.33
C SER C 147 -45.70 -5.38 -11.20
N SER C 148 -45.20 -4.18 -11.52
CA SER C 148 -44.84 -3.16 -10.51
C SER C 148 -46.10 -2.51 -9.93
N SER C 149 -47.17 -2.35 -10.71
CA SER C 149 -48.45 -1.73 -10.21
C SER C 149 -49.26 -2.75 -9.39
N SER C 150 -48.96 -4.04 -9.47
CA SER C 150 -49.71 -5.11 -8.75
C SER C 150 -49.41 -5.10 -7.24
N SER C 151 -48.28 -4.51 -6.80
CA SER C 151 -47.82 -4.61 -5.39
C SER C 151 -46.68 -3.61 -5.12
N VAL C 152 -46.65 -3.02 -3.92
CA VAL C 152 -45.61 -2.04 -3.50
C VAL C 152 -44.30 -2.80 -3.22
N ASN C 153 -44.39 -4.04 -2.71
CA ASN C 153 -43.22 -4.91 -2.43
C ASN C 153 -42.54 -5.30 -3.74
N VAL C 154 -43.32 -5.66 -4.76
CA VAL C 154 -42.79 -6.13 -6.07
C VAL C 154 -42.16 -4.93 -6.77
N CYS C 155 -42.84 -3.78 -6.77
CA CYS C 155 -42.36 -2.51 -7.34
C CYS C 155 -40.99 -2.16 -6.73
N GLU C 156 -40.87 -2.25 -5.40
CA GLU C 156 -39.64 -1.87 -4.66
C GLU C 156 -38.52 -2.83 -5.06
N ASN C 157 -38.83 -4.13 -5.09
CA ASN C 157 -37.89 -5.19 -5.47
C ASN C 157 -37.48 -5.02 -6.94
N ASN C 158 -38.40 -4.60 -7.83
CA ASN C 158 -38.11 -4.34 -9.27
C ASN C 158 -37.11 -3.18 -9.40
N MET C 159 -37.13 -2.22 -8.46
CA MET C 159 -36.16 -1.11 -8.42
C MET C 159 -34.77 -1.67 -8.09
N ILE C 160 -34.70 -2.70 -7.23
CA ILE C 160 -33.42 -3.36 -6.85
C ILE C 160 -32.89 -4.10 -8.08
N VAL C 161 -33.77 -4.77 -8.82
CA VAL C 161 -33.37 -5.53 -10.04
C VAL C 161 -32.79 -4.55 -11.07
N LEU C 162 -33.46 -3.43 -11.29
CA LEU C 162 -33.06 -2.44 -12.33
C LEU C 162 -31.75 -1.74 -11.93
N LYS C 163 -31.54 -1.49 -10.64
CA LYS C 163 -30.29 -0.94 -10.08
C LYS C 163 -29.14 -1.92 -10.37
N LEU C 164 -29.30 -3.18 -10.00
CA LEU C 164 -28.28 -4.24 -10.24
C LEU C 164 -28.03 -4.40 -11.72
N LEU C 165 -29.08 -4.42 -12.54
CA LEU C 165 -28.92 -4.49 -14.01
C LEU C 165 -28.04 -3.33 -14.50
N SER C 166 -28.40 -2.08 -14.15
CA SER C 166 -27.64 -0.85 -14.53
C SER C 166 -26.16 -0.95 -14.10
N GLU C 167 -25.90 -1.38 -12.87
CA GLU C 167 -24.52 -1.62 -12.35
C GLU C 167 -23.82 -2.66 -13.25
N GLU C 168 -24.47 -3.78 -13.55
CA GLU C 168 -23.80 -4.91 -14.27
C GLU C 168 -23.48 -4.48 -15.70
N VAL C 169 -24.34 -3.67 -16.30
CA VAL C 169 -24.23 -3.27 -17.74
C VAL C 169 -23.30 -2.07 -17.91
N PHE C 170 -23.39 -1.06 -17.05
CA PHE C 170 -22.68 0.24 -17.22
C PHE C 170 -21.51 0.39 -16.24
N ASP C 171 -21.58 -0.16 -15.02
CA ASP C 171 -20.53 0.15 -14.00
C ASP C 171 -19.47 -0.95 -13.93
N PHE C 172 -19.80 -2.22 -14.19
CA PHE C 172 -18.87 -3.35 -13.93
C PHE C 172 -18.66 -4.19 -15.19
N SER C 173 -19.13 -3.74 -16.35
CA SER C 173 -19.10 -4.54 -17.61
C SER C 173 -17.67 -4.56 -18.19
N ALA C 174 -16.92 -3.47 -17.99
CA ALA C 174 -15.63 -3.22 -18.69
C ALA C 174 -14.77 -4.47 -18.59
N GLU C 175 -14.66 -5.05 -17.39
CA GLU C 175 -13.71 -6.17 -17.18
C GLU C 175 -14.42 -7.52 -17.35
N GLN C 176 -15.76 -7.58 -17.27
CA GLN C 176 -16.51 -8.86 -17.08
C GLN C 176 -17.15 -9.35 -18.37
N MET C 177 -17.25 -8.51 -19.40
CA MET C 177 -17.90 -8.84 -20.69
C MET C 177 -16.98 -8.49 -21.85
N THR C 178 -17.21 -9.09 -23.00
CA THR C 178 -16.57 -8.65 -24.26
C THR C 178 -17.08 -7.25 -24.56
N GLN C 179 -16.29 -6.49 -25.30
CA GLN C 179 -16.70 -5.14 -25.80
C GLN C 179 -18.04 -5.27 -26.53
N ALA C 180 -18.18 -6.23 -27.44
CA ALA C 180 -19.42 -6.40 -28.23
C ALA C 180 -20.61 -6.67 -27.30
N LYS C 181 -20.43 -7.51 -26.27
CA LYS C 181 -21.57 -7.87 -25.40
C LYS C 181 -21.93 -6.68 -24.49
N ALA C 182 -20.95 -5.91 -24.02
CA ALA C 182 -21.18 -4.71 -23.19
C ALA C 182 -21.97 -3.70 -24.04
N LEU C 183 -21.57 -3.47 -25.29
CA LEU C 183 -22.24 -2.50 -26.19
C LEU C 183 -23.69 -2.96 -26.39
N HIS C 184 -23.89 -4.27 -26.66
CA HIS C 184 -25.23 -4.86 -26.88
C HIS C 184 -26.15 -4.56 -25.68
N LEU C 185 -25.71 -4.84 -24.46
CA LEU C 185 -26.55 -4.65 -23.25
C LEU C 185 -26.74 -3.15 -22.98
N LYS C 186 -25.72 -2.31 -23.18
CA LYS C 186 -25.86 -0.84 -23.04
C LYS C 186 -26.93 -0.32 -24.02
N ASN C 187 -26.87 -0.67 -25.31
CA ASN C 187 -27.85 -0.21 -26.32
C ASN C 187 -29.22 -0.74 -25.94
N SER C 188 -29.30 -1.98 -25.48
CA SER C 188 -30.57 -2.62 -25.05
C SER C 188 -31.19 -1.83 -23.88
N MET C 189 -30.41 -1.44 -22.87
CA MET C 189 -30.96 -0.70 -21.71
C MET C 189 -31.32 0.72 -22.16
N SER C 190 -30.48 1.31 -22.98
CA SER C 190 -30.73 2.64 -23.57
C SER C 190 -32.06 2.64 -24.34
N LYS C 191 -32.28 1.65 -25.21
CA LYS C 191 -33.50 1.55 -26.07
C LYS C 191 -34.76 1.50 -25.21
N GLU C 192 -34.72 0.85 -24.04
CA GLU C 192 -35.93 0.63 -23.21
C GLU C 192 -35.97 1.58 -22.01
N PHE C 193 -35.04 2.53 -21.91
CA PHE C 193 -34.95 3.38 -20.69
C PHE C 193 -36.19 4.28 -20.55
N GLU C 194 -36.72 4.79 -21.67
CA GLU C 194 -37.89 5.71 -21.67
C GLU C 194 -38.98 5.11 -20.77
N GLN C 195 -39.26 3.81 -20.96
CA GLN C 195 -40.30 3.07 -20.19
C GLN C 195 -39.84 2.92 -18.74
N ILE C 196 -38.56 2.63 -18.49
CA ILE C 196 -38.07 2.46 -17.09
C ILE C 196 -38.21 3.80 -16.34
N PHE C 197 -37.87 4.91 -17.00
CA PHE C 197 -37.84 6.25 -16.37
C PHE C 197 -39.27 6.67 -16.01
N LYS C 198 -40.18 6.54 -16.97
CA LYS C 198 -41.65 6.77 -16.78
C LYS C 198 -42.05 6.12 -15.45
N LEU C 199 -41.67 4.87 -15.19
CA LEU C 199 -42.07 4.14 -13.95
C LEU C 199 -41.40 4.78 -12.74
N CYS C 200 -40.09 5.05 -12.82
N CYS C 200 -40.07 5.01 -12.83
CA CYS C 200 -39.33 5.64 -11.70
CA CYS C 200 -39.21 5.69 -11.81
C CYS C 200 -39.93 7.01 -11.34
C CYS C 200 -39.91 6.98 -11.36
N PHE C 201 -40.26 7.83 -12.33
CA PHE C 201 -40.84 9.18 -12.14
C PHE C 201 -42.22 9.08 -11.46
N GLN C 202 -43.07 8.17 -11.93
CA GLN C 202 -44.42 7.96 -11.35
C GLN C 202 -44.25 7.63 -9.86
N VAL C 203 -43.42 6.65 -9.52
CA VAL C 203 -43.20 6.25 -8.09
C VAL C 203 -42.75 7.48 -7.29
N LEU C 204 -41.81 8.26 -7.80
CA LEU C 204 -41.26 9.45 -7.08
C LEU C 204 -42.37 10.52 -6.95
N GLU C 205 -43.15 10.77 -8.00
CA GLU C 205 -44.32 11.71 -7.97
C GLU C 205 -45.40 11.18 -7.01
N GLN C 206 -45.78 9.91 -7.15
CA GLN C 206 -46.93 9.28 -6.44
C GLN C 206 -46.56 9.01 -4.98
N GLY C 207 -45.26 8.86 -4.70
CA GLY C 207 -44.70 8.88 -3.33
C GLY C 207 -45.27 7.77 -2.46
N SER C 208 -45.48 8.11 -1.19
CA SER C 208 -46.08 7.29 -0.10
C SER C 208 -45.00 6.45 0.60
N SER C 209 -44.74 5.20 0.20
CA SER C 209 -43.85 4.28 0.96
C SER C 209 -42.39 4.76 0.89
N SER C 210 -41.73 4.97 2.03
CA SER C 210 -40.34 5.49 2.04
C SER C 210 -39.39 4.39 1.55
N SER C 211 -39.56 3.12 1.94
CA SER C 211 -38.65 2.04 1.48
C SER C 211 -38.71 1.94 -0.07
N LEU C 212 -39.88 2.13 -0.67
CA LEU C 212 -40.06 2.12 -2.15
C LEU C 212 -39.37 3.35 -2.77
N ILE C 213 -39.57 4.52 -2.19
CA ILE C 213 -38.95 5.79 -2.65
C ILE C 213 -37.42 5.67 -2.58
N VAL C 214 -36.89 5.16 -1.47
CA VAL C 214 -35.43 5.00 -1.28
C VAL C 214 -34.89 4.02 -2.34
N ALA C 215 -35.51 2.88 -2.56
CA ALA C 215 -35.07 1.90 -3.58
C ALA C 215 -35.07 2.58 -4.96
N THR C 216 -36.09 3.38 -5.27
CA THR C 216 -36.21 4.09 -6.57
C THR C 216 -35.07 5.10 -6.71
N LEU C 217 -34.77 5.88 -5.66
CA LEU C 217 -33.66 6.87 -5.70
C LEU C 217 -32.30 6.15 -5.79
N GLU C 218 -32.16 4.99 -5.14
CA GLU C 218 -30.96 4.14 -5.25
C GLU C 218 -30.80 3.74 -6.73
N SER C 219 -31.85 3.35 -7.44
CA SER C 219 -31.72 2.99 -8.88
C SER C 219 -31.40 4.26 -9.69
N LEU C 220 -32.01 5.40 -9.37
CA LEU C 220 -31.70 6.68 -10.06
C LEU C 220 -30.20 7.05 -9.98
N LEU C 221 -29.57 6.88 -8.81
CA LEU C 221 -28.12 7.14 -8.62
C LEU C 221 -27.31 6.40 -9.70
N ARG C 222 -27.64 5.12 -9.93
CA ARG C 222 -27.00 4.27 -10.97
C ARG C 222 -27.31 4.80 -12.37
N TYR C 223 -28.59 5.11 -12.67
CA TYR C 223 -28.99 5.69 -13.99
C TYR C 223 -28.17 6.94 -14.30
N LEU C 224 -27.88 7.78 -13.31
CA LEU C 224 -27.24 9.10 -13.53
C LEU C 224 -25.81 8.95 -14.04
N HIS C 225 -25.19 7.77 -13.88
CA HIS C 225 -23.85 7.46 -14.44
C HIS C 225 -23.90 7.44 -15.98
N TRP C 226 -25.06 7.24 -16.61
CA TRP C 226 -25.09 7.04 -18.08
C TRP C 226 -26.26 7.74 -18.81
N ILE C 227 -27.36 8.09 -18.16
CA ILE C 227 -28.54 8.61 -18.92
C ILE C 227 -28.27 10.04 -19.40
N PRO C 228 -28.92 10.45 -20.51
CA PRO C 228 -28.82 11.82 -20.99
C PRO C 228 -29.43 12.83 -20.02
N TYR C 229 -28.92 14.06 -20.02
CA TYR C 229 -29.32 15.16 -19.09
C TYR C 229 -30.83 15.44 -19.19
N ARG C 230 -31.44 15.24 -20.36
CA ARG C 230 -32.83 15.73 -20.58
C ARG C 230 -33.80 15.02 -19.63
N TYR C 231 -33.54 13.78 -19.22
CA TYR C 231 -34.42 13.05 -18.28
C TYR C 231 -34.43 13.75 -16.91
N ILE C 232 -33.44 14.58 -16.63
CA ILE C 232 -33.31 15.28 -15.31
C ILE C 232 -33.79 16.72 -15.43
N TYR C 233 -33.32 17.44 -16.45
CA TYR C 233 -33.59 18.88 -16.66
C TYR C 233 -34.93 19.13 -17.38
N GLU C 234 -35.49 18.18 -18.14
CA GLU C 234 -36.74 18.41 -18.93
C GLU C 234 -37.93 17.69 -18.28
N THR C 235 -37.79 17.31 -17.01
CA THR C 235 -38.89 16.73 -16.20
C THR C 235 -38.90 17.46 -14.86
N ASN C 236 -39.84 17.11 -14.01
CA ASN C 236 -40.02 17.75 -12.68
C ASN C 236 -38.97 17.19 -11.72
N ILE C 237 -38.13 16.27 -12.17
CA ILE C 237 -37.32 15.45 -11.24
C ILE C 237 -36.31 16.33 -10.50
N LEU C 238 -35.65 17.30 -11.13
CA LEU C 238 -34.69 18.18 -10.42
C LEU C 238 -35.37 18.81 -9.20
N GLU C 239 -36.58 19.34 -9.40
CA GLU C 239 -37.35 20.01 -8.33
C GLU C 239 -37.66 19.02 -7.21
N LEU C 240 -38.09 17.80 -7.52
CA LEU C 240 -38.47 16.82 -6.47
C LEU C 240 -37.23 16.51 -5.64
N LEU C 241 -36.11 16.22 -6.32
CA LEU C 241 -34.84 15.85 -5.63
C LEU C 241 -34.44 16.97 -4.69
N SER C 242 -34.48 18.23 -5.15
CA SER C 242 -33.86 19.37 -4.42
C SER C 242 -34.82 20.01 -3.39
N THR C 243 -36.07 19.54 -3.27
CA THR C 243 -37.07 20.08 -2.30
C THR C 243 -37.60 18.91 -1.45
N LYS C 244 -38.61 18.23 -1.95
CA LYS C 244 -39.33 17.12 -1.28
C LYS C 244 -38.36 16.11 -0.67
N PHE C 245 -37.45 15.55 -1.45
CA PHE C 245 -36.62 14.39 -1.01
C PHE C 245 -35.48 14.86 -0.10
N MET C 246 -35.16 16.15 -0.08
CA MET C 246 -34.19 16.69 0.89
C MET C 246 -34.84 16.90 2.27
N THR C 247 -36.16 17.05 2.35
CA THR C 247 -36.87 17.39 3.61
C THR C 247 -36.99 16.18 4.54
N SER C 248 -37.17 14.96 4.01
CA SER C 248 -37.30 13.75 4.87
C SER C 248 -35.95 13.06 4.98
N PRO C 249 -35.52 12.65 6.21
CA PRO C 249 -34.18 12.10 6.40
C PRO C 249 -33.94 10.68 5.84
N ASP C 250 -35.00 9.89 5.70
CA ASP C 250 -34.98 8.56 5.00
C ASP C 250 -34.46 8.73 3.55
N THR C 251 -34.88 9.76 2.82
CA THR C 251 -34.56 9.97 1.37
C THR C 251 -33.36 10.91 1.17
N ARG C 252 -32.89 11.57 2.23
CA ARG C 252 -31.98 12.75 2.16
C ARG C 252 -30.58 12.31 1.72
N ALA C 253 -30.05 11.25 2.31
CA ALA C 253 -28.68 10.79 2.02
C ALA C 253 -28.61 10.36 0.54
N ILE C 254 -29.58 9.57 0.07
CA ILE C 254 -29.56 9.08 -1.34
C ILE C 254 -29.79 10.25 -2.30
N THR C 255 -30.66 11.20 -1.94
CA THR C 255 -30.98 12.36 -2.78
C THR C 255 -29.74 13.23 -2.97
N LEU C 256 -29.02 13.50 -1.90
CA LEU C 256 -27.74 14.25 -1.95
C LEU C 256 -26.76 13.55 -2.90
N LYS C 257 -26.67 12.22 -2.83
CA LYS C 257 -25.71 11.50 -3.71
C LYS C 257 -26.20 11.59 -5.16
N CYS C 258 -27.52 11.53 -5.39
CA CYS C 258 -28.11 11.74 -6.74
C CYS C 258 -27.73 13.15 -7.23
N LEU C 259 -27.86 14.17 -6.36
CA LEU C 259 -27.66 15.58 -6.79
C LEU C 259 -26.17 15.82 -7.04
N THR C 260 -25.31 15.09 -6.36
CA THR C 260 -23.87 15.11 -6.66
C THR C 260 -23.65 14.58 -8.08
N GLU C 261 -24.30 13.48 -8.45
CA GLU C 261 -24.13 12.90 -9.81
C GLU C 261 -24.84 13.79 -10.84
N VAL C 262 -25.96 14.42 -10.48
CA VAL C 262 -26.64 15.42 -11.37
C VAL C 262 -25.62 16.51 -11.70
N SER C 263 -24.86 16.96 -10.71
CA SER C 263 -23.85 18.03 -10.87
C SER C 263 -22.76 17.61 -11.88
N ASN C 264 -22.58 16.29 -12.10
CA ASN C 264 -21.57 15.74 -13.06
C ASN C 264 -22.20 15.36 -14.42
N LEU C 265 -23.47 15.61 -14.70
CA LEU C 265 -24.08 15.25 -16.02
C LEU C 265 -23.41 16.04 -17.12
N LYS C 266 -23.31 15.48 -18.34
CA LYS C 266 -22.86 16.20 -19.56
C LYS C 266 -24.05 17.10 -19.94
N ILE C 267 -23.84 18.41 -19.98
CA ILE C 267 -24.90 19.47 -20.06
C ILE C 267 -24.46 20.51 -21.10
N PRO C 268 -25.36 21.02 -21.97
CA PRO C 268 -25.02 22.12 -22.88
C PRO C 268 -24.57 23.39 -22.15
N GLN C 269 -23.56 24.10 -22.66
CA GLN C 269 -22.83 25.21 -21.98
C GLN C 269 -23.35 26.62 -22.31
N ASP C 270 -24.27 26.74 -23.27
CA ASP C 270 -24.60 28.03 -23.95
C ASP C 270 -26.12 28.25 -23.88
N ASN C 271 -26.73 27.83 -22.78
CA ASN C 271 -28.21 27.76 -22.62
C ASN C 271 -28.60 28.34 -21.26
N ASP C 272 -29.17 29.55 -21.26
CA ASP C 272 -29.53 30.32 -20.04
C ASP C 272 -30.57 29.57 -19.20
N LEU C 273 -31.51 28.84 -19.81
CA LEU C 273 -32.58 28.15 -19.04
C LEU C 273 -31.95 27.03 -18.20
N ILE C 274 -31.01 26.29 -18.79
CA ILE C 274 -30.32 25.19 -18.10
C ILE C 274 -29.45 25.79 -16.97
N LYS C 275 -28.74 26.87 -17.23
CA LYS C 275 -27.94 27.58 -16.19
C LYS C 275 -28.85 27.93 -15.02
N ARG C 276 -30.04 28.47 -15.28
CA ARG C 276 -30.98 28.86 -14.21
C ARG C 276 -31.48 27.62 -13.48
N GLN C 277 -31.73 26.52 -14.19
CA GLN C 277 -32.15 25.28 -13.51
C GLN C 277 -31.03 24.75 -12.61
N THR C 278 -29.77 24.91 -13.02
CA THR C 278 -28.59 24.41 -12.27
C THR C 278 -28.47 25.21 -10.97
N VAL C 279 -28.63 26.54 -11.06
CA VAL C 279 -28.68 27.46 -9.90
C VAL C 279 -29.81 27.03 -8.97
N LEU C 280 -31.01 26.81 -9.52
CA LEU C 280 -32.25 26.62 -8.72
C LEU C 280 -32.11 25.36 -7.84
N PHE C 281 -31.67 24.24 -8.41
CA PHE C 281 -31.64 22.97 -7.64
C PHE C 281 -30.63 23.15 -6.50
N PHE C 282 -29.59 23.95 -6.72
CA PHE C 282 -28.56 24.23 -5.68
C PHE C 282 -29.20 25.07 -4.58
N GLN C 283 -29.86 26.15 -4.96
CA GLN C 283 -30.57 27.06 -4.02
C GLN C 283 -31.59 26.27 -3.21
N ASN C 284 -32.40 25.44 -3.86
CA ASN C 284 -33.42 24.59 -3.20
C ASN C 284 -32.74 23.64 -2.21
N THR C 285 -31.61 23.03 -2.59
CA THR C 285 -30.96 22.01 -1.75
C THR C 285 -30.43 22.68 -0.48
N LEU C 286 -29.74 23.81 -0.63
CA LEU C 286 -29.13 24.55 0.51
C LEU C 286 -30.25 25.09 1.41
N GLN C 287 -31.36 25.57 0.83
CA GLN C 287 -32.51 26.06 1.63
C GLN C 287 -33.06 24.91 2.48
N GLN C 288 -33.25 23.72 1.91
CA GLN C 288 -33.78 22.57 2.70
C GLN C 288 -32.79 22.20 3.81
N ILE C 289 -31.48 22.31 3.58
CA ILE C 289 -30.43 22.00 4.60
C ILE C 289 -30.60 22.99 5.75
N ALA C 290 -30.62 24.28 5.42
CA ALA C 290 -30.67 25.41 6.38
C ALA C 290 -31.95 25.33 7.25
N THR C 291 -33.06 24.84 6.70
CA THR C 291 -34.39 24.86 7.37
C THR C 291 -34.68 23.50 8.04
N SER C 292 -34.29 22.37 7.45
CA SER C 292 -34.68 21.03 7.96
C SER C 292 -33.51 20.32 8.67
N VAL C 293 -32.26 20.75 8.48
CA VAL C 293 -31.10 19.98 9.05
C VAL C 293 -30.28 20.84 10.00
N MET C 294 -29.59 21.87 9.51
CA MET C 294 -28.87 22.77 10.42
C MET C 294 -28.58 24.09 9.70
N PRO C 295 -28.61 25.21 10.44
CA PRO C 295 -28.22 26.50 9.87
C PRO C 295 -26.73 26.61 9.58
N VAL C 296 -26.37 27.66 8.83
CA VAL C 296 -25.00 27.90 8.32
C VAL C 296 -24.05 28.04 9.51
N THR C 297 -24.55 28.55 10.64
CA THR C 297 -23.73 28.82 11.84
C THR C 297 -23.42 27.52 12.60
N ALA C 298 -24.09 26.41 12.31
CA ALA C 298 -24.03 25.21 13.19
C ALA C 298 -22.58 24.71 13.33
N ASP C 299 -22.27 24.16 14.51
CA ASP C 299 -20.94 23.60 14.83
C ASP C 299 -20.90 22.14 14.35
N LEU C 300 -20.48 21.95 13.09
CA LEU C 300 -20.45 20.64 12.42
C LEU C 300 -19.33 19.78 13.04
N LYS C 301 -18.27 20.40 13.52
CA LYS C 301 -17.19 19.68 14.25
C LYS C 301 -17.81 18.93 15.41
N ALA C 302 -18.60 19.61 16.23
CA ALA C 302 -19.30 19.04 17.40
C ALA C 302 -20.28 17.95 16.94
N THR C 303 -21.10 18.24 15.93
CA THR C 303 -22.11 17.29 15.44
C THR C 303 -21.40 16.01 14.98
N TYR C 304 -20.40 16.15 14.11
CA TYR C 304 -19.68 14.99 13.54
C TYR C 304 -19.12 14.15 14.70
N ALA C 305 -18.43 14.80 15.65
CA ALA C 305 -17.77 14.14 16.82
C ALA C 305 -18.82 13.31 17.58
N ASN C 306 -20.02 13.84 17.77
CA ASN C 306 -21.09 13.21 18.60
C ASN C 306 -21.56 11.94 17.88
N ALA C 307 -21.44 11.88 16.55
CA ALA C 307 -21.63 10.65 15.74
C ALA C 307 -23.04 10.06 15.94
N ASN C 308 -24.07 10.91 16.12
CA ASN C 308 -25.49 10.47 16.26
C ASN C 308 -25.99 9.93 14.93
N GLY C 309 -26.64 8.75 14.94
CA GLY C 309 -27.27 8.15 13.76
C GLY C 309 -26.36 8.22 12.55
N ASN C 310 -26.86 8.79 11.43
CA ASN C 310 -26.15 8.81 10.11
C ASN C 310 -25.51 10.17 9.87
N ASP C 311 -25.28 10.94 10.93
CA ASP C 311 -24.80 12.33 10.85
C ASP C 311 -23.47 12.36 10.09
N GLN C 312 -22.58 11.41 10.35
CA GLN C 312 -21.20 11.44 9.80
C GLN C 312 -21.28 11.25 8.28
N SER C 313 -22.03 10.25 7.84
CA SER C 313 -22.28 9.96 6.41
C SER C 313 -22.96 11.15 5.72
N PHE C 314 -23.95 11.74 6.36
CA PHE C 314 -24.68 12.91 5.81
C PHE C 314 -23.69 14.07 5.58
N LEU C 315 -22.87 14.37 6.58
CA LEU C 315 -21.90 15.49 6.51
C LEU C 315 -20.82 15.21 5.45
N GLN C 316 -20.32 13.98 5.36
CA GLN C 316 -19.43 13.55 4.24
C GLN C 316 -20.10 13.81 2.90
N ASP C 317 -21.34 13.33 2.73
CA ASP C 317 -22.10 13.48 1.46
C ASP C 317 -22.32 14.97 1.16
N LEU C 318 -22.54 15.80 2.17
CA LEU C 318 -22.77 17.25 1.94
C LEU C 318 -21.46 17.87 1.44
N ALA C 319 -20.32 17.51 2.04
CA ALA C 319 -19.01 18.02 1.58
C ALA C 319 -18.81 17.59 0.12
N MET C 320 -19.14 16.35 -0.22
CA MET C 320 -18.99 15.83 -1.60
C MET C 320 -19.90 16.61 -2.55
N PHE C 321 -21.17 16.86 -2.17
CA PHE C 321 -22.11 17.66 -2.98
C PHE C 321 -21.62 19.11 -3.16
N LEU C 322 -21.30 19.82 -2.10
CA LEU C 322 -20.86 21.24 -2.19
C LEU C 322 -19.59 21.35 -3.04
N THR C 323 -18.55 20.55 -2.80
CA THR C 323 -17.25 20.64 -3.53
C THR C 323 -17.47 20.28 -5.01
N THR C 324 -18.27 19.25 -5.31
CA THR C 324 -18.54 18.83 -6.71
C THR C 324 -19.28 19.95 -7.46
N TYR C 325 -20.38 20.43 -6.89
CA TYR C 325 -21.21 21.45 -7.57
C TYR C 325 -20.37 22.73 -7.74
N LEU C 326 -19.72 23.21 -6.69
CA LEU C 326 -19.05 24.53 -6.72
C LEU C 326 -17.85 24.47 -7.65
N ALA C 327 -17.08 23.38 -7.66
CA ALA C 327 -15.90 23.24 -8.55
C ALA C 327 -16.35 23.38 -10.01
N ARG C 328 -17.55 22.92 -10.33
CA ARG C 328 -18.07 23.04 -11.70
C ARG C 328 -18.79 24.39 -11.91
N ASN C 329 -19.59 24.87 -10.94
CA ASN C 329 -20.70 25.81 -11.20
C ASN C 329 -20.58 27.14 -10.46
N ARG C 330 -19.52 27.38 -9.69
CA ARG C 330 -19.55 28.58 -8.81
C ARG C 330 -19.58 29.85 -9.66
N ALA C 331 -19.06 29.84 -10.88
CA ALA C 331 -19.11 31.01 -11.80
C ALA C 331 -20.57 31.38 -12.06
N LEU C 332 -21.48 30.42 -12.06
CA LEU C 332 -22.93 30.68 -12.22
C LEU C 332 -23.43 31.58 -11.09
N LEU C 333 -22.80 31.56 -9.92
CA LEU C 333 -23.31 32.28 -8.73
C LEU C 333 -22.53 33.57 -8.48
N GLU C 334 -21.47 33.86 -9.23
CA GLU C 334 -20.48 34.90 -8.85
C GLU C 334 -20.85 36.29 -9.39
N SER C 335 -21.47 36.40 -10.56
CA SER C 335 -21.67 37.73 -11.22
C SER C 335 -23.09 38.29 -11.01
N ASP C 336 -23.97 37.60 -10.28
CA ASP C 336 -25.35 38.06 -10.00
C ASP C 336 -25.50 38.35 -8.50
N GLU C 337 -25.84 39.58 -8.14
CA GLU C 337 -25.86 40.09 -6.75
C GLU C 337 -26.86 39.28 -5.92
N SER C 338 -27.93 38.81 -6.54
CA SER C 338 -29.02 38.08 -5.86
C SER C 338 -28.58 36.65 -5.52
N LEU C 339 -27.47 36.16 -6.10
CA LEU C 339 -26.95 34.79 -5.78
C LEU C 339 -25.72 34.85 -4.87
N ARG C 340 -25.33 36.04 -4.41
CA ARG C 340 -24.12 36.24 -3.58
C ARG C 340 -24.31 35.51 -2.24
N GLU C 341 -25.50 35.62 -1.64
CA GLU C 341 -25.76 35.03 -0.31
C GLU C 341 -25.67 33.50 -0.42
N LEU C 342 -26.26 32.94 -1.45
CA LEU C 342 -26.22 31.49 -1.73
C LEU C 342 -24.77 31.04 -1.90
N LEU C 343 -24.00 31.76 -2.72
CA LEU C 343 -22.57 31.45 -2.95
C LEU C 343 -21.81 31.45 -1.62
N LEU C 344 -21.97 32.48 -0.80
CA LEU C 344 -21.15 32.58 0.42
C LEU C 344 -21.66 31.59 1.49
N ASN C 345 -22.97 31.35 1.58
CA ASN C 345 -23.52 30.35 2.53
C ASN C 345 -23.00 28.96 2.17
N ALA C 346 -22.98 28.57 0.90
CA ALA C 346 -22.43 27.27 0.44
C ALA C 346 -20.96 27.13 0.91
N HIS C 347 -20.17 28.17 0.70
CA HIS C 347 -18.75 28.22 1.13
C HIS C 347 -18.65 28.22 2.66
N GLN C 348 -19.60 28.86 3.36
CA GLN C 348 -19.58 28.91 4.84
C GLN C 348 -19.87 27.50 5.38
N TYR C 349 -20.78 26.75 4.78
CA TYR C 349 -20.97 25.31 5.13
C TYR C 349 -19.64 24.58 4.94
N LEU C 350 -18.91 24.87 3.86
CA LEU C 350 -17.63 24.16 3.62
C LEU C 350 -16.61 24.55 4.67
N ILE C 351 -16.53 25.83 5.07
CA ILE C 351 -15.66 26.26 6.20
C ILE C 351 -16.02 25.41 7.44
N GLN C 352 -17.30 25.28 7.76
CA GLN C 352 -17.72 24.50 8.97
C GLN C 352 -17.33 23.03 8.79
N LEU C 353 -17.51 22.46 7.60
CA LEU C 353 -17.17 21.04 7.33
C LEU C 353 -15.66 20.81 7.48
N SER C 354 -14.85 21.82 7.13
CA SER C 354 -13.37 21.84 7.13
C SER C 354 -12.86 21.79 8.56
N LYS C 355 -13.70 22.09 9.56
CA LYS C 355 -13.27 22.12 10.98
C LYS C 355 -13.52 20.74 11.61
N ILE C 356 -14.23 19.86 10.93
CA ILE C 356 -14.47 18.46 11.42
C ILE C 356 -13.11 17.76 11.58
N GLU C 357 -12.90 17.14 12.74
CA GLU C 357 -11.73 16.31 13.05
C GLU C 357 -11.96 14.93 12.40
N GLU C 358 -11.52 14.81 11.15
CA GLU C 358 -11.67 13.60 10.31
C GLU C 358 -10.78 13.83 9.09
N ARG C 359 -9.62 13.17 9.09
CA ARG C 359 -8.53 13.41 8.14
C ARG C 359 -9.07 13.27 6.73
N GLU C 360 -9.81 12.20 6.45
CA GLU C 360 -10.21 11.91 5.04
C GLU C 360 -11.22 12.94 4.56
N LEU C 361 -12.09 13.43 5.44
CA LEU C 361 -13.07 14.49 5.09
C LEU C 361 -12.30 15.80 4.84
N PHE C 362 -11.39 16.13 5.74
CA PHE C 362 -10.52 17.33 5.62
C PHE C 362 -9.85 17.31 4.25
N LYS C 363 -9.35 16.17 3.79
CA LYS C 363 -8.63 16.09 2.48
C LYS C 363 -9.58 16.40 1.34
N THR C 364 -10.83 15.97 1.46
CA THR C 364 -11.84 16.20 0.40
C THR C 364 -12.10 17.71 0.31
N THR C 365 -12.33 18.36 1.45
CA THR C 365 -12.60 19.82 1.47
C THR C 365 -11.33 20.55 1.01
N LEU C 366 -10.14 20.06 1.40
CA LEU C 366 -8.83 20.71 1.04
C LEU C 366 -8.63 20.71 -0.48
N ASP C 367 -9.00 19.62 -1.16
CA ASP C 367 -8.92 19.54 -2.64
C ASP C 367 -9.79 20.67 -3.23
N TYR C 368 -10.98 20.91 -2.68
CA TYR C 368 -11.83 22.03 -3.16
C TYR C 368 -11.13 23.36 -2.88
N TRP C 369 -10.67 23.61 -1.65
CA TRP C 369 -10.02 24.89 -1.30
C TRP C 369 -8.84 25.19 -2.23
N HIS C 370 -8.04 24.18 -2.54
CA HIS C 370 -6.92 24.29 -3.52
C HIS C 370 -7.43 24.77 -4.87
N ASN C 371 -8.49 24.16 -5.40
CA ASN C 371 -9.14 24.58 -6.66
C ASN C 371 -9.60 26.05 -6.52
N LEU C 372 -10.18 26.45 -5.39
CA LEU C 372 -10.75 27.82 -5.28
C LEU C 372 -9.60 28.83 -5.26
N VAL C 373 -8.60 28.64 -4.38
CA VAL C 373 -7.63 29.72 -4.11
C VAL C 373 -6.69 29.82 -5.31
N ALA C 374 -6.45 28.70 -6.01
CA ALA C 374 -5.73 28.68 -7.31
C ALA C 374 -6.46 29.55 -8.32
N ASP C 375 -7.79 29.41 -8.41
CA ASP C 375 -8.67 30.26 -9.23
C ASP C 375 -8.56 31.76 -8.87
N LEU C 376 -8.66 32.12 -7.60
CA LEU C 376 -8.59 33.52 -7.12
C LEU C 376 -7.22 34.10 -7.40
N PHE C 377 -6.18 33.27 -7.42
CA PHE C 377 -4.79 33.68 -7.73
C PHE C 377 -4.72 34.15 -9.20
N TYR C 378 -5.47 33.52 -10.10
CA TYR C 378 -5.33 33.83 -11.55
C TYR C 378 -6.53 34.54 -12.17
N GLU C 379 -7.74 34.19 -11.76
CA GLU C 379 -8.94 34.74 -12.42
C GLU C 379 -9.20 36.19 -11.99
N PRO C 380 -9.32 37.11 -12.97
CA PRO C 380 -9.58 38.52 -12.72
C PRO C 380 -10.92 38.84 -12.08
N LEU C 381 -10.89 39.76 -11.12
CA LEU C 381 -12.06 40.34 -10.38
C LEU C 381 -12.80 39.32 -9.53
N LYS C 382 -12.13 38.34 -8.94
CA LYS C 382 -12.86 37.30 -8.18
C LYS C 382 -12.48 37.29 -6.68
N LYS C 383 -11.23 37.59 -6.31
CA LYS C 383 -10.77 37.35 -4.91
C LYS C 383 -11.68 38.11 -3.93
N HIS C 384 -12.09 39.36 -4.23
CA HIS C 384 -12.86 40.25 -3.30
C HIS C 384 -14.15 39.58 -2.79
N ILE C 385 -14.82 38.78 -3.63
CA ILE C 385 -16.04 37.98 -3.33
C ILE C 385 -15.78 37.13 -2.07
N TYR C 386 -14.61 36.50 -2.01
CA TYR C 386 -14.29 35.43 -1.06
C TYR C 386 -13.44 35.92 0.12
N GLU C 387 -13.25 37.22 0.32
CA GLU C 387 -12.30 37.74 1.35
C GLU C 387 -12.61 37.12 2.71
N GLU C 388 -13.87 37.11 3.15
CA GLU C 388 -14.22 36.63 4.51
C GLU C 388 -14.11 35.10 4.57
N ILE C 389 -14.47 34.41 3.49
CA ILE C 389 -14.24 32.94 3.37
C ILE C 389 -12.74 32.63 3.49
N CYS C 390 -11.89 33.37 2.78
CA CYS C 390 -10.42 33.17 2.75
C CYS C 390 -9.82 33.44 4.13
N SER C 391 -10.33 34.44 4.85
CA SER C 391 -9.80 34.81 6.19
C SER C 391 -10.02 33.65 7.15
N GLN C 392 -11.22 33.08 7.14
CA GLN C 392 -11.56 31.92 7.99
C GLN C 392 -10.71 30.72 7.55
N LEU C 393 -10.51 30.52 6.24
CA LEU C 393 -9.74 29.38 5.70
C LEU C 393 -8.27 29.50 6.15
N ARG C 394 -7.70 30.71 6.21
CA ARG C 394 -6.30 30.86 6.68
C ARG C 394 -6.22 30.23 8.09
N LEU C 395 -7.19 30.53 8.96
CA LEU C 395 -7.12 30.02 10.37
C LEU C 395 -7.29 28.48 10.34
N VAL C 396 -8.20 27.97 9.53
CA VAL C 396 -8.45 26.51 9.43
C VAL C 396 -7.15 25.80 8.97
N ILE C 397 -6.47 26.31 7.95
CA ILE C 397 -5.25 25.63 7.41
C ILE C 397 -4.13 25.71 8.44
N ILE C 398 -3.90 26.87 9.05
CA ILE C 398 -2.79 27.07 10.02
C ILE C 398 -3.02 26.14 11.21
N GLU C 399 -4.25 26.03 11.72
CA GLU C 399 -4.54 25.18 12.90
C GLU C 399 -4.48 23.69 12.53
N ASN C 400 -4.46 23.34 11.25
CA ASN C 400 -4.51 21.92 10.78
C ASN C 400 -3.23 21.52 10.06
N MET C 401 -2.20 22.38 10.05
CA MET C 401 -0.94 22.09 9.33
C MET C 401 -0.33 20.82 9.94
N VAL C 402 0.08 19.91 9.08
CA VAL C 402 0.76 18.65 9.50
C VAL C 402 2.25 18.83 9.20
N ARG C 403 3.07 17.96 9.75
CA ARG C 403 4.54 17.99 9.55
C ARG C 403 4.86 17.64 8.11
N PRO C 404 5.96 18.18 7.56
CA PRO C 404 6.32 17.91 6.17
C PRO C 404 6.57 16.44 5.81
N GLU C 405 6.70 15.59 6.83
CA GLU C 405 6.88 14.13 6.64
C GLU C 405 5.60 13.53 6.07
N GLU C 406 4.44 14.13 6.36
CA GLU C 406 3.17 13.70 5.72
C GLU C 406 3.15 14.46 4.42
N ILE C 407 3.84 13.92 3.41
CA ILE C 407 4.23 14.48 2.09
C ILE C 407 3.08 15.07 1.28
N GLN C 408 2.09 14.28 0.94
CA GLN C 408 0.99 14.79 0.09
C GLN C 408 0.12 15.81 0.85
N LEU C 409 -0.21 15.52 2.10
CA LEU C 409 -1.13 16.39 2.86
C LEU C 409 -0.40 17.71 3.13
N TYR C 410 0.89 17.68 3.48
CA TYR C 410 1.67 18.90 3.77
C TYR C 410 1.76 19.74 2.51
N LYS C 411 2.06 19.11 1.38
CA LYS C 411 2.12 19.77 0.06
C LYS C 411 0.80 20.51 -0.24
N SER C 412 -0.35 19.81 -0.17
CA SER C 412 -1.71 20.35 -0.41
C SER C 412 -1.91 21.55 0.52
N GLU C 413 -1.64 21.38 1.81
CA GLU C 413 -1.83 22.44 2.81
C GLU C 413 -0.92 23.64 2.47
N ARG C 414 0.35 23.38 2.24
CA ARG C 414 1.31 24.44 1.90
C ARG C 414 0.80 25.25 0.71
N GLU C 415 0.41 24.56 -0.34
CA GLU C 415 0.01 25.22 -1.60
C GLU C 415 -1.19 26.12 -1.31
N VAL C 416 -2.17 25.64 -0.52
CA VAL C 416 -3.38 26.45 -0.21
C VAL C 416 -2.94 27.67 0.59
N LEU C 417 -2.03 27.50 1.55
CA LEU C 417 -1.63 28.60 2.47
C LEU C 417 -0.81 29.63 1.71
N VAL C 418 -0.01 29.19 0.76
CA VAL C 418 0.84 30.07 -0.09
C VAL C 418 -0.12 30.92 -0.93
N TYR C 419 -1.07 30.29 -1.60
CA TYR C 419 -2.06 31.07 -2.39
C TYR C 419 -2.79 32.08 -1.51
N LEU C 420 -3.22 31.66 -0.33
CA LEU C 420 -3.95 32.56 0.62
C LEU C 420 -3.03 33.70 1.11
N THR C 421 -1.74 33.44 1.27
CA THR C 421 -0.77 34.46 1.75
C THR C 421 -0.61 35.53 0.67
N HIS C 422 -0.47 35.11 -0.58
CA HIS C 422 -0.43 36.02 -1.75
C HIS C 422 -1.69 36.88 -1.80
N LEU C 423 -2.87 36.28 -1.59
CA LEU C 423 -4.17 37.00 -1.65
C LEU C 423 -4.29 38.02 -0.52
N ASN C 424 -3.77 37.75 0.67
CA ASN C 424 -3.75 38.77 1.76
C ASN C 424 -2.63 38.46 2.76
N VAL C 425 -1.44 38.99 2.50
CA VAL C 425 -0.23 38.78 3.33
C VAL C 425 -0.45 39.34 4.74
N ILE C 426 -1.12 40.47 4.86
CA ILE C 426 -1.33 41.13 6.20
C ILE C 426 -2.20 40.21 7.06
N ASP C 427 -3.29 39.69 6.53
CA ASP C 427 -4.20 38.79 7.30
C ASP C 427 -3.41 37.53 7.69
N THR C 428 -2.63 36.95 6.79
CA THR C 428 -1.83 35.74 7.12
C THR C 428 -0.87 36.04 8.28
N GLU C 429 -0.09 37.11 8.19
CA GLU C 429 0.89 37.50 9.22
C GLU C 429 0.19 37.71 10.57
N GLU C 430 -0.93 38.43 10.58
CA GLU C 430 -1.64 38.80 11.83
C GLU C 430 -2.11 37.52 12.51
N ILE C 431 -2.63 36.56 11.75
CA ILE C 431 -3.14 35.29 12.31
C ILE C 431 -1.95 34.53 12.89
N MET C 432 -0.82 34.50 12.20
CA MET C 432 0.35 33.73 12.69
C MET C 432 0.94 34.40 13.95
N ILE C 433 1.12 35.72 13.96
CA ILE C 433 1.67 36.47 15.12
C ILE C 433 0.70 36.31 16.32
N SER C 434 -0.60 36.43 16.11
CA SER C 434 -1.57 36.33 17.22
C SER C 434 -1.63 34.87 17.73
N LYS C 435 -1.44 33.86 16.86
CA LYS C 435 -1.36 32.45 17.35
C LYS C 435 -0.10 32.27 18.20
N LEU C 436 1.00 32.90 17.80
CA LEU C 436 2.27 32.90 18.56
C LEU C 436 2.02 33.56 19.95
N ALA C 437 1.30 34.68 20.00
CA ALA C 437 0.99 35.40 21.26
C ALA C 437 0.25 34.46 22.22
N ARG C 438 -0.63 33.60 21.71
CA ARG C 438 -1.43 32.64 22.52
C ARG C 438 -0.58 31.42 22.92
N GLN C 439 0.55 31.17 22.25
CA GLN C 439 1.57 30.22 22.77
C GLN C 439 2.31 30.85 23.96
N ILE C 440 2.69 32.12 23.83
CA ILE C 440 3.49 32.88 24.82
C ILE C 440 2.66 33.15 26.09
N ASP C 441 1.36 33.41 25.98
CA ASP C 441 0.51 33.69 27.17
C ASP C 441 -0.02 32.38 27.76
N GLY C 442 0.25 31.24 27.13
CA GLY C 442 -0.05 29.91 27.71
C GLY C 442 -1.45 29.43 27.39
N SER C 443 -2.32 30.26 26.82
CA SER C 443 -3.76 29.95 26.61
C SER C 443 -3.91 28.78 25.62
N GLU C 444 -3.04 28.70 24.61
CA GLU C 444 -3.08 27.62 23.58
C GLU C 444 -1.79 26.81 23.58
N TRP C 445 -0.88 27.05 24.54
CA TRP C 445 0.41 26.32 24.67
C TRP C 445 0.21 24.81 24.75
N SER C 446 0.92 24.08 23.89
CA SER C 446 1.18 22.62 23.97
C SER C 446 2.25 22.32 22.94
N TRP C 447 2.89 21.15 23.04
CA TRP C 447 3.93 20.75 22.05
C TRP C 447 3.27 20.67 20.68
N HIS C 448 2.15 19.97 20.57
CA HIS C 448 1.41 19.85 19.29
C HIS C 448 1.15 21.24 18.70
N ASN C 449 0.77 22.22 19.52
CA ASN C 449 0.28 23.54 19.02
C ASN C 449 1.47 24.40 18.55
N ILE C 450 2.58 24.40 19.30
CA ILE C 450 3.77 25.18 18.84
C ILE C 450 4.40 24.50 17.62
N ASN C 451 4.32 23.17 17.54
CA ASN C 451 4.82 22.41 16.36
C ASN C 451 4.00 22.77 15.13
N THR C 452 2.67 22.66 15.21
CA THR C 452 1.74 22.90 14.07
C THR C 452 1.96 24.34 13.56
N LEU C 453 2.07 25.30 14.48
CA LEU C 453 2.26 26.73 14.13
C LEU C 453 3.60 26.92 13.41
N SER C 454 4.66 26.28 13.90
CA SER C 454 6.03 26.35 13.31
C SER C 454 5.99 25.77 11.88
N TRP C 455 5.33 24.64 11.70
CA TRP C 455 5.16 24.05 10.35
C TRP C 455 4.40 25.03 9.45
N ALA C 456 3.34 25.68 9.94
CA ALA C 456 2.56 26.65 9.16
C ALA C 456 3.46 27.84 8.75
N ILE C 457 4.17 28.41 9.72
CA ILE C 457 5.07 29.57 9.49
C ILE C 457 6.14 29.18 8.46
N GLY C 458 6.72 27.98 8.59
CA GLY C 458 7.71 27.46 7.64
C GLY C 458 7.15 27.36 6.23
N SER C 459 5.88 26.99 6.10
CA SER C 459 5.28 26.60 4.81
C SER C 459 5.20 27.79 3.84
N ILE C 460 5.15 29.03 4.34
CA ILE C 460 4.86 30.22 3.48
C ILE C 460 6.16 30.97 3.13
N SER C 461 7.32 30.46 3.51
CA SER C 461 8.63 31.00 3.10
C SER C 461 8.62 31.27 1.60
N GLY C 462 9.06 32.45 1.15
CA GLY C 462 9.24 32.77 -0.28
C GLY C 462 8.03 33.48 -0.85
N THR C 463 6.95 33.66 -0.09
CA THR C 463 5.68 34.23 -0.61
C THR C 463 5.61 35.73 -0.35
N MET C 464 6.16 36.20 0.77
CA MET C 464 6.22 37.63 1.10
C MET C 464 7.36 38.28 0.29
N SER C 465 7.28 39.58 0.05
CA SER C 465 8.43 40.40 -0.40
C SER C 465 9.58 40.18 0.59
N GLU C 466 10.80 40.37 0.14
CA GLU C 466 12.01 40.17 0.98
C GLU C 466 11.90 41.07 2.21
N ASP C 467 11.50 42.33 2.03
CA ASP C 467 11.39 43.30 3.15
C ASP C 467 10.34 42.83 4.18
N THR C 468 9.15 42.41 3.70
CA THR C 468 8.07 41.98 4.61
C THR C 468 8.54 40.71 5.34
N GLU C 469 9.13 39.79 4.59
CA GLU C 469 9.69 38.53 5.12
C GLU C 469 10.68 38.85 6.24
N LYS C 470 11.59 39.80 6.02
CA LYS C 470 12.66 40.16 6.99
C LYS C 470 12.02 40.54 8.33
N ARG C 471 11.08 41.48 8.33
CA ARG C 471 10.38 41.93 9.55
C ARG C 471 9.62 40.74 10.16
N PHE C 472 8.97 39.91 9.35
CA PHE C 472 8.16 38.77 9.84
C PHE C 472 9.08 37.75 10.52
N VAL C 473 10.19 37.39 9.89
CA VAL C 473 11.11 36.33 10.38
C VAL C 473 11.69 36.82 11.71
N VAL C 474 12.19 38.06 11.77
CA VAL C 474 12.78 38.61 13.03
C VAL C 474 11.71 38.52 14.12
N THR C 475 10.51 39.02 13.87
CA THR C 475 9.41 39.02 14.86
C THR C 475 9.21 37.60 15.39
N VAL C 476 9.13 36.62 14.48
CA VAL C 476 8.84 35.20 14.82
C VAL C 476 9.99 34.61 15.65
N ILE C 477 11.25 34.80 15.26
CA ILE C 477 12.43 34.28 15.99
C ILE C 477 12.51 34.94 17.38
N LYS C 478 12.43 36.27 17.47
CA LYS C 478 12.37 36.98 18.78
C LYS C 478 11.29 36.33 19.65
N ASP C 479 10.07 36.13 19.13
CA ASP C 479 8.95 35.54 19.91
C ASP C 479 9.27 34.11 20.33
N LEU C 480 9.83 33.29 19.45
CA LEU C 480 10.11 31.87 19.80
C LEU C 480 11.25 31.83 20.82
N LEU C 481 12.24 32.73 20.74
CA LEU C 481 13.35 32.88 21.71
C LEU C 481 12.80 33.22 23.10
N GLY C 482 11.97 34.25 23.20
CA GLY C 482 11.23 34.62 24.43
C GLY C 482 10.46 33.44 24.97
N LEU C 483 9.77 32.71 24.11
CA LEU C 483 8.98 31.50 24.48
C LEU C 483 9.93 30.46 25.10
N CYS C 484 11.10 30.26 24.49
CA CYS C 484 12.12 29.30 24.98
C CYS C 484 12.59 29.73 26.38
N GLU C 485 13.13 30.94 26.55
CA GLU C 485 13.57 31.48 27.87
C GLU C 485 12.47 31.20 28.89
N GLN C 486 11.27 31.70 28.61
CA GLN C 486 10.07 31.64 29.48
C GLN C 486 9.78 30.22 29.96
N LYS C 487 10.00 29.21 29.12
CA LYS C 487 9.67 27.79 29.43
C LYS C 487 10.70 27.16 30.37
N ARG C 488 10.24 26.19 31.15
CA ARG C 488 10.96 25.58 32.29
C ARG C 488 11.16 24.10 31.99
N GLY C 489 12.33 23.54 32.29
CA GLY C 489 12.60 22.11 32.10
C GLY C 489 12.99 21.84 30.67
N LYS C 490 13.81 20.82 30.45
CA LYS C 490 14.52 20.60 29.17
C LYS C 490 13.54 20.06 28.13
N ASP C 491 12.46 19.40 28.55
CA ASP C 491 11.42 18.87 27.62
C ASP C 491 10.86 20.04 26.80
N ASN C 492 10.34 21.05 27.50
CA ASN C 492 9.69 22.26 26.93
C ASN C 492 10.71 23.03 26.08
N LYS C 493 11.91 23.24 26.62
CA LYS C 493 12.96 24.04 25.93
C LYS C 493 13.37 23.31 24.65
N ALA C 494 13.49 21.98 24.68
CA ALA C 494 13.91 21.21 23.50
C ALA C 494 12.87 21.38 22.39
N VAL C 495 11.58 21.35 22.75
CA VAL C 495 10.45 21.49 21.80
C VAL C 495 10.58 22.83 21.06
N VAL C 496 10.80 23.92 21.79
CA VAL C 496 10.84 25.28 21.20
C VAL C 496 12.14 25.42 20.41
N ALA C 497 13.25 24.90 20.94
CA ALA C 497 14.55 24.92 20.23
C ALA C 497 14.45 24.21 18.87
N ARG C 498 13.83 23.03 18.80
CA ARG C 498 13.60 22.28 17.54
C ARG C 498 12.74 23.14 16.61
N ASP C 499 11.77 23.88 17.13
CA ASP C 499 10.85 24.69 16.29
C ASP C 499 11.58 25.95 15.79
N ILE C 500 12.47 26.54 16.59
CA ILE C 500 13.35 27.65 16.11
C ILE C 500 14.22 27.10 14.98
N MET C 501 14.85 25.94 15.17
CA MET C 501 15.74 25.35 14.14
C MET C 501 14.91 25.10 12.87
N TYR C 502 13.70 24.57 13.05
CA TYR C 502 12.79 24.27 11.92
C TYR C 502 12.52 25.57 11.14
N VAL C 503 12.11 26.63 11.83
CA VAL C 503 11.67 27.88 11.15
C VAL C 503 12.85 28.47 10.37
N VAL C 504 14.00 28.59 11.01
CA VAL C 504 15.23 29.20 10.44
C VAL C 504 15.63 28.42 9.19
N GLY C 505 15.56 27.10 9.25
CA GLY C 505 15.92 26.26 8.10
C GLY C 505 14.99 26.46 6.93
N GLU C 506 13.78 26.98 7.14
CA GLU C 506 12.80 27.16 6.05
C GLU C 506 12.92 28.53 5.42
N TYR C 507 13.81 29.41 5.91
CA TYR C 507 13.94 30.80 5.40
C TYR C 507 15.36 31.05 4.87
N PRO C 508 15.78 30.36 3.79
CA PRO C 508 17.13 30.52 3.26
C PRO C 508 17.36 31.92 2.69
N ARG C 509 16.35 32.52 2.04
CA ARG C 509 16.51 33.86 1.43
C ARG C 509 16.96 34.84 2.53
N PHE C 510 16.34 34.76 3.71
CA PHE C 510 16.67 35.60 4.88
C PHE C 510 18.11 35.30 5.33
N LEU C 511 18.46 34.01 5.47
CA LEU C 511 19.82 33.60 5.94
C LEU C 511 20.88 34.14 4.97
N LYS C 512 20.64 34.05 3.66
CA LYS C 512 21.61 34.45 2.60
C LYS C 512 21.90 35.94 2.64
N ALA C 513 20.94 36.77 3.08
CA ALA C 513 21.02 38.25 3.07
C ALA C 513 21.70 38.73 4.35
N HIS C 514 21.81 37.87 5.37
CA HIS C 514 22.22 38.24 6.75
C HIS C 514 23.32 37.31 7.24
N TRP C 515 24.55 37.48 6.73
CA TRP C 515 25.67 36.54 6.98
C TRP C 515 25.88 36.36 8.49
N ASN C 516 25.92 37.46 9.24
CA ASN C 516 26.15 37.42 10.70
C ASN C 516 25.11 36.53 11.38
N PHE C 517 23.84 36.61 10.96
CA PHE C 517 22.74 35.76 11.49
C PHE C 517 23.04 34.29 11.14
N LEU C 518 23.34 34.00 9.87
CA LEU C 518 23.57 32.63 9.34
C LEU C 518 24.72 31.98 10.14
N ARG C 519 25.83 32.70 10.26
CA ARG C 519 27.04 32.26 11.00
C ARG C 519 26.63 31.85 12.42
N THR C 520 25.90 32.72 13.13
CA THR C 520 25.43 32.47 14.52
C THR C 520 24.56 31.21 14.53
N VAL C 521 23.66 31.07 13.56
CA VAL C 521 22.74 29.90 13.49
C VAL C 521 23.61 28.65 13.43
N ILE C 522 24.56 28.62 12.50
CA ILE C 522 25.44 27.42 12.34
C ILE C 522 26.17 27.14 13.68
N LEU C 523 26.79 28.15 14.27
CA LEU C 523 27.55 27.98 15.55
C LEU C 523 26.60 27.49 16.64
N LYS C 524 25.35 27.95 16.62
CA LYS C 524 24.32 27.52 17.59
C LYS C 524 23.94 26.06 17.31
N LEU C 525 23.83 25.68 16.04
CA LEU C 525 23.53 24.27 15.64
C LEU C 525 24.67 23.37 16.14
N PHE C 526 25.91 23.84 16.01
CA PHE C 526 27.11 23.10 16.50
C PHE C 526 27.01 22.92 18.03
N GLU C 527 26.57 23.94 18.78
CA GLU C 527 26.37 23.80 20.26
C GLU C 527 25.33 22.71 20.54
N PHE C 528 24.22 22.71 19.80
CA PHE C 528 23.11 21.73 19.96
C PHE C 528 23.58 20.31 19.60
N MET C 529 24.66 20.17 18.82
CA MET C 529 25.19 18.83 18.46
C MET C 529 25.86 18.17 19.68
N HIS C 530 25.95 18.87 20.81
CA HIS C 530 26.48 18.35 22.11
C HIS C 530 25.34 18.10 23.11
N GLU C 531 24.09 18.43 22.75
CA GLU C 531 22.90 18.18 23.62
C GLU C 531 22.42 16.75 23.41
N THR C 532 22.55 15.90 24.43
CA THR C 532 22.11 14.48 24.40
C THR C 532 20.59 14.40 24.55
N HIS C 533 19.92 15.50 24.93
CA HIS C 533 18.44 15.53 25.08
C HIS C 533 17.80 15.09 23.77
N GLU C 534 16.90 14.10 23.82
CA GLU C 534 16.47 13.32 22.62
C GLU C 534 15.87 14.29 21.60
N GLY C 535 16.20 14.06 20.33
CA GLY C 535 15.70 14.82 19.16
C GLY C 535 16.58 16.00 18.82
N VAL C 536 17.41 16.49 19.73
CA VAL C 536 18.09 17.81 19.54
C VAL C 536 19.28 17.65 18.57
N GLN C 537 20.10 16.63 18.75
CA GLN C 537 21.28 16.36 17.88
C GLN C 537 20.77 16.08 16.46
N ASP C 538 19.76 15.22 16.33
CA ASP C 538 19.18 14.82 15.01
C ASP C 538 18.66 16.08 14.31
N MET C 539 18.02 16.98 15.04
CA MET C 539 17.40 18.17 14.45
C MET C 539 18.50 19.16 14.05
N ALA C 540 19.53 19.33 14.90
CA ALA C 540 20.70 20.19 14.59
C ALA C 540 21.37 19.70 13.29
N CYS C 541 21.52 18.38 13.11
CA CYS C 541 22.23 17.81 11.93
C CYS C 541 21.34 17.98 10.69
N ASP C 542 20.04 17.64 10.82
CA ASP C 542 19.05 17.81 9.73
C ASP C 542 18.97 19.29 9.34
N THR C 543 19.01 20.21 10.32
CA THR C 543 18.88 21.67 10.04
C THR C 543 20.16 22.13 9.35
N PHE C 544 21.31 21.65 9.83
CA PHE C 544 22.63 22.02 9.25
C PHE C 544 22.62 21.65 7.75
N ILE C 545 22.28 20.41 7.41
CA ILE C 545 22.39 19.97 5.99
C ILE C 545 21.32 20.69 5.15
N LYS C 546 20.14 20.92 5.71
CA LYS C 546 19.07 21.66 5.00
C LYS C 546 19.55 23.08 4.68
N ILE C 547 20.11 23.79 5.67
CA ILE C 547 20.62 25.17 5.46
C ILE C 547 21.75 25.12 4.42
N VAL C 548 22.65 24.14 4.53
CA VAL C 548 23.81 24.04 3.58
C VAL C 548 23.30 23.81 2.15
N GLN C 549 22.37 22.91 1.93
CA GLN C 549 21.80 22.65 0.59
C GLN C 549 21.33 23.95 -0.05
N LYS C 550 20.74 24.85 0.72
CA LYS C 550 20.12 26.11 0.20
C LYS C 550 21.13 27.26 0.19
N CYS C 551 22.11 27.32 1.12
CA CYS C 551 22.98 28.52 1.32
C CYS C 551 24.47 28.23 1.11
N LYS C 552 24.81 27.06 0.55
CA LYS C 552 26.20 26.54 0.39
C LYS C 552 27.18 27.60 -0.13
N TYR C 553 26.78 28.41 -1.11
CA TYR C 553 27.67 29.45 -1.70
C TYR C 553 28.24 30.37 -0.59
N HIS C 554 27.47 30.63 0.47
CA HIS C 554 27.88 31.55 1.57
C HIS C 554 28.97 30.95 2.47
N PHE C 555 29.20 29.64 2.39
CA PHE C 555 30.21 28.91 3.20
C PHE C 555 31.52 28.77 2.43
N VAL C 556 31.50 29.01 1.13
CA VAL C 556 32.65 28.70 0.24
C VAL C 556 33.37 30.00 -0.18
N ILE C 557 32.71 31.15 -0.12
CA ILE C 557 33.36 32.49 -0.34
C ILE C 557 33.91 32.98 0.99
N GLN C 558 34.88 33.90 0.93
CA GLN C 558 35.31 34.69 2.11
C GLN C 558 34.26 35.80 2.29
N GLN C 559 33.53 35.78 3.39
CA GLN C 559 32.57 36.86 3.74
C GLN C 559 33.37 38.04 4.25
N PRO C 560 32.96 39.30 3.95
CA PRO C 560 33.60 40.47 4.55
C PRO C 560 33.73 40.31 6.08
N ARG C 561 34.92 40.66 6.61
CA ARG C 561 35.23 40.71 8.07
C ARG C 561 35.43 39.29 8.62
N GLU C 562 35.60 38.29 7.75
CA GLU C 562 36.07 36.93 8.11
C GLU C 562 37.50 36.74 7.57
N SER C 563 38.35 35.97 8.25
CA SER C 563 39.75 35.72 7.83
C SER C 563 39.78 34.65 6.73
N GLU C 564 38.73 33.84 6.60
CA GLU C 564 38.70 32.67 5.67
C GLU C 564 37.28 32.27 5.34
N PRO C 565 37.07 31.55 4.21
CA PRO C 565 35.79 30.89 3.95
C PRO C 565 35.39 30.03 5.15
N PHE C 566 34.11 30.11 5.52
CA PHE C 566 33.59 29.48 6.74
C PHE C 566 33.77 27.95 6.68
N ILE C 567 33.71 27.34 5.49
CA ILE C 567 33.98 25.88 5.31
C ILE C 567 35.32 25.50 5.97
N GLN C 568 36.35 26.35 5.88
CA GLN C 568 37.68 26.08 6.50
C GLN C 568 37.49 26.03 8.01
N THR C 569 36.72 26.96 8.58
CA THR C 569 36.42 27.03 10.04
C THR C 569 35.68 25.76 10.48
N ILE C 570 34.71 25.31 9.71
CA ILE C 570 33.91 24.09 10.01
C ILE C 570 34.87 22.90 10.03
N ILE C 571 35.70 22.77 9.00
CA ILE C 571 36.61 21.62 8.86
C ILE C 571 37.64 21.66 10.00
N ARG C 572 38.28 22.82 10.26
CA ARG C 572 39.31 22.97 11.34
C ARG C 572 38.75 22.38 12.63
N ASP C 573 37.49 22.64 12.97
CA ASP C 573 37.00 22.30 14.33
C ASP C 573 36.11 21.05 14.27
N ILE C 574 36.17 20.28 13.18
CA ILE C 574 35.22 19.16 12.92
C ILE C 574 35.30 18.10 14.03
N GLN C 575 36.48 17.78 14.54
CA GLN C 575 36.59 16.69 15.56
C GLN C 575 35.76 17.08 16.79
N LYS C 576 35.94 18.31 17.26
CA LYS C 576 35.28 18.87 18.45
C LYS C 576 33.78 18.99 18.19
N THR C 577 33.40 19.57 17.05
CA THR C 577 31.98 19.75 16.65
C THR C 577 31.22 18.42 16.71
N THR C 578 31.79 17.35 16.16
CA THR C 578 31.10 16.04 15.94
C THR C 578 31.36 15.04 17.07
N ALA C 579 32.15 15.38 18.08
CA ALA C 579 32.64 14.46 19.13
C ALA C 579 31.49 13.73 19.84
N ASP C 580 30.28 14.32 19.96
CA ASP C 580 29.17 13.70 20.75
C ASP C 580 28.07 13.15 19.85
N LEU C 581 28.29 13.09 18.53
CA LEU C 581 27.26 12.61 17.58
C LEU C 581 27.35 11.09 17.46
N GLN C 582 26.24 10.41 17.18
CA GLN C 582 26.18 9.00 16.75
C GLN C 582 26.75 8.92 15.33
N PRO C 583 27.27 7.74 14.88
CA PRO C 583 27.81 7.59 13.53
C PRO C 583 26.94 8.15 12.40
N GLN C 584 25.62 7.85 12.36
CA GLN C 584 24.74 8.31 11.24
C GLN C 584 24.70 9.84 11.23
N GLN C 585 24.77 10.51 12.39
CA GLN C 585 24.77 11.99 12.50
C GLN C 585 26.12 12.54 11.99
N VAL C 586 27.24 11.90 12.31
CA VAL C 586 28.59 12.28 11.80
C VAL C 586 28.54 12.20 10.26
N HIS C 587 27.93 11.17 9.68
CA HIS C 587 27.89 10.97 8.20
C HIS C 587 27.07 12.09 7.56
N THR C 588 25.96 12.48 8.16
CA THR C 588 25.16 13.64 7.67
C THR C 588 26.04 14.88 7.68
N PHE C 589 26.75 15.10 8.78
CA PHE C 589 27.64 16.29 8.95
C PHE C 589 28.68 16.31 7.82
N TYR C 590 29.34 15.18 7.57
CA TYR C 590 30.37 15.08 6.50
C TYR C 590 29.70 15.24 5.12
N LYS C 591 28.51 14.69 4.96
CA LYS C 591 27.74 14.85 3.70
C LYS C 591 27.49 16.35 3.44
N ALA C 592 27.07 17.08 4.47
CA ALA C 592 26.81 18.55 4.37
C ALA C 592 28.10 19.25 3.94
N CYS C 593 29.24 18.90 4.53
CA CYS C 593 30.53 19.55 4.18
C CYS C 593 30.85 19.27 2.71
N GLY C 594 30.55 18.07 2.23
CA GLY C 594 30.72 17.67 0.81
C GLY C 594 29.94 18.58 -0.14
N ILE C 595 28.69 18.90 0.22
CA ILE C 595 27.82 19.82 -0.55
C ILE C 595 28.53 21.18 -0.71
N ILE C 596 29.03 21.75 0.39
CA ILE C 596 29.75 23.05 0.39
C ILE C 596 30.95 22.93 -0.54
N ILE C 597 31.79 21.91 -0.34
CA ILE C 597 33.10 21.77 -1.05
C ILE C 597 32.86 21.70 -2.57
N SER C 598 31.79 21.03 -2.99
CA SER C 598 31.42 20.91 -4.43
C SER C 598 31.08 22.28 -5.06
N GLU C 599 30.74 23.30 -4.27
CA GLU C 599 30.57 24.70 -4.76
C GLU C 599 31.90 25.32 -5.22
N GLU C 600 33.03 24.90 -4.65
CA GLU C 600 34.37 25.42 -5.03
C GLU C 600 34.75 24.87 -6.41
N ARG C 601 34.79 25.71 -7.45
CA ARG C 601 35.02 25.23 -8.85
C ARG C 601 36.50 25.34 -9.20
N SER C 602 37.34 26.01 -8.40
CA SER C 602 38.82 25.88 -8.50
C SER C 602 39.24 24.45 -8.07
N VAL C 603 39.79 23.66 -8.99
CA VAL C 603 40.15 22.21 -8.77
C VAL C 603 41.12 22.09 -7.57
N ALA C 604 42.21 22.84 -7.57
CA ALA C 604 43.26 22.74 -6.52
C ALA C 604 42.65 22.98 -5.15
N GLU C 605 41.78 23.98 -5.05
CA GLU C 605 41.21 24.43 -3.76
C GLU C 605 40.16 23.40 -3.33
N ARG C 606 39.43 22.84 -4.29
CA ARG C 606 38.40 21.83 -4.00
C ARG C 606 39.08 20.57 -3.45
N ASN C 607 40.10 20.09 -4.15
CA ASN C 607 40.87 18.86 -3.79
C ASN C 607 41.49 19.04 -2.39
N ARG C 608 41.95 20.25 -2.06
CA ARG C 608 42.58 20.55 -0.75
C ARG C 608 41.51 20.54 0.34
N LEU C 609 40.35 21.18 0.12
CA LEU C 609 39.22 21.12 1.07
C LEU C 609 38.80 19.66 1.27
N LEU C 610 38.74 18.88 0.19
CA LEU C 610 38.31 17.47 0.25
C LEU C 610 39.33 16.69 1.09
N SER C 611 40.61 16.94 0.86
CA SER C 611 41.74 16.36 1.63
C SER C 611 41.59 16.69 3.12
N ASP C 612 41.27 17.95 3.43
CA ASP C 612 41.17 18.43 4.83
C ASP C 612 39.93 17.81 5.49
N LEU C 613 38.82 17.73 4.75
CA LEU C 613 37.58 17.18 5.31
C LEU C 613 37.82 15.71 5.67
N MET C 614 38.51 14.98 4.81
CA MET C 614 38.71 13.50 4.96
C MET C 614 39.89 13.19 5.88
N GLN C 615 40.48 14.20 6.52
CA GLN C 615 41.70 14.05 7.36
C GLN C 615 41.46 12.99 8.45
N LEU C 616 40.39 13.08 9.24
CA LEU C 616 40.18 12.17 10.40
C LEU C 616 39.91 10.74 9.93
N PRO C 617 38.94 10.46 9.02
CA PRO C 617 38.77 9.11 8.48
C PRO C 617 40.00 8.59 7.73
N ASN C 618 40.75 9.44 7.03
CA ASN C 618 41.96 8.97 6.27
C ASN C 618 43.06 8.57 7.25
N MET C 619 43.18 9.23 8.40
CA MET C 619 44.23 8.89 9.39
C MET C 619 43.81 7.63 10.16
N ALA C 620 42.55 7.49 10.57
CA ALA C 620 41.98 6.24 11.14
C ALA C 620 42.20 5.06 10.18
N TRP C 621 41.93 5.27 8.89
CA TRP C 621 42.13 4.28 7.78
C TRP C 621 43.60 3.86 7.70
N ASP C 622 44.52 4.82 7.54
CA ASP C 622 45.97 4.57 7.38
C ASP C 622 46.51 3.71 8.52
N THR C 623 46.13 4.00 9.76
CA THR C 623 46.67 3.28 10.95
C THR C 623 46.07 1.87 10.95
N ILE C 624 44.82 1.70 10.50
CA ILE C 624 44.17 0.37 10.44
C ILE C 624 44.85 -0.44 9.33
N VAL C 625 45.00 0.12 8.13
CA VAL C 625 45.64 -0.58 6.99
C VAL C 625 47.06 -1.02 7.38
N GLU C 626 47.78 -0.22 8.18
CA GLU C 626 49.17 -0.56 8.63
C GLU C 626 49.12 -1.77 9.55
N GLN C 627 48.24 -1.73 10.54
CA GLN C 627 48.12 -2.77 11.59
C GLN C 627 47.43 -4.00 10.98
N SER C 628 46.37 -3.78 10.21
CA SER C 628 45.53 -4.82 9.54
C SER C 628 46.38 -5.68 8.60
N THR C 629 47.24 -5.08 7.77
CA THR C 629 48.10 -5.81 6.80
C THR C 629 49.29 -6.43 7.53
N ALA C 630 49.91 -5.69 8.47
CA ALA C 630 51.02 -6.17 9.33
C ALA C 630 50.58 -7.44 10.07
N ASN C 631 49.32 -7.51 10.50
CA ASN C 631 48.71 -8.67 11.21
C ASN C 631 47.24 -8.79 10.81
N PRO C 632 46.87 -9.77 9.92
CA PRO C 632 45.48 -9.92 9.46
C PRO C 632 44.42 -10.19 10.56
N THR C 633 44.81 -10.94 11.59
CA THR C 633 43.93 -11.39 12.71
C THR C 633 43.31 -10.19 13.46
N LEU C 634 43.78 -8.96 13.26
CA LEU C 634 43.30 -7.73 13.98
C LEU C 634 41.87 -7.37 13.56
N LEU C 635 41.45 -7.79 12.35
CA LEU C 635 40.08 -7.57 11.82
C LEU C 635 39.04 -8.31 12.65
N LEU C 636 39.27 -9.59 12.98
CA LEU C 636 38.33 -10.45 13.74
C LEU C 636 37.71 -9.63 14.90
N ASP C 637 38.46 -8.66 15.43
CA ASP C 637 38.06 -7.76 16.55
C ASP C 637 36.82 -6.95 16.14
N SER C 638 35.70 -7.29 16.78
CA SER C 638 34.39 -6.62 16.67
C SER C 638 34.56 -5.09 16.55
N GLU C 639 35.40 -4.45 17.37
CA GLU C 639 35.43 -2.97 17.52
C GLU C 639 36.09 -2.33 16.27
N THR C 640 37.10 -2.97 15.70
CA THR C 640 37.82 -2.51 14.49
C THR C 640 36.89 -2.57 13.27
N VAL C 641 36.10 -3.64 13.16
CA VAL C 641 35.08 -3.82 12.09
C VAL C 641 34.11 -2.63 12.10
N LYS C 642 33.72 -2.16 13.28
CA LYS C 642 32.76 -1.04 13.43
C LYS C 642 33.47 0.23 12.99
N ILE C 643 34.72 0.44 13.41
CA ILE C 643 35.52 1.62 12.96
C ILE C 643 35.66 1.59 11.42
N ILE C 644 35.99 0.45 10.82
CA ILE C 644 36.23 0.36 9.35
C ILE C 644 34.93 0.68 8.61
N ALA C 645 33.81 0.09 9.04
CA ALA C 645 32.51 0.30 8.39
C ALA C 645 32.16 1.79 8.44
N ASN C 646 32.41 2.45 9.58
CA ASN C 646 32.08 3.89 9.75
C ASN C 646 32.98 4.79 8.89
N ILE C 647 34.25 4.41 8.69
CA ILE C 647 35.18 5.10 7.73
C ILE C 647 34.58 4.98 6.33
N ILE C 648 34.18 3.77 5.93
CA ILE C 648 33.69 3.55 4.54
C ILE C 648 32.40 4.36 4.40
N LYS C 649 31.50 4.29 5.38
CA LYS C 649 30.20 5.05 5.37
C LYS C 649 30.45 6.56 5.28
N THR C 650 31.51 7.08 5.90
CA THR C 650 31.83 8.53 5.84
C THR C 650 32.22 8.88 4.40
N ASN C 651 33.03 8.03 3.77
CA ASN C 651 33.40 8.13 2.34
C ASN C 651 32.14 8.09 1.47
N VAL C 652 31.21 7.17 1.73
CA VAL C 652 29.92 7.08 0.96
C VAL C 652 29.18 8.41 1.10
N ALA C 653 29.12 8.95 2.31
CA ALA C 653 28.32 10.16 2.60
C ALA C 653 28.89 11.32 1.79
N VAL C 654 30.22 11.49 1.81
CA VAL C 654 30.87 12.62 1.10
C VAL C 654 30.79 12.38 -0.41
N CYS C 655 30.94 11.14 -0.87
CA CYS C 655 30.80 10.81 -2.31
C CYS C 655 29.36 11.04 -2.78
N THR C 656 28.37 10.86 -1.92
CA THR C 656 26.96 11.08 -2.29
C THR C 656 26.81 12.55 -2.70
N SER C 657 27.37 13.50 -1.96
CA SER C 657 27.15 14.95 -2.22
C SER C 657 28.17 15.47 -3.25
N MET C 658 29.30 14.81 -3.45
CA MET C 658 30.37 15.37 -4.33
C MET C 658 30.41 14.70 -5.70
N GLY C 659 29.88 13.49 -5.84
CA GLY C 659 29.90 12.72 -7.10
C GLY C 659 31.25 12.75 -7.79
N ALA C 660 31.33 13.27 -9.03
CA ALA C 660 32.56 13.33 -9.87
C ALA C 660 33.72 13.95 -9.09
N ASP C 661 33.44 14.92 -8.22
CA ASP C 661 34.50 15.67 -7.49
C ASP C 661 35.15 14.75 -6.44
N PHE C 662 34.56 13.60 -6.13
CA PHE C 662 35.05 12.72 -5.04
C PHE C 662 36.27 11.91 -5.50
N TYR C 663 36.57 11.88 -6.80
CA TYR C 663 37.60 10.98 -7.38
C TYR C 663 38.93 11.00 -6.63
N PRO C 664 39.55 12.15 -6.31
CA PRO C 664 40.88 12.12 -5.69
C PRO C 664 40.85 11.36 -4.36
N GLN C 665 39.75 11.47 -3.59
CA GLN C 665 39.62 10.78 -2.28
C GLN C 665 39.45 9.28 -2.54
N LEU C 666 38.62 8.90 -3.52
CA LEU C 666 38.47 7.48 -3.90
C LEU C 666 39.84 6.92 -4.30
N GLY C 667 40.60 7.69 -5.08
CA GLY C 667 41.93 7.30 -5.56
C GLY C 667 42.90 7.06 -4.41
N HIS C 668 42.78 7.84 -3.32
CA HIS C 668 43.64 7.72 -2.11
C HIS C 668 43.44 6.36 -1.42
N ILE C 669 42.21 5.84 -1.35
CA ILE C 669 41.89 4.62 -0.56
C ILE C 669 41.70 3.40 -1.46
N TYR C 670 41.55 3.57 -2.77
CA TYR C 670 41.02 2.51 -3.69
C TYR C 670 41.76 1.19 -3.53
N TYR C 671 43.08 1.19 -3.70
CA TYR C 671 43.89 -0.06 -3.69
C TYR C 671 43.71 -0.80 -2.36
N ASN C 672 43.90 -0.12 -1.23
CA ASN C 672 43.82 -0.75 0.11
C ASN C 672 42.37 -1.13 0.45
N MET C 673 41.41 -0.40 -0.10
CA MET C 673 39.97 -0.71 0.10
C MET C 673 39.66 -2.05 -0.58
N LEU C 674 40.19 -2.31 -1.78
CA LEU C 674 39.94 -3.59 -2.49
C LEU C 674 40.75 -4.72 -1.82
N GLN C 675 41.94 -4.45 -1.26
CA GLN C 675 42.69 -5.45 -0.46
C GLN C 675 41.85 -5.80 0.77
N LEU C 676 41.27 -4.81 1.45
CA LEU C 676 40.40 -5.01 2.63
C LEU C 676 39.16 -5.82 2.27
N TYR C 677 38.57 -5.58 1.09
CA TYR C 677 37.45 -6.38 0.55
C TYR C 677 37.85 -7.85 0.49
N ARG C 678 39.02 -8.16 -0.07
CA ARG C 678 39.57 -9.55 -0.18
C ARG C 678 39.80 -10.13 1.22
N ALA C 679 40.39 -9.39 2.15
CA ALA C 679 40.75 -9.89 3.49
C ALA C 679 39.47 -10.22 4.28
N VAL C 680 38.48 -9.33 4.24
CA VAL C 680 37.16 -9.53 4.88
C VAL C 680 36.43 -10.74 4.25
N SER C 681 36.50 -10.91 2.93
CA SER C 681 35.94 -12.07 2.19
C SER C 681 36.53 -13.38 2.73
N SER C 682 37.86 -13.47 2.85
CA SER C 682 38.57 -14.64 3.45
C SER C 682 37.98 -14.94 4.83
N MET C 683 37.94 -13.93 5.69
CA MET C 683 37.40 -14.07 7.06
C MET C 683 35.95 -14.60 7.05
N ILE C 684 35.09 -14.10 6.16
CA ILE C 684 33.68 -14.61 6.07
C ILE C 684 33.68 -16.09 5.66
N SER C 685 34.29 -16.43 4.52
CA SER C 685 34.51 -17.80 3.98
C SER C 685 34.90 -18.78 5.10
N THR C 686 35.95 -18.47 5.86
CA THR C 686 36.59 -19.41 6.82
C THR C 686 35.76 -19.41 8.10
N GLN C 687 34.99 -18.36 8.36
CA GLN C 687 34.02 -18.35 9.47
C GLN C 687 32.83 -19.28 9.13
N VAL C 688 32.39 -19.29 7.87
CA VAL C 688 31.25 -20.17 7.42
C VAL C 688 31.70 -21.64 7.43
N ALA C 689 32.94 -21.91 7.06
CA ALA C 689 33.58 -23.24 7.08
C ALA C 689 33.64 -23.75 8.53
N ALA C 690 34.15 -22.93 9.44
CA ALA C 690 34.36 -23.28 10.86
C ALA C 690 33.03 -23.44 11.59
N GLU C 691 32.01 -22.60 11.33
CA GLU C 691 30.81 -22.48 12.20
C GLU C 691 29.52 -22.90 11.51
N GLY C 692 29.51 -23.08 10.18
CA GLY C 692 28.29 -23.38 9.41
C GLY C 692 27.60 -22.15 8.89
N LEU C 693 26.52 -22.34 8.11
CA LEU C 693 25.71 -21.25 7.49
C LEU C 693 25.21 -20.26 8.57
N ILE C 694 25.02 -20.74 9.80
CA ILE C 694 24.57 -19.91 10.95
C ILE C 694 25.52 -18.73 11.15
N ALA C 695 26.81 -18.89 10.81
CA ALA C 695 27.84 -17.83 10.88
C ALA C 695 27.34 -16.52 10.24
N THR C 696 26.60 -16.61 9.13
CA THR C 696 26.12 -15.42 8.37
C THR C 696 25.13 -14.61 9.22
N LYS C 697 24.59 -15.19 10.31
CA LYS C 697 23.65 -14.50 11.24
C LYS C 697 24.39 -13.82 12.39
N THR C 698 25.64 -14.20 12.64
CA THR C 698 26.43 -13.69 13.79
C THR C 698 26.71 -12.20 13.61
N PRO C 699 26.79 -11.42 14.71
CA PRO C 699 27.18 -10.01 14.63
C PRO C 699 28.54 -9.79 13.94
N LYS C 700 29.50 -10.68 14.14
CA LYS C 700 30.86 -10.57 13.57
C LYS C 700 30.77 -10.64 12.04
N VAL C 701 30.14 -11.68 11.50
CA VAL C 701 30.04 -11.89 10.02
C VAL C 701 29.15 -10.80 9.41
N ARG C 702 28.06 -10.38 10.08
CA ARG C 702 27.21 -9.27 9.58
C ARG C 702 28.05 -7.98 9.53
N GLY C 703 28.84 -7.70 10.57
CA GLY C 703 29.81 -6.59 10.58
C GLY C 703 30.79 -6.65 9.41
N LEU C 704 31.36 -7.81 9.13
CA LEU C 704 32.31 -8.00 8.00
C LEU C 704 31.60 -7.75 6.67
N ARG C 705 30.42 -8.33 6.51
CA ARG C 705 29.59 -8.19 5.28
C ARG C 705 29.18 -6.72 5.08
N THR C 706 28.91 -5.99 6.18
CA THR C 706 28.62 -4.54 6.14
C THR C 706 29.81 -3.84 5.45
N ILE C 707 31.04 -4.19 5.82
CA ILE C 707 32.25 -3.60 5.17
C ILE C 707 32.18 -3.84 3.66
N LYS C 708 31.89 -5.07 3.22
CA LYS C 708 31.84 -5.42 1.77
C LYS C 708 30.73 -4.60 1.07
N LYS C 709 29.56 -4.51 1.68
CA LYS C 709 28.39 -3.78 1.12
C LYS C 709 28.68 -2.27 1.04
N GLU C 710 29.33 -1.67 2.04
CA GLU C 710 29.65 -0.22 2.02
C GLU C 710 30.73 0.06 0.96
N ILE C 711 31.72 -0.83 0.81
CA ILE C 711 32.72 -0.72 -0.28
C ILE C 711 32.00 -0.72 -1.64
N LEU C 712 31.09 -1.67 -1.88
CA LEU C 712 30.37 -1.79 -3.17
C LEU C 712 29.48 -0.55 -3.36
N LYS C 713 28.86 -0.08 -2.26
CA LYS C 713 28.04 1.15 -2.27
C LYS C 713 28.92 2.35 -2.62
N LEU C 714 30.13 2.45 -2.07
CA LEU C 714 31.01 3.61 -2.37
C LEU C 714 31.35 3.62 -3.87
N VAL C 715 31.71 2.46 -4.44
CA VAL C 715 32.15 2.34 -5.85
C VAL C 715 30.97 2.59 -6.79
N GLU C 716 29.79 2.07 -6.47
CA GLU C 716 28.60 2.28 -7.31
C GLU C 716 28.21 3.77 -7.23
N THR C 717 28.30 4.39 -6.05
CA THR C 717 27.95 5.82 -5.85
C THR C 717 28.87 6.68 -6.73
N TYR C 718 30.18 6.43 -6.69
CA TYR C 718 31.13 7.22 -7.51
C TYR C 718 30.86 6.95 -9.00
N ILE C 719 30.79 5.69 -9.43
CA ILE C 719 30.70 5.35 -10.88
C ILE C 719 29.41 5.93 -11.46
N SER C 720 28.31 5.93 -10.70
CA SER C 720 27.00 6.45 -11.16
C SER C 720 27.05 7.96 -11.42
N LYS C 721 28.00 8.72 -10.84
CA LYS C 721 28.08 10.20 -11.01
C LYS C 721 29.37 10.59 -11.73
N ALA C 722 30.21 9.63 -12.10
CA ALA C 722 31.56 9.90 -12.64
C ALA C 722 31.39 10.68 -13.95
N ARG C 723 32.29 11.63 -14.19
CA ARG C 723 32.35 12.41 -15.45
C ARG C 723 33.46 11.84 -16.32
N ASN C 724 34.62 11.52 -15.71
CA ASN C 724 35.79 10.93 -16.42
C ASN C 724 35.63 9.39 -16.48
N LEU C 725 35.01 8.89 -17.55
CA LEU C 725 34.74 7.45 -17.77
C LEU C 725 36.02 6.74 -18.21
N ASP C 726 36.98 7.43 -18.82
CA ASP C 726 38.29 6.84 -19.22
C ASP C 726 39.02 6.35 -17.98
N ASP C 727 39.03 7.14 -16.90
CA ASP C 727 39.67 6.76 -15.62
C ASP C 727 38.87 5.62 -14.98
N VAL C 728 37.54 5.66 -15.05
CA VAL C 728 36.68 4.56 -14.51
C VAL C 728 37.17 3.26 -15.16
N VAL C 729 37.29 3.22 -16.49
CA VAL C 729 37.67 1.98 -17.24
C VAL C 729 39.13 1.63 -16.98
N LYS C 730 40.02 2.63 -16.96
CA LYS C 730 41.49 2.42 -16.96
C LYS C 730 41.98 2.15 -15.53
N VAL C 731 41.37 2.74 -14.51
CA VAL C 731 41.89 2.72 -13.09
C VAL C 731 40.98 1.85 -12.21
N LEU C 732 39.66 2.01 -12.30
CA LEU C 732 38.72 1.44 -11.29
C LEU C 732 38.25 0.02 -11.67
N VAL C 733 37.85 -0.23 -12.92
CA VAL C 733 37.03 -1.40 -13.31
C VAL C 733 37.86 -2.68 -13.11
N GLU C 734 39.11 -2.70 -13.56
CA GLU C 734 39.83 -3.99 -13.58
C GLU C 734 40.06 -4.47 -12.15
N PRO C 735 40.63 -3.65 -11.25
CA PRO C 735 40.80 -4.05 -9.85
C PRO C 735 39.46 -4.44 -9.20
N LEU C 736 38.37 -3.81 -9.60
CA LEU C 736 37.03 -4.05 -9.00
C LEU C 736 36.57 -5.45 -9.38
N LEU C 737 36.59 -5.78 -10.68
CA LEU C 737 36.16 -7.09 -11.20
C LEU C 737 37.03 -8.17 -10.55
N ASN C 738 38.34 -7.97 -10.47
CA ASN C 738 39.29 -8.96 -9.87
C ASN C 738 38.94 -9.17 -8.39
N ALA C 739 38.65 -8.10 -7.66
CA ALA C 739 38.31 -8.16 -6.22
C ALA C 739 36.94 -8.81 -5.98
N VAL C 740 35.94 -8.65 -6.85
CA VAL C 740 34.54 -9.01 -6.43
C VAL C 740 33.99 -10.24 -7.18
N LEU C 741 34.36 -10.52 -8.42
CA LEU C 741 33.58 -11.47 -9.28
C LEU C 741 33.83 -12.92 -8.83
N GLU C 742 35.08 -13.32 -8.72
CA GLU C 742 35.45 -14.69 -8.31
C GLU C 742 34.99 -14.90 -6.85
N ASP C 743 35.17 -13.92 -5.98
CA ASP C 743 34.68 -14.01 -4.58
C ASP C 743 33.17 -14.33 -4.58
N TYR C 744 32.38 -13.71 -5.47
CA TYR C 744 30.91 -13.92 -5.55
C TYR C 744 30.64 -15.34 -6.03
N MET C 745 31.28 -15.72 -7.13
CA MET C 745 31.12 -17.04 -7.79
C MET C 745 31.47 -18.16 -6.80
N ASN C 746 32.53 -18.02 -6.01
CA ASN C 746 33.15 -19.14 -5.26
C ASN C 746 32.70 -19.17 -3.80
N ASN C 747 31.85 -18.26 -3.38
CA ASN C 747 31.14 -18.33 -2.08
C ASN C 747 29.89 -19.21 -2.24
N VAL C 748 29.49 -19.88 -1.18
CA VAL C 748 28.18 -20.60 -1.07
C VAL C 748 27.04 -19.60 -1.23
N PRO C 749 25.89 -19.98 -1.81
CA PRO C 749 24.79 -19.04 -2.04
C PRO C 749 24.54 -18.06 -0.87
N ASP C 750 24.55 -18.54 0.37
CA ASP C 750 24.10 -17.76 1.56
C ASP C 750 25.11 -16.66 1.90
N ALA C 751 26.33 -16.70 1.34
CA ALA C 751 27.41 -15.75 1.62
C ALA C 751 27.60 -14.76 0.46
N ARG C 752 26.89 -14.95 -0.65
CA ARG C 752 26.94 -14.06 -1.83
C ARG C 752 26.13 -12.79 -1.56
N ASP C 753 26.74 -11.64 -1.80
CA ASP C 753 26.12 -10.31 -1.59
C ASP C 753 25.38 -9.91 -2.88
N ALA C 754 24.07 -9.73 -2.78
CA ALA C 754 23.24 -9.21 -3.89
C ALA C 754 23.76 -7.84 -4.34
N GLU C 755 24.41 -7.06 -3.46
CA GLU C 755 24.99 -5.72 -3.80
C GLU C 755 26.06 -5.85 -4.88
N VAL C 756 26.69 -7.02 -5.04
CA VAL C 756 27.67 -7.22 -6.15
C VAL C 756 26.91 -7.05 -7.47
N LEU C 757 25.72 -7.64 -7.59
CA LEU C 757 24.92 -7.55 -8.82
C LEU C 757 24.55 -6.07 -9.06
N ASN C 758 24.22 -5.34 -7.99
CA ASN C 758 23.80 -3.91 -8.05
C ASN C 758 24.96 -3.04 -8.52
N CYS C 759 26.16 -3.24 -7.95
CA CYS C 759 27.39 -2.56 -8.36
C CYS C 759 27.69 -2.86 -9.84
N MET C 760 27.58 -4.10 -10.27
CA MET C 760 27.89 -4.49 -11.67
C MET C 760 26.88 -3.86 -12.64
N THR C 761 25.62 -3.72 -12.23
CA THR C 761 24.56 -3.05 -13.03
C THR C 761 24.99 -1.62 -13.32
N THR C 762 25.46 -0.87 -12.32
CA THR C 762 25.91 0.53 -12.49
C THR C 762 27.13 0.53 -13.40
N VAL C 763 28.07 -0.41 -13.22
CA VAL C 763 29.29 -0.45 -14.06
C VAL C 763 28.84 -0.65 -15.52
N VAL C 764 27.96 -1.61 -15.79
CA VAL C 764 27.57 -1.90 -17.20
C VAL C 764 26.81 -0.68 -17.75
N GLU C 765 25.92 -0.12 -16.94
CA GLU C 765 25.12 1.07 -17.29
C GLU C 765 26.04 2.18 -17.77
N LYS C 766 27.09 2.49 -17.02
CA LYS C 766 27.88 3.72 -17.22
C LYS C 766 28.97 3.49 -18.25
N VAL C 767 29.63 2.34 -18.24
CA VAL C 767 30.83 2.12 -19.10
C VAL C 767 30.78 0.77 -19.82
N GLY C 768 29.60 0.15 -19.94
CA GLY C 768 29.41 -1.18 -20.58
C GLY C 768 29.99 -1.24 -21.98
N HIS C 769 29.74 -0.20 -22.79
CA HIS C 769 30.20 -0.06 -24.20
C HIS C 769 31.73 -0.09 -24.26
N MET C 770 32.41 0.35 -23.21
CA MET C 770 33.89 0.53 -23.20
C MET C 770 34.60 -0.72 -22.63
N ILE C 771 33.89 -1.70 -22.06
CA ILE C 771 34.53 -2.91 -21.47
C ILE C 771 33.83 -4.19 -21.94
N PRO C 772 33.79 -4.49 -23.25
CA PRO C 772 33.09 -5.68 -23.72
C PRO C 772 33.61 -6.94 -23.01
N GLN C 773 34.93 -7.08 -22.80
CA GLN C 773 35.56 -8.27 -22.16
C GLN C 773 35.18 -8.28 -20.68
N GLY C 774 35.07 -7.12 -20.04
CA GLY C 774 34.62 -7.02 -18.63
C GLY C 774 33.18 -7.48 -18.47
N VAL C 775 32.31 -7.21 -19.45
CA VAL C 775 30.88 -7.64 -19.39
C VAL C 775 30.81 -9.17 -19.51
N ILE C 776 31.55 -9.74 -20.46
CA ILE C 776 31.65 -11.22 -20.61
C ILE C 776 32.05 -11.81 -19.25
N LEU C 777 33.05 -11.25 -18.59
CA LEU C 777 33.58 -11.73 -17.29
C LEU C 777 32.50 -11.59 -16.19
N ILE C 778 31.73 -10.50 -16.20
CA ILE C 778 30.58 -10.32 -15.25
C ILE C 778 29.62 -11.48 -15.48
N LEU C 779 29.20 -11.73 -16.73
CA LEU C 779 28.20 -12.79 -17.02
C LEU C 779 28.75 -14.15 -16.57
N GLN C 780 30.00 -14.47 -16.96
CA GLN C 780 30.61 -15.77 -16.63
C GLN C 780 30.66 -15.94 -15.10
N SER C 781 30.82 -14.88 -14.33
CA SER C 781 31.00 -15.00 -12.86
C SER C 781 29.65 -15.11 -12.14
N VAL C 782 28.60 -14.43 -12.62
CA VAL C 782 27.35 -14.26 -11.82
C VAL C 782 26.16 -14.98 -12.46
N PHE C 783 26.16 -15.27 -13.76
CA PHE C 783 24.93 -15.66 -14.49
C PHE C 783 24.40 -17.01 -13.97
N GLU C 784 25.14 -18.09 -14.19
CA GLU C 784 24.63 -19.44 -13.90
C GLU C 784 24.52 -19.65 -12.39
N CYS C 785 25.47 -19.17 -11.60
CA CYS C 785 25.41 -19.42 -10.13
C CYS C 785 24.24 -18.63 -9.53
N THR C 786 23.92 -17.42 -10.02
CA THR C 786 22.75 -16.66 -9.51
C THR C 786 21.45 -17.31 -9.99
N LEU C 787 21.37 -17.74 -11.26
CA LEU C 787 20.14 -18.37 -11.81
C LEU C 787 19.81 -19.59 -10.95
N ASP C 788 20.81 -20.37 -10.58
CA ASP C 788 20.61 -21.61 -9.79
C ASP C 788 20.09 -21.27 -8.38
N MET C 789 20.36 -20.08 -7.85
CA MET C 789 19.85 -19.67 -6.52
C MET C 789 18.34 -19.37 -6.60
N ILE C 790 17.85 -18.91 -7.75
CA ILE C 790 16.49 -18.29 -7.86
C ILE C 790 15.56 -19.10 -8.77
N ASN C 791 15.96 -20.26 -9.29
CA ASN C 791 15.13 -20.97 -10.31
C ASN C 791 14.45 -22.21 -9.68
N LYS C 792 14.40 -22.31 -8.36
CA LYS C 792 13.79 -23.47 -7.64
C LYS C 792 12.40 -23.12 -7.12
N ASP C 793 12.10 -21.83 -6.97
CA ASP C 793 10.85 -21.28 -6.40
C ASP C 793 10.88 -19.77 -6.63
N PHE C 794 9.84 -19.05 -6.20
CA PHE C 794 9.68 -17.61 -6.48
C PHE C 794 10.10 -16.80 -5.24
N THR C 795 10.53 -17.45 -4.15
CA THR C 795 10.64 -16.85 -2.79
C THR C 795 12.11 -16.70 -2.36
N GLU C 796 12.96 -17.71 -2.53
CA GLU C 796 14.35 -17.66 -1.98
C GLU C 796 15.13 -16.50 -2.62
N TYR C 797 15.98 -15.85 -1.83
CA TYR C 797 16.97 -14.83 -2.29
C TYR C 797 16.27 -13.74 -3.09
N PRO C 798 15.29 -13.03 -2.47
CA PRO C 798 14.51 -12.02 -3.18
C PRO C 798 15.38 -10.85 -3.70
N GLU C 799 16.44 -10.46 -2.98
CA GLU C 799 17.28 -9.32 -3.43
C GLU C 799 18.12 -9.75 -4.64
N HIS C 800 18.66 -10.97 -4.64
CA HIS C 800 19.45 -11.53 -5.78
C HIS C 800 18.55 -11.57 -7.01
N ARG C 801 17.32 -12.04 -6.82
CA ARG C 801 16.27 -12.15 -7.86
C ARG C 801 16.13 -10.80 -8.56
N VAL C 802 15.91 -9.75 -7.79
CA VAL C 802 15.64 -8.41 -8.36
C VAL C 802 16.93 -7.91 -9.04
N GLU C 803 18.06 -7.95 -8.35
CA GLU C 803 19.32 -7.40 -8.89
C GLU C 803 19.75 -8.21 -10.13
N PHE C 804 19.49 -9.50 -10.15
CA PHE C 804 19.86 -10.40 -11.27
C PHE C 804 19.22 -9.93 -12.57
N TYR C 805 17.91 -9.64 -12.56
CA TYR C 805 17.18 -9.28 -13.79
C TYR C 805 17.50 -7.84 -14.19
N LYS C 806 17.80 -6.95 -13.24
CA LYS C 806 18.29 -5.58 -13.52
C LYS C 806 19.64 -5.66 -14.23
N LEU C 807 20.53 -6.58 -13.80
CA LEU C 807 21.85 -6.76 -14.45
C LEU C 807 21.67 -7.32 -15.87
N LEU C 808 20.89 -8.40 -16.04
CA LEU C 808 20.62 -8.95 -17.39
C LEU C 808 19.98 -7.87 -18.28
N LYS C 809 19.07 -7.06 -17.74
CA LYS C 809 18.40 -5.99 -18.54
C LYS C 809 19.46 -5.03 -19.10
N VAL C 810 20.35 -4.52 -18.26
CA VAL C 810 21.34 -3.50 -18.69
C VAL C 810 22.36 -4.17 -19.63
N ILE C 811 22.77 -5.41 -19.36
CA ILE C 811 23.73 -6.08 -20.29
C ILE C 811 23.05 -6.21 -21.67
N ASN C 812 21.77 -6.58 -21.70
CA ASN C 812 21.03 -6.82 -22.97
C ASN C 812 20.83 -5.50 -23.70
N GLU C 813 20.73 -4.36 -23.00
CA GLU C 813 20.62 -3.00 -23.62
C GLU C 813 21.97 -2.50 -24.15
N LYS C 814 23.05 -2.67 -23.39
CA LYS C 814 24.33 -1.91 -23.57
C LYS C 814 25.40 -2.80 -24.17
N SER C 815 25.37 -4.10 -23.93
CA SER C 815 26.47 -4.98 -24.35
C SER C 815 25.92 -6.34 -24.75
N PHE C 816 24.96 -6.35 -25.68
CA PHE C 816 24.27 -7.56 -26.23
C PHE C 816 25.29 -8.56 -26.80
N ALA C 817 26.44 -8.09 -27.30
CA ALA C 817 27.51 -8.94 -27.85
C ALA C 817 27.96 -9.98 -26.81
N ALA C 818 27.85 -9.67 -25.51
CA ALA C 818 28.23 -10.59 -24.41
C ALA C 818 27.35 -11.84 -24.45
N PHE C 819 26.10 -11.71 -24.92
CA PHE C 819 25.15 -12.84 -25.10
C PHE C 819 25.45 -13.61 -26.40
N LEU C 820 25.89 -12.96 -27.49
CA LEU C 820 26.40 -13.63 -28.72
C LEU C 820 27.60 -14.53 -28.38
N GLU C 821 28.41 -14.17 -27.39
CA GLU C 821 29.65 -14.90 -26.99
C GLU C 821 29.31 -16.14 -26.16
N LEU C 822 28.12 -16.21 -25.56
CA LEU C 822 27.69 -17.39 -24.75
C LEU C 822 27.61 -18.63 -25.65
N PRO C 823 28.02 -19.82 -25.16
CA PRO C 823 27.82 -21.06 -25.91
C PRO C 823 26.33 -21.43 -25.94
N PRO C 824 25.83 -22.03 -27.05
CA PRO C 824 24.40 -22.31 -27.20
C PRO C 824 23.64 -22.69 -25.91
N ALA C 825 24.22 -23.59 -25.09
CA ALA C 825 23.60 -24.12 -23.85
C ALA C 825 23.40 -23.02 -22.82
N ALA C 826 24.32 -22.07 -22.75
CA ALA C 826 24.25 -20.93 -21.82
C ALA C 826 23.21 -19.93 -22.35
N PHE C 827 23.15 -19.73 -23.67
CA PHE C 827 22.15 -18.86 -24.33
C PHE C 827 20.75 -19.44 -24.04
N LYS C 828 20.58 -20.76 -24.16
CA LYS C 828 19.31 -21.45 -23.82
C LYS C 828 18.94 -21.13 -22.36
N LEU C 829 19.90 -21.14 -21.42
CA LEU C 829 19.63 -20.80 -19.99
C LEU C 829 19.18 -19.34 -19.88
N PHE C 830 19.69 -18.46 -20.74
CA PHE C 830 19.31 -17.03 -20.76
C PHE C 830 17.83 -16.93 -21.16
N VAL C 831 17.41 -17.67 -22.19
CA VAL C 831 16.00 -17.66 -22.65
C VAL C 831 15.11 -18.21 -21.54
N ASP C 832 15.54 -19.30 -20.89
CA ASP C 832 14.86 -19.93 -19.73
C ASP C 832 14.74 -18.90 -18.60
N ALA C 833 15.79 -18.13 -18.34
CA ALA C 833 15.81 -17.11 -17.26
C ALA C 833 14.76 -16.03 -17.55
N ILE C 834 14.64 -15.58 -18.79
CA ILE C 834 13.69 -14.51 -19.21
C ILE C 834 12.27 -15.01 -18.95
N CYS C 835 11.92 -16.19 -19.47
CA CYS C 835 10.57 -16.81 -19.32
C CYS C 835 10.26 -17.04 -17.83
N TRP C 836 11.26 -17.47 -17.07
CA TRP C 836 11.17 -17.62 -15.60
C TRP C 836 10.73 -16.29 -14.97
N ALA C 837 11.29 -15.17 -15.43
CA ALA C 837 10.94 -13.82 -14.93
C ALA C 837 9.47 -13.54 -15.21
N PHE C 838 8.97 -13.97 -16.37
CA PHE C 838 7.56 -13.74 -16.81
C PHE C 838 6.58 -14.35 -15.81
N LYS C 839 6.90 -15.54 -15.29
CA LYS C 839 5.99 -16.27 -14.36
C LYS C 839 5.95 -15.62 -12.97
N HIS C 840 6.86 -14.70 -12.67
CA HIS C 840 6.91 -14.10 -11.32
C HIS C 840 5.69 -13.20 -11.13
N ASN C 841 5.21 -13.15 -9.89
CA ASN C 841 4.09 -12.30 -9.40
C ASN C 841 4.69 -11.02 -8.82
N ASN C 842 5.89 -11.10 -8.25
CA ASN C 842 6.69 -9.92 -7.86
C ASN C 842 6.84 -9.03 -9.10
N ARG C 843 6.33 -7.79 -9.03
CA ARG C 843 6.15 -6.91 -10.21
C ARG C 843 7.52 -6.36 -10.68
N ASP C 844 8.54 -6.35 -9.82
CA ASP C 844 9.89 -5.87 -10.22
C ASP C 844 10.42 -6.83 -11.30
N VAL C 845 10.43 -8.13 -10.99
CA VAL C 845 11.07 -9.20 -11.82
C VAL C 845 10.28 -9.38 -13.13
N GLU C 846 8.96 -9.52 -13.02
CA GLU C 846 8.02 -9.78 -14.16
C GLU C 846 8.24 -8.70 -15.23
N VAL C 847 8.33 -7.45 -14.81
CA VAL C 847 8.36 -6.26 -15.72
C VAL C 847 9.73 -6.22 -16.41
N ASN C 848 10.82 -6.43 -15.65
CA ASN C 848 12.19 -6.57 -16.22
C ASN C 848 12.20 -7.76 -17.18
N GLY C 849 11.61 -8.89 -16.78
CA GLY C 849 11.50 -10.11 -17.59
C GLY C 849 10.93 -9.80 -18.95
N LEU C 850 9.81 -9.10 -18.99
CA LEU C 850 9.11 -8.77 -20.26
C LEU C 850 9.90 -7.73 -21.07
N GLN C 851 10.52 -6.76 -20.41
CA GLN C 851 11.37 -5.74 -21.06
C GLN C 851 12.59 -6.41 -21.70
N ILE C 852 13.25 -7.36 -21.00
CA ILE C 852 14.42 -8.09 -21.57
C ILE C 852 13.95 -8.80 -22.86
N ALA C 853 12.80 -9.47 -22.82
CA ALA C 853 12.25 -10.21 -23.98
C ALA C 853 12.06 -9.26 -25.18
N LEU C 854 11.43 -8.10 -24.97
CA LEU C 854 11.24 -7.02 -25.98
C LEU C 854 12.58 -6.64 -26.58
N ASP C 855 13.50 -6.20 -25.72
CA ASP C 855 14.87 -5.70 -26.06
C ASP C 855 15.64 -6.78 -26.82
N LEU C 856 15.54 -8.03 -26.38
CA LEU C 856 16.20 -9.18 -27.03
C LEU C 856 15.68 -9.35 -28.45
N VAL C 857 14.36 -9.30 -28.64
CA VAL C 857 13.75 -9.41 -29.99
C VAL C 857 14.28 -8.27 -30.85
N LYS C 858 14.28 -7.03 -30.34
CA LYS C 858 14.83 -5.84 -31.03
C LYS C 858 16.31 -6.10 -31.37
N ASN C 859 17.10 -6.64 -30.42
CA ASN C 859 18.54 -6.91 -30.63
C ASN C 859 18.73 -7.93 -31.75
N ILE C 860 17.85 -8.93 -31.84
CA ILE C 860 17.91 -9.97 -32.91
C ILE C 860 17.49 -9.36 -34.24
N GLU C 861 16.40 -8.60 -34.27
CA GLU C 861 15.91 -7.92 -35.50
C GLU C 861 17.06 -7.09 -36.09
N ARG C 862 17.77 -6.30 -35.27
CA ARG C 862 18.90 -5.41 -35.67
C ARG C 862 19.97 -6.18 -36.45
N MET C 863 20.17 -7.46 -36.17
CA MET C 863 21.24 -8.26 -36.80
C MET C 863 20.96 -8.51 -38.28
N GLY C 864 19.72 -8.27 -38.73
CA GLY C 864 19.33 -8.43 -40.15
C GLY C 864 19.31 -9.90 -40.51
N ASN C 865 19.37 -10.21 -41.80
CA ASN C 865 19.19 -11.59 -42.31
C ASN C 865 20.54 -12.33 -42.18
N VAL C 866 20.89 -12.81 -40.98
CA VAL C 866 22.16 -13.57 -40.75
C VAL C 866 21.85 -14.84 -39.94
N PRO C 867 22.75 -15.83 -39.94
CA PRO C 867 22.47 -17.15 -39.35
C PRO C 867 22.17 -17.20 -37.86
N PHE C 868 22.62 -16.23 -37.06
CA PHE C 868 22.39 -16.27 -35.60
C PHE C 868 20.93 -15.88 -35.32
N ALA C 869 20.45 -14.81 -35.98
CA ALA C 869 19.05 -14.33 -36.00
C ALA C 869 18.11 -15.46 -36.46
N ASN C 870 18.38 -16.05 -37.63
CA ASN C 870 17.57 -17.15 -38.20
C ASN C 870 17.50 -18.31 -37.18
N GLU C 871 18.61 -18.64 -36.52
CA GLU C 871 18.70 -19.81 -35.60
C GLU C 871 18.00 -19.46 -34.29
N PHE C 872 17.96 -18.17 -33.96
CA PHE C 872 17.25 -17.66 -32.76
C PHE C 872 15.74 -17.89 -32.92
N HIS C 873 15.19 -17.48 -34.07
CA HIS C 873 13.75 -17.60 -34.41
C HIS C 873 13.35 -19.09 -34.44
N LYS C 874 14.07 -19.89 -35.22
CA LYS C 874 13.84 -21.37 -35.33
C LYS C 874 13.81 -21.99 -33.94
N ASN C 875 14.66 -21.54 -33.01
CA ASN C 875 14.83 -22.19 -31.68
C ASN C 875 13.91 -21.57 -30.62
N TYR C 876 13.54 -20.30 -30.72
CA TYR C 876 12.95 -19.59 -29.56
C TYR C 876 11.65 -18.84 -29.87
N PHE C 877 11.26 -18.65 -31.14
CA PHE C 877 10.12 -17.76 -31.46
C PHE C 877 8.87 -18.33 -30.79
N PHE C 878 8.65 -19.62 -30.97
CA PHE C 878 7.45 -20.33 -30.44
C PHE C 878 7.54 -20.46 -28.92
N ILE C 879 8.74 -20.55 -28.36
CA ILE C 879 8.89 -20.56 -26.88
C ILE C 879 8.41 -19.21 -26.33
N PHE C 880 8.76 -18.08 -26.94
CA PHE C 880 8.34 -16.74 -26.45
C PHE C 880 6.83 -16.55 -26.67
N VAL C 881 6.29 -16.99 -27.81
CA VAL C 881 4.85 -16.81 -28.13
C VAL C 881 4.03 -17.60 -27.09
N SER C 882 4.38 -18.85 -26.80
CA SER C 882 3.58 -19.75 -25.92
C SER C 882 3.78 -19.34 -24.46
N GLU C 883 5.00 -18.95 -24.08
CA GLU C 883 5.26 -18.49 -22.69
C GLU C 883 4.46 -17.22 -22.43
N THR C 884 4.40 -16.30 -23.40
CA THR C 884 3.66 -15.03 -23.24
C THR C 884 2.16 -15.30 -23.14
N PHE C 885 1.61 -16.13 -24.04
CA PHE C 885 0.20 -16.57 -24.00
C PHE C 885 -0.13 -17.21 -22.65
N PHE C 886 0.77 -18.03 -22.12
CA PHE C 886 0.61 -18.70 -20.81
C PHE C 886 0.29 -17.67 -19.71
N VAL C 887 1.13 -16.65 -19.57
CA VAL C 887 1.02 -15.65 -18.48
C VAL C 887 -0.14 -14.68 -18.81
N LEU C 888 -0.49 -14.50 -20.08
CA LEU C 888 -1.69 -13.71 -20.49
C LEU C 888 -2.96 -14.38 -19.95
N THR C 889 -3.07 -15.71 -20.06
CA THR C 889 -4.36 -16.45 -19.95
C THR C 889 -4.53 -17.16 -18.59
N ASP C 890 -3.53 -17.22 -17.71
CA ASP C 890 -3.63 -18.13 -16.54
C ASP C 890 -4.19 -17.37 -15.33
N SER C 891 -4.50 -16.08 -15.47
CA SER C 891 -5.18 -15.26 -14.44
C SER C 891 -4.26 -15.02 -13.23
N ASP C 892 -2.99 -15.44 -13.28
CA ASP C 892 -2.07 -15.31 -12.12
C ASP C 892 -1.06 -14.18 -12.37
N HIS C 893 -1.16 -13.42 -13.47
CA HIS C 893 -0.14 -12.43 -13.91
C HIS C 893 -0.79 -11.21 -14.57
N LYS C 894 -1.85 -10.67 -13.95
CA LYS C 894 -2.68 -9.58 -14.52
C LYS C 894 -1.92 -8.25 -14.50
N SER C 895 -0.94 -8.09 -13.62
CA SER C 895 -0.16 -6.83 -13.47
C SER C 895 0.75 -6.64 -14.69
N GLY C 896 1.18 -7.75 -15.33
CA GLY C 896 2.03 -7.74 -16.54
C GLY C 896 1.26 -7.60 -17.85
N PHE C 897 -0.05 -7.37 -17.82
CA PHE C 897 -0.95 -7.48 -19.01
C PHE C 897 -0.40 -6.61 -20.16
N SER C 898 -0.19 -5.32 -19.89
CA SER C 898 0.30 -4.33 -20.89
C SER C 898 1.59 -4.78 -21.58
N LYS C 899 2.57 -5.27 -20.83
CA LYS C 899 3.87 -5.63 -21.45
C LYS C 899 3.78 -7.00 -22.10
N GLN C 900 2.97 -7.91 -21.56
CA GLN C 900 2.69 -9.20 -22.22
C GLN C 900 2.09 -8.92 -23.61
N ALA C 901 1.11 -8.01 -23.66
CA ALA C 901 0.40 -7.63 -24.91
C ALA C 901 1.40 -7.02 -25.92
N LEU C 902 2.27 -6.11 -25.44
CA LEU C 902 3.29 -5.43 -26.29
C LEU C 902 4.22 -6.50 -26.87
N LEU C 903 4.66 -7.44 -26.03
CA LEU C 903 5.59 -8.51 -26.50
C LEU C 903 4.88 -9.37 -27.53
N LEU C 904 3.64 -9.76 -27.26
CA LEU C 904 2.92 -10.67 -28.19
C LEU C 904 2.69 -9.94 -29.53
N MET C 905 2.33 -8.65 -29.47
CA MET C 905 2.13 -7.82 -30.68
C MET C 905 3.43 -7.79 -31.52
N LYS C 906 4.59 -7.59 -30.89
CA LYS C 906 5.89 -7.57 -31.60
C LYS C 906 6.10 -8.92 -32.29
N LEU C 907 5.87 -10.02 -31.57
CA LEU C 907 6.12 -11.38 -32.09
C LEU C 907 5.21 -11.66 -33.29
N ILE C 908 3.93 -11.31 -33.20
CA ILE C 908 2.95 -11.57 -34.31
C ILE C 908 3.26 -10.65 -35.50
N SER C 909 3.64 -9.39 -35.28
CA SER C 909 3.94 -8.40 -36.35
C SER C 909 5.18 -8.83 -37.15
N LEU C 910 6.16 -9.47 -36.51
CA LEU C 910 7.38 -10.01 -37.18
C LEU C 910 6.97 -10.96 -38.31
N VAL C 911 6.01 -11.84 -38.03
CA VAL C 911 5.54 -12.87 -39.01
C VAL C 911 4.59 -12.20 -40.01
N TYR C 912 3.69 -11.35 -39.56
CA TYR C 912 2.72 -10.65 -40.44
C TYR C 912 3.47 -9.79 -41.49
N ASP C 913 4.64 -9.23 -41.15
CA ASP C 913 5.46 -8.36 -42.05
C ASP C 913 6.41 -9.19 -42.91
N ASN C 914 6.47 -10.50 -42.69
CA ASN C 914 7.38 -11.43 -43.38
C ASN C 914 8.82 -11.04 -43.05
N LYS C 915 9.08 -10.59 -41.83
CA LYS C 915 10.39 -10.08 -41.40
C LYS C 915 11.21 -11.18 -40.72
N ILE C 916 10.85 -12.45 -40.94
CA ILE C 916 11.65 -13.64 -40.51
C ILE C 916 11.96 -14.44 -41.78
N SER C 917 13.25 -14.55 -42.12
CA SER C 917 13.76 -14.98 -43.44
C SER C 917 13.48 -16.46 -43.67
N VAL C 918 13.63 -17.28 -42.62
CA VAL C 918 13.57 -18.78 -42.74
C VAL C 918 12.20 -19.31 -42.28
N PRO C 919 11.75 -20.45 -42.83
CA PRO C 919 10.55 -21.12 -42.34
C PRO C 919 10.70 -21.47 -40.84
N LEU C 920 9.66 -21.25 -40.05
CA LEU C 920 9.65 -21.53 -38.58
C LEU C 920 9.30 -23.01 -38.33
N TYR C 921 8.74 -23.70 -39.33
CA TYR C 921 8.37 -25.13 -39.28
C TYR C 921 9.57 -25.95 -39.79
N GLN C 922 9.79 -27.15 -39.26
CA GLN C 922 10.84 -28.09 -39.76
C GLN C 922 10.24 -28.89 -40.93
N GLU C 923 11.03 -29.12 -41.98
CA GLU C 923 10.53 -29.54 -43.33
C GLU C 923 9.73 -30.85 -43.20
N ALA C 924 8.75 -31.01 -44.11
CA ALA C 924 7.79 -32.14 -44.22
C ALA C 924 6.79 -32.10 -43.07
N GLU C 925 6.59 -30.92 -42.45
CA GLU C 925 5.52 -30.68 -41.45
C GLU C 925 4.35 -29.95 -42.12
N VAL C 926 4.58 -29.37 -43.29
CA VAL C 926 3.60 -28.56 -44.07
C VAL C 926 4.16 -28.48 -45.50
N PRO C 927 3.37 -28.19 -46.56
CA PRO C 927 3.96 -27.91 -47.87
C PRO C 927 5.12 -26.90 -47.78
N GLN C 928 6.18 -27.12 -48.56
CA GLN C 928 7.47 -26.37 -48.43
C GLN C 928 7.28 -24.91 -48.84
N GLY C 929 6.24 -24.57 -49.62
CA GLY C 929 5.94 -23.18 -49.99
C GLY C 929 5.43 -22.35 -48.82
N THR C 930 4.91 -22.99 -47.77
CA THR C 930 3.97 -22.40 -46.76
C THR C 930 4.56 -21.18 -46.04
N SER C 931 3.83 -20.07 -46.05
CA SER C 931 4.22 -18.80 -45.41
C SER C 931 4.25 -19.00 -43.88
N ASN C 932 5.14 -18.29 -43.20
CA ASN C 932 5.22 -18.31 -41.71
C ASN C 932 3.89 -17.85 -41.11
N GLN C 933 3.15 -16.94 -41.78
CA GLN C 933 1.81 -16.43 -41.35
C GLN C 933 0.82 -17.60 -41.23
N VAL C 934 0.70 -18.39 -42.29
CA VAL C 934 -0.20 -19.58 -42.35
C VAL C 934 0.22 -20.57 -41.25
N TYR C 935 1.51 -20.78 -41.03
CA TYR C 935 1.96 -21.78 -40.03
C TYR C 935 1.75 -21.24 -38.59
N LEU C 936 1.98 -19.94 -38.35
CA LEU C 936 1.71 -19.29 -37.05
C LEU C 936 0.22 -19.46 -36.70
N SER C 937 -0.69 -19.16 -37.64
CA SER C 937 -2.16 -19.38 -37.55
C SER C 937 -2.44 -20.80 -37.03
N GLN C 938 -1.87 -21.77 -37.71
CA GLN C 938 -2.08 -23.22 -37.47
C GLN C 938 -1.55 -23.54 -36.07
N TYR C 939 -0.35 -23.08 -35.73
CA TYR C 939 0.33 -23.42 -34.46
C TYR C 939 -0.46 -22.83 -33.30
N LEU C 940 -0.93 -21.58 -33.44
CA LEU C 940 -1.70 -20.91 -32.35
C LEU C 940 -3.08 -21.57 -32.22
N ALA C 941 -3.74 -21.88 -33.33
CA ALA C 941 -5.08 -22.50 -33.30
C ALA C 941 -4.96 -23.82 -32.49
N ASN C 942 -3.94 -24.63 -32.80
N ASN C 942 -3.94 -24.63 -32.80
CA ASN C 942 -3.67 -25.93 -32.14
CA ASN C 942 -3.67 -25.93 -32.14
C ASN C 942 -3.33 -25.71 -30.66
C ASN C 942 -3.33 -25.71 -30.67
N MET C 943 -2.44 -24.75 -30.38
CA MET C 943 -2.04 -24.45 -28.99
C MET C 943 -3.27 -24.01 -28.18
N LEU C 944 -4.11 -23.13 -28.72
CA LEU C 944 -5.25 -22.59 -27.93
C LEU C 944 -6.31 -23.68 -27.76
N SER C 945 -6.53 -24.47 -28.79
CA SER C 945 -7.50 -25.59 -28.78
C SER C 945 -7.14 -26.59 -27.67
N ASN C 946 -5.85 -26.91 -27.49
CA ASN C 946 -5.42 -27.92 -26.49
C ASN C 946 -5.49 -27.30 -25.10
N ALA C 947 -5.17 -26.01 -24.96
CA ALA C 947 -5.16 -25.33 -23.65
C ALA C 947 -6.60 -25.00 -23.23
N PHE C 948 -7.52 -24.79 -24.17
CA PHE C 948 -8.92 -24.32 -23.92
C PHE C 948 -9.87 -25.17 -24.76
N PRO C 949 -10.03 -26.48 -24.47
CA PRO C 949 -10.74 -27.40 -25.36
C PRO C 949 -12.24 -27.10 -25.47
N HIS C 950 -12.80 -26.33 -24.54
CA HIS C 950 -14.22 -25.91 -24.53
C HIS C 950 -14.50 -24.79 -25.54
N LEU C 951 -13.47 -24.10 -26.07
CA LEU C 951 -13.68 -23.11 -27.15
C LEU C 951 -14.04 -23.87 -28.43
N THR C 952 -14.86 -23.29 -29.30
CA THR C 952 -15.03 -23.80 -30.68
C THR C 952 -13.82 -23.37 -31.53
N SER C 953 -13.61 -24.09 -32.62
CA SER C 953 -12.65 -23.78 -33.72
C SER C 953 -12.95 -22.38 -34.26
N GLU C 954 -14.23 -22.05 -34.38
CA GLU C 954 -14.72 -20.74 -34.87
C GLU C 954 -14.25 -19.64 -33.90
N GLN C 955 -14.41 -19.81 -32.58
CA GLN C 955 -13.99 -18.79 -31.58
C GLN C 955 -12.50 -18.52 -31.74
N ILE C 956 -11.69 -19.59 -31.79
CA ILE C 956 -10.21 -19.50 -31.88
C ILE C 956 -9.81 -18.84 -33.20
N ALA C 957 -10.39 -19.27 -34.32
CA ALA C 957 -10.04 -18.75 -35.65
C ALA C 957 -10.36 -17.24 -35.71
N SER C 958 -11.53 -16.81 -35.21
CA SER C 958 -11.97 -15.39 -35.21
C SER C 958 -11.04 -14.56 -34.34
N PHE C 959 -10.71 -15.08 -33.15
CA PHE C 959 -9.81 -14.42 -32.19
C PHE C 959 -8.46 -14.15 -32.87
N LEU C 960 -7.88 -15.17 -33.49
CA LEU C 960 -6.53 -15.11 -34.12
C LEU C 960 -6.58 -14.21 -35.36
N SER C 961 -7.67 -14.26 -36.13
CA SER C 961 -7.92 -13.38 -37.30
C SER C 961 -7.91 -11.91 -36.83
N ALA C 962 -8.65 -11.57 -35.78
CA ALA C 962 -8.67 -10.23 -35.16
C ALA C 962 -7.25 -9.85 -34.67
N LEU C 963 -6.59 -10.74 -33.93
CA LEU C 963 -5.27 -10.49 -33.33
C LEU C 963 -4.24 -10.10 -34.40
N THR C 964 -4.12 -10.87 -35.48
CA THR C 964 -3.10 -10.63 -36.54
C THR C 964 -3.42 -9.31 -37.28
N LYS C 965 -4.70 -8.98 -37.49
CA LYS C 965 -5.14 -7.75 -38.19
C LYS C 965 -4.84 -6.52 -37.33
N GLN C 966 -4.79 -6.68 -36.01
CA GLN C 966 -4.69 -5.58 -35.03
C GLN C 966 -3.28 -5.53 -34.47
N CYS C 967 -2.31 -6.20 -35.07
CA CYS C 967 -0.96 -6.33 -34.47
C CYS C 967 -0.10 -5.08 -34.74
N LYS C 968 -0.68 -4.00 -35.30
CA LYS C 968 -0.04 -2.66 -35.37
C LYS C 968 -0.80 -1.65 -34.50
N ASP C 969 -1.85 -2.05 -33.80
CA ASP C 969 -2.73 -1.12 -33.02
C ASP C 969 -2.90 -1.63 -31.58
N LEU C 970 -2.03 -1.21 -30.68
CA LEU C 970 -1.88 -1.79 -29.33
C LEU C 970 -3.19 -1.74 -28.55
N VAL C 971 -3.91 -0.62 -28.61
CA VAL C 971 -5.12 -0.45 -27.75
C VAL C 971 -6.21 -1.40 -28.24
N VAL C 972 -6.33 -1.61 -29.55
CA VAL C 972 -7.38 -2.48 -30.12
C VAL C 972 -6.99 -3.96 -29.84
N PHE C 973 -5.70 -4.26 -29.99
CA PHE C 973 -5.08 -5.60 -29.76
C PHE C 973 -5.34 -6.03 -28.32
N LYS C 974 -5.04 -5.14 -27.38
CA LYS C 974 -5.34 -5.34 -25.96
C LYS C 974 -6.84 -5.58 -25.77
N GLY C 975 -7.70 -4.82 -26.47
CA GLY C 975 -9.15 -5.05 -26.43
C GLY C 975 -9.48 -6.50 -26.79
N THR C 976 -8.88 -6.99 -27.87
CA THR C 976 -9.11 -8.36 -28.38
C THR C 976 -8.59 -9.40 -27.36
N LEU C 977 -7.41 -9.17 -26.78
CA LEU C 977 -6.86 -10.04 -25.70
C LEU C 977 -7.84 -10.10 -24.53
N ARG C 978 -8.39 -8.97 -24.06
CA ARG C 978 -9.33 -8.92 -22.93
C ARG C 978 -10.63 -9.65 -23.30
N ASP C 979 -11.10 -9.50 -24.54
CA ASP C 979 -12.27 -10.24 -25.05
C ASP C 979 -12.00 -11.74 -24.88
N PHE C 980 -10.82 -12.19 -25.25
CA PHE C 980 -10.42 -13.62 -25.20
C PHE C 980 -10.41 -14.12 -23.75
N LEU C 981 -9.89 -13.32 -22.83
CA LEU C 981 -9.84 -13.63 -21.38
C LEU C 981 -11.26 -13.74 -20.82
N VAL C 982 -12.23 -12.97 -21.31
CA VAL C 982 -13.65 -13.14 -20.92
C VAL C 982 -14.16 -14.46 -21.50
N GLN C 983 -13.93 -14.70 -22.79
CA GLN C 983 -14.56 -15.88 -23.44
C GLN C 983 -14.01 -17.20 -22.87
N ILE C 984 -12.74 -17.26 -22.46
CA ILE C 984 -12.17 -18.55 -21.95
C ILE C 984 -12.79 -18.92 -20.60
N LYS C 985 -13.53 -18.01 -19.96
CA LYS C 985 -14.13 -18.24 -18.62
C LYS C 985 -15.52 -18.85 -18.76
N GLU C 986 -16.04 -18.99 -19.97
CA GLU C 986 -17.44 -19.44 -20.19
C GLU C 986 -17.43 -20.37 -21.38
N VAL C 987 -18.56 -21.05 -21.61
CA VAL C 987 -18.84 -21.87 -22.81
C VAL C 987 -19.76 -21.09 -23.73
N GLY C 988 -19.51 -21.15 -25.05
CA GLY C 988 -20.42 -20.62 -26.09
C GLY C 988 -20.26 -19.13 -26.28
N GLY C 989 -19.08 -18.57 -26.03
CA GLY C 989 -18.73 -17.18 -26.40
C GLY C 989 -18.93 -16.96 -27.88
N ASP C 990 -19.55 -15.85 -28.23
CA ASP C 990 -19.89 -15.51 -29.63
C ASP C 990 -18.61 -15.19 -30.41
N PRO C 991 -18.29 -15.91 -31.49
CA PRO C 991 -17.10 -15.61 -32.27
C PRO C 991 -17.16 -14.23 -32.95
N THR C 992 -18.34 -13.67 -33.24
CA THR C 992 -18.48 -12.34 -33.91
C THR C 992 -18.00 -11.20 -32.99
N ASP C 993 -17.82 -11.46 -31.70
CA ASP C 993 -17.33 -10.46 -30.72
C ASP C 993 -15.96 -9.94 -31.15
N TYR C 994 -15.14 -10.74 -31.81
CA TYR C 994 -13.78 -10.33 -32.21
C TYR C 994 -13.80 -9.43 -33.47
N LEU C 995 -14.97 -9.14 -34.04
CA LEU C 995 -15.11 -8.14 -35.14
C LEU C 995 -15.39 -6.76 -34.53
N PHE C 996 -15.51 -6.61 -33.21
CA PHE C 996 -15.89 -5.32 -32.58
C PHE C 996 -15.01 -4.18 -33.13
N ALA C 997 -15.65 -3.05 -33.44
CA ALA C 997 -15.06 -1.73 -33.81
C ALA C 997 -15.87 -0.61 -33.14
N GLU C 998 -15.21 0.38 -32.51
CA GLU C 998 -15.85 1.43 -31.65
C GLU C 998 -16.74 2.41 -32.43
MG MG D . -5.09 -14.94 3.80
C1 GOL E . 8.05 2.99 8.66
O1 GOL E . 8.53 1.69 8.32
C2 GOL E . 6.62 3.23 8.20
O2 GOL E . 5.83 2.06 8.40
C3 GOL E . 5.99 4.41 8.91
O3 GOL E . 5.19 5.21 8.02
PG GTP F . -4.93 -14.47 0.64
O1G GTP F . -5.19 -15.34 1.82
O2G GTP F . -6.07 -13.59 0.31
O3G GTP F . -4.44 -15.23 -0.54
O3B GTP F . -3.73 -13.52 1.10
PB GTP F . -3.63 -12.48 2.29
O1B GTP F . -4.25 -11.20 1.90
O2B GTP F . -4.12 -13.18 3.50
O3A GTP F . -2.06 -12.24 2.47
PA GTP F . -1.06 -12.74 3.62
O1A GTP F . -1.60 -12.25 4.91
O2A GTP F . -0.87 -14.20 3.45
O5' GTP F . 0.29 -11.95 3.31
C5' GTP F . 0.95 -12.03 2.03
C4' GTP F . 2.39 -11.61 2.19
O4' GTP F . 2.44 -10.20 2.50
C3' GTP F . 3.19 -12.32 3.28
O3' GTP F . 4.49 -12.64 2.81
C2' GTP F . 3.30 -11.26 4.37
O2' GTP F . 4.40 -11.43 5.23
C1' GTP F . 3.37 -9.98 3.53
N9 GTP F . 2.96 -8.79 4.26
C8 GTP F . 1.80 -8.65 4.96
N7 GTP F . 1.67 -7.48 5.53
C5 GTP F . 2.82 -6.80 5.16
C6 GTP F . 3.23 -5.47 5.49
O6 GTP F . 2.64 -4.64 6.16
N1 GTP F . 4.47 -5.17 4.94
C2 GTP F . 5.22 -6.04 4.17
N2 GTP F . 6.38 -5.58 3.72
N3 GTP F . 4.84 -7.28 3.86
C4 GTP F . 3.63 -7.60 4.39
S DMS G . -16.43 7.46 14.82
O DMS G . -16.34 8.91 14.47
C1 DMS G . -15.17 7.20 16.05
C2 DMS G . -17.88 7.29 15.85
CL CL H . -16.49 27.45 -12.03
CL CL I . -15.53 -23.15 -18.23
S DMS J . -23.96 -28.63 -18.31
O DMS J . -25.02 -29.71 -18.19
C1 DMS J . -24.83 -27.10 -18.50
C2 DMS J . -23.30 -28.37 -16.68
C1 GOL K . -8.08 17.12 9.56
O1 GOL K . -9.15 16.65 10.38
C2 GOL K . -6.70 16.76 10.09
O2 GOL K . -6.31 15.47 9.62
C3 GOL K . -5.62 17.73 9.67
O3 GOL K . -4.70 17.95 10.74
C1 GOL L . -13.17 19.19 -4.97
O1 GOL L . -13.61 19.72 -6.20
C2 GOL L . -13.95 17.93 -4.67
O2 GOL L . -13.22 17.22 -3.68
C3 GOL L . -14.26 17.10 -5.91
O3 GOL L . -14.59 15.74 -5.60
C1 GOL M . -35.76 -27.31 -14.42
O1 GOL M . -36.16 -26.43 -13.37
C2 GOL M . -36.51 -27.08 -15.72
O2 GOL M . -37.92 -27.10 -15.47
C3 GOL M . -36.17 -28.11 -16.79
O3 GOL M . -36.93 -27.94 -17.99
C1 GOL N . -29.70 31.60 0.24
O1 GOL N . -30.61 31.44 -0.85
C2 GOL N . -29.04 30.28 0.62
O2 GOL N . -27.70 30.52 1.02
C3 GOL N . -29.71 29.52 1.75
O3 GOL N . -28.78 28.65 2.40
S DMS O . 13.85 -22.01 -15.08
O DMS O . 13.52 -22.83 -16.30
C1 DMS O . 13.80 -23.15 -13.72
C2 DMS O . 15.60 -21.67 -15.16
F35 M9R P . 18.63 28.58 14.98
C07 M9R P . 18.93 28.21 16.17
F33 M9R P . 18.04 27.42 16.63
F34 M9R P . 19.98 27.48 16.11
C05 M9R P . 19.10 29.36 17.08
C04 M9R P . 18.92 29.14 18.43
C03 M9R P . 19.08 30.18 19.32
C02 M9R P . 19.40 31.44 18.84
C06 M9R P . 19.40 30.62 16.60
C01 M9R P . 19.56 31.66 17.49
N08 M9R P . 19.87 32.94 17.06
C13 M9R P . 20.34 33.17 15.72
C12 M9R P . 19.73 34.50 15.32
N11 M9R P . 20.39 35.47 16.16
C10 M9R P . 20.68 35.14 17.54
C09 M9R P . 19.71 34.06 17.96
C14 M9R P . 20.79 36.70 15.61
C19 M9R P . 22.15 36.85 15.46
C18 M9R P . 22.68 38.01 14.93
C17 M9R P . 21.84 39.01 14.52
C20 M9R P . 22.42 40.26 13.93
O22 M9R P . 21.67 41.16 13.53
O21 M9R P . 23.65 40.35 13.80
C16 M9R P . 20.48 38.85 14.65
C15 M9R P . 19.92 37.70 15.19
N23 M9R P . 18.58 37.64 15.28
C24 M9R P . 17.82 37.91 16.35
O25 M9R P . 16.61 37.94 16.25
C26 M9R P . 18.40 38.14 17.72
C31 M9R P . 17.53 38.41 18.76
C30 M9R P . 18.02 38.60 20.05
C29 M9R P . 19.38 38.54 20.29
F32 M9R P . 19.87 38.74 21.51
C28 M9R P . 20.26 38.28 19.26
C27 M9R P . 19.75 38.08 17.99
#